data_1KXS
# 
_entry.id   1KXS 
# 
_audit_conform.dict_name       mmcif_pdbx.dic 
_audit_conform.dict_version    5.392 
_audit_conform.dict_location   http://mmcif.pdb.org/dictionaries/ascii/mmcif_pdbx.dic 
# 
loop_
_database_2.database_id 
_database_2.database_code 
_database_2.pdbx_database_accession 
_database_2.pdbx_DOI 
PDB   1KXS         pdb_00001kxs 10.2210/pdb1kxs/pdb 
RCSB  RCSB015447   ?            ?                   
WWPDB D_1000015447 ?            ?                   
# 
loop_
_pdbx_audit_revision_history.ordinal 
_pdbx_audit_revision_history.data_content_type 
_pdbx_audit_revision_history.major_revision 
_pdbx_audit_revision_history.minor_revision 
_pdbx_audit_revision_history.revision_date 
1 'Structure model' 1 0 2002-03-06 
2 'Structure model' 1 1 2008-04-27 
3 'Structure model' 1 2 2011-07-13 
4 'Structure model' 1 3 2022-02-23 
5 'Structure model' 1 4 2024-05-22 
# 
_pdbx_audit_revision_details.ordinal             1 
_pdbx_audit_revision_details.revision_ordinal    1 
_pdbx_audit_revision_details.data_content_type   'Structure model' 
_pdbx_audit_revision_details.provider            repository 
_pdbx_audit_revision_details.type                'Initial release' 
_pdbx_audit_revision_details.description         ? 
_pdbx_audit_revision_details.details             ? 
# 
loop_
_pdbx_audit_revision_group.ordinal 
_pdbx_audit_revision_group.revision_ordinal 
_pdbx_audit_revision_group.data_content_type 
_pdbx_audit_revision_group.group 
1 2 'Structure model' 'Version format compliance' 
2 3 'Structure model' 'Version format compliance' 
3 4 'Structure model' 'Data collection'           
4 4 'Structure model' 'Database references'       
5 4 'Structure model' 'Derived calculations'      
6 5 'Structure model' 'Data collection'           
# 
loop_
_pdbx_audit_revision_category.ordinal 
_pdbx_audit_revision_category.revision_ordinal 
_pdbx_audit_revision_category.data_content_type 
_pdbx_audit_revision_category.category 
1 4 'Structure model' database_2            
2 4 'Structure model' pdbx_nmr_software     
3 4 'Structure model' pdbx_nmr_spectrometer 
4 4 'Structure model' pdbx_struct_assembly  
5 4 'Structure model' pdbx_struct_oper_list 
6 4 'Structure model' struct_conn           
7 5 'Structure model' chem_comp_atom        
8 5 'Structure model' chem_comp_bond        
# 
loop_
_pdbx_audit_revision_item.ordinal 
_pdbx_audit_revision_item.revision_ordinal 
_pdbx_audit_revision_item.data_content_type 
_pdbx_audit_revision_item.item 
1 4 'Structure model' '_database_2.pdbx_DOI'                
2 4 'Structure model' '_database_2.pdbx_database_accession' 
3 4 'Structure model' '_pdbx_nmr_software.name'             
4 4 'Structure model' '_pdbx_nmr_spectrometer.model'        
5 4 'Structure model' '_struct_conn.pdbx_leaving_atom_flag' 
# 
_pdbx_database_status.status_code                     REL 
_pdbx_database_status.entry_id                        1KXS 
_pdbx_database_status.recvd_initial_deposition_date   2002-02-01 
_pdbx_database_status.deposit_site                    RCSB 
_pdbx_database_status.process_site                    RCSB 
_pdbx_database_status.SG_entry                        . 
_pdbx_database_status.pdb_format_compatible           Y 
_pdbx_database_status.status_code_mr                  ? 
_pdbx_database_status.status_code_sf                  ? 
_pdbx_database_status.status_code_cs                  ? 
_pdbx_database_status.status_code_nmr_data            ? 
_pdbx_database_status.methods_development_category    ? 
# 
loop_
_audit_author.name 
_audit_author.pdbx_ordinal 
'Boulard, Y.'      1 
'Fazakerley, G.V.' 2 
'Sowers, L.C.'     3 
# 
_citation.id                        primary 
_citation.title                     
;The solution structure of an oligonucleotide duplex containing a 2'-deoxyadenosine-3-(2-hydroxyethyl)- 2'-deoxyuridine base pair determined by NMR and molecular dynamics studies.
;
_citation.journal_abbrev            'Nucleic Acids Res.' 
_citation.journal_volume            30 
_citation.page_first                1371 
_citation.page_last                 1378 
_citation.year                      2002 
_citation.journal_id_ASTM           NARHAD 
_citation.country                   UK 
_citation.journal_id_ISSN           0305-1048 
_citation.journal_id_CSD            0389 
_citation.book_publisher            ? 
_citation.pdbx_database_id_PubMed   11884635 
_citation.pdbx_database_id_DOI      10.1093/nar/30.6.1371 
# 
loop_
_citation_author.citation_id 
_citation_author.name 
_citation_author.ordinal 
_citation_author.identifier_ORCID 
primary 'Boulard, Y.'      1 ? 
primary 'Fazakerley, G.V.' 2 ? 
primary 'Sowers, L.C.'     3 ? 
# 
loop_
_entity.id 
_entity.type 
_entity.src_method 
_entity.pdbx_description 
_entity.formula_weight 
_entity.pdbx_number_of_molecules 
_entity.pdbx_ec 
_entity.pdbx_mutation 
_entity.pdbx_fragment 
_entity.details 
1 polymer syn "5'-D(*GP*CP*AP*AP*GP*TP*CP*(HEU)P*AP*AP*AP*AP*CP*G)-3'" 4327.857 1 ? ? ? ? 
2 polymer syn "5'-D(*CP*GP*TP*TP*TP*TP*AP*GP*AP*CP*TP*TP*GP*C)-3'"     4261.775 1 ? ? ? ? 
# 
loop_
_entity_poly.entity_id 
_entity_poly.type 
_entity_poly.nstd_linkage 
_entity_poly.nstd_monomer 
_entity_poly.pdbx_seq_one_letter_code 
_entity_poly.pdbx_seq_one_letter_code_can 
_entity_poly.pdbx_strand_id 
_entity_poly.pdbx_target_identifier 
1 polydeoxyribonucleotide no yes '(DG)(DC)(DA)(DA)(DG)(DT)(DC)(HEU)(DA)(DA)(DA)(DA)(DC)(DG)' GCAAGTCUAAAACG A ? 
2 polydeoxyribonucleotide no no  '(DC)(DG)(DT)(DT)(DT)(DT)(DA)(DG)(DA)(DC)(DT)(DT)(DG)(DC)'  CGTTTTAGACTTGC B ? 
# 
loop_
_entity_poly_seq.entity_id 
_entity_poly_seq.num 
_entity_poly_seq.mon_id 
_entity_poly_seq.hetero 
1 1  DG  n 
1 2  DC  n 
1 3  DA  n 
1 4  DA  n 
1 5  DG  n 
1 6  DT  n 
1 7  DC  n 
1 8  HEU n 
1 9  DA  n 
1 10 DA  n 
1 11 DA  n 
1 12 DA  n 
1 13 DC  n 
1 14 DG  n 
2 1  DC  n 
2 2  DG  n 
2 3  DT  n 
2 4  DT  n 
2 5  DT  n 
2 6  DT  n 
2 7  DA  n 
2 8  DG  n 
2 9  DA  n 
2 10 DC  n 
2 11 DT  n 
2 12 DT  n 
2 13 DG  n 
2 14 DC  n 
# 
loop_
_chem_comp.id 
_chem_comp.type 
_chem_comp.mon_nstd_flag 
_chem_comp.name 
_chem_comp.pdbx_synonyms 
_chem_comp.formula 
_chem_comp.formula_weight 
DA  'DNA linking' y "2'-DEOXYADENOSINE-5'-MONOPHOSPHATE"                  ? 'C10 H14 N5 O6 P' 331.222 
DC  'DNA linking' y "2'-DEOXYCYTIDINE-5'-MONOPHOSPHATE"                   ? 'C9 H14 N3 O7 P'  307.197 
DG  'DNA linking' y "2'-DEOXYGUANOSINE-5'-MONOPHOSPHATE"                  ? 'C10 H14 N5 O7 P' 347.221 
DT  'DNA linking' y "THYMIDINE-5'-MONOPHOSPHATE"                          ? 'C10 H15 N2 O8 P' 322.208 
HEU 'DNA linking' n "3-(2-HYDROXYETHYL)-2'-DEOXYURIDINE-5'-MONOPHOSPHATE" ? 'C11 H17 N2 O9 P' 352.234 
# 
loop_
_pdbx_poly_seq_scheme.asym_id 
_pdbx_poly_seq_scheme.entity_id 
_pdbx_poly_seq_scheme.seq_id 
_pdbx_poly_seq_scheme.mon_id 
_pdbx_poly_seq_scheme.ndb_seq_num 
_pdbx_poly_seq_scheme.pdb_seq_num 
_pdbx_poly_seq_scheme.auth_seq_num 
_pdbx_poly_seq_scheme.pdb_mon_id 
_pdbx_poly_seq_scheme.auth_mon_id 
_pdbx_poly_seq_scheme.pdb_strand_id 
_pdbx_poly_seq_scheme.pdb_ins_code 
_pdbx_poly_seq_scheme.hetero 
A 1 1  DG  1  1  1  DG  G   A . n 
A 1 2  DC  2  2  2  DC  C   A . n 
A 1 3  DA  3  3  3  DA  A   A . n 
A 1 4  DA  4  4  4  DA  A   A . n 
A 1 5  DG  5  5  5  DG  G   A . n 
A 1 6  DT  6  6  6  DT  T   A . n 
A 1 7  DC  7  7  7  DC  C   A . n 
A 1 8  HEU 8  8  8  HEU HEU A . n 
A 1 9  DA  9  9  9  DA  A   A . n 
A 1 10 DA  10 10 10 DA  A   A . n 
A 1 11 DA  11 11 11 DA  A   A . n 
A 1 12 DA  12 12 12 DA  A   A . n 
A 1 13 DC  13 13 13 DC  C   A . n 
A 1 14 DG  14 14 14 DG  G   A . n 
B 2 1  DC  1  15 15 DC  C   B . n 
B 2 2  DG  2  16 16 DG  G   B . n 
B 2 3  DT  3  17 17 DT  T   B . n 
B 2 4  DT  4  18 18 DT  T   B . n 
B 2 5  DT  5  19 19 DT  T   B . n 
B 2 6  DT  6  20 20 DT  T   B . n 
B 2 7  DA  7  21 21 DA  A   B . n 
B 2 8  DG  8  22 22 DG  G   B . n 
B 2 9  DA  9  23 23 DA  A   B . n 
B 2 10 DC  10 24 24 DC  C   B . n 
B 2 11 DT  11 25 25 DT  T   B . n 
B 2 12 DT  12 26 26 DT  T   B . n 
B 2 13 DG  13 27 27 DG  G   B . n 
B 2 14 DC  14 28 28 DC  C   B . n 
# 
_cell.entry_id           1KXS 
_cell.length_a           1.000 
_cell.length_b           1.000 
_cell.length_c           1.000 
_cell.angle_alpha        90.00 
_cell.angle_beta         90.00 
_cell.angle_gamma        90.00 
_cell.Z_PDB              1 
_cell.pdbx_unique_axis   ? 
# 
_symmetry.entry_id                         1KXS 
_symmetry.space_group_name_H-M             'P 1' 
_symmetry.pdbx_full_space_group_name_H-M   ? 
_symmetry.cell_setting                     ? 
_symmetry.Int_Tables_number                1 
# 
_exptl.entry_id          1KXS 
_exptl.method            'SOLUTION NMR' 
_exptl.crystals_number   ? 
# 
_exptl_crystal.id                    1 
_exptl_crystal.density_meas          ? 
_exptl_crystal.density_percent_sol   ? 
_exptl_crystal.density_Matthews      ? 
_exptl_crystal.description           ? 
# 
_diffrn.id                     1 
_diffrn.ambient_temp           ? 
_diffrn.ambient_temp_details   ? 
_diffrn.crystal_id             1 
# 
_diffrn_radiation.diffrn_id                        1 
_diffrn_radiation.wavelength_id                    1 
_diffrn_radiation.monochromator                    ? 
_diffrn_radiation.pdbx_monochromatic_or_laue_m_l   M 
_diffrn_radiation.pdbx_diffrn_protocol             'SINGLE WAVELENGTH' 
_diffrn_radiation.pdbx_scattering_type             ? 
# 
_diffrn_radiation_wavelength.id           1 
_diffrn_radiation_wavelength.wavelength   . 
_diffrn_radiation_wavelength.wt           1.0 
# 
_struct.entry_id                  1KXS 
_struct.title                     
;NMR STUDY OF B-DNA CONTAINING A MODIFIED BASE PAIR: THE 2'-DEOXYADENOSINE 3-(2-HYDROXYETHYL-2'-DEOXYURIDINE)
;
_struct.pdbx_model_details        ? 
_struct.pdbx_CASP_flag            ? 
_struct.pdbx_model_type_details   ? 
# 
_struct_keywords.entry_id        1KXS 
_struct_keywords.pdbx_keywords   DNA 
_struct_keywords.text            'MODIFIED BASE, MUTAGENESIS, DEOXYRIBONUCLEIC ACID, DNA' 
# 
loop_
_struct_asym.id 
_struct_asym.pdbx_blank_PDB_chainid_flag 
_struct_asym.pdbx_modified 
_struct_asym.entity_id 
_struct_asym.details 
A N N 1 ? 
B N N 2 ? 
# 
loop_
_struct_ref.id 
_struct_ref.entity_id 
_struct_ref.db_name 
_struct_ref.db_code 
_struct_ref.pdbx_db_accession 
_struct_ref.pdbx_db_isoform 
_struct_ref.pdbx_seq_one_letter_code 
_struct_ref.pdbx_align_begin 
1 1 PDB 1KXS 1KXS ? ? ? 
2 2 PDB 1KXS 1KXS ? ? ? 
# 
loop_
_struct_ref_seq.align_id 
_struct_ref_seq.ref_id 
_struct_ref_seq.pdbx_PDB_id_code 
_struct_ref_seq.pdbx_strand_id 
_struct_ref_seq.seq_align_beg 
_struct_ref_seq.pdbx_seq_align_beg_ins_code 
_struct_ref_seq.seq_align_end 
_struct_ref_seq.pdbx_seq_align_end_ins_code 
_struct_ref_seq.pdbx_db_accession 
_struct_ref_seq.db_align_beg 
_struct_ref_seq.pdbx_db_align_beg_ins_code 
_struct_ref_seq.db_align_end 
_struct_ref_seq.pdbx_db_align_end_ins_code 
_struct_ref_seq.pdbx_auth_seq_align_beg 
_struct_ref_seq.pdbx_auth_seq_align_end 
1 1 1KXS A 1 ? 14 ? 1KXS 1  ? 14 ? 1  14 
2 2 1KXS B 1 ? 14 ? 1KXS 15 ? 28 ? 15 28 
# 
_pdbx_struct_assembly.id                   1 
_pdbx_struct_assembly.details              author_defined_assembly 
_pdbx_struct_assembly.method_details       ? 
_pdbx_struct_assembly.oligomeric_details   dimeric 
_pdbx_struct_assembly.oligomeric_count     2 
# 
_pdbx_struct_assembly_gen.assembly_id       1 
_pdbx_struct_assembly_gen.oper_expression   1 
_pdbx_struct_assembly_gen.asym_id_list      A,B 
# 
_pdbx_struct_oper_list.id                   1 
_pdbx_struct_oper_list.type                 'identity operation' 
_pdbx_struct_oper_list.name                 1_555 
_pdbx_struct_oper_list.symmetry_operation   x,y,z 
_pdbx_struct_oper_list.matrix[1][1]         1.0000000000 
_pdbx_struct_oper_list.matrix[1][2]         0.0000000000 
_pdbx_struct_oper_list.matrix[1][3]         0.0000000000 
_pdbx_struct_oper_list.vector[1]            0.0000000000 
_pdbx_struct_oper_list.matrix[2][1]         0.0000000000 
_pdbx_struct_oper_list.matrix[2][2]         1.0000000000 
_pdbx_struct_oper_list.matrix[2][3]         0.0000000000 
_pdbx_struct_oper_list.vector[2]            0.0000000000 
_pdbx_struct_oper_list.matrix[3][1]         0.0000000000 
_pdbx_struct_oper_list.matrix[3][2]         0.0000000000 
_pdbx_struct_oper_list.matrix[3][3]         1.0000000000 
_pdbx_struct_oper_list.vector[3]            0.0000000000 
# 
_struct_biol.id                    1 
_struct_biol.pdbx_parent_biol_id   ? 
_struct_biol.details               ? 
# 
loop_
_struct_conn.id 
_struct_conn.conn_type_id 
_struct_conn.pdbx_leaving_atom_flag 
_struct_conn.pdbx_PDB_id 
_struct_conn.ptnr1_label_asym_id 
_struct_conn.ptnr1_label_comp_id 
_struct_conn.ptnr1_label_seq_id 
_struct_conn.ptnr1_label_atom_id 
_struct_conn.pdbx_ptnr1_label_alt_id 
_struct_conn.pdbx_ptnr1_PDB_ins_code 
_struct_conn.pdbx_ptnr1_standard_comp_id 
_struct_conn.ptnr1_symmetry 
_struct_conn.ptnr2_label_asym_id 
_struct_conn.ptnr2_label_comp_id 
_struct_conn.ptnr2_label_seq_id 
_struct_conn.ptnr2_label_atom_id 
_struct_conn.pdbx_ptnr2_label_alt_id 
_struct_conn.pdbx_ptnr2_PDB_ins_code 
_struct_conn.ptnr1_auth_asym_id 
_struct_conn.ptnr1_auth_comp_id 
_struct_conn.ptnr1_auth_seq_id 
_struct_conn.ptnr2_auth_asym_id 
_struct_conn.ptnr2_auth_comp_id 
_struct_conn.ptnr2_auth_seq_id 
_struct_conn.ptnr2_symmetry 
_struct_conn.pdbx_ptnr3_label_atom_id 
_struct_conn.pdbx_ptnr3_label_seq_id 
_struct_conn.pdbx_ptnr3_label_comp_id 
_struct_conn.pdbx_ptnr3_label_asym_id 
_struct_conn.pdbx_ptnr3_label_alt_id 
_struct_conn.pdbx_ptnr3_PDB_ins_code 
_struct_conn.details 
_struct_conn.pdbx_dist_value 
_struct_conn.pdbx_value_order 
_struct_conn.pdbx_role 
covale1  covale both ? A DC  7  "O3'" ? ? ? 1_555 A HEU 8  P  ? ? A DC  7  A HEU 8  1_555 ? ? ? ? ? ? ?               1.623 ? ? 
covale2  covale both ? A HEU 8  "O3'" ? ? ? 1_555 A DA  9  P  ? ? A HEU 8  A DA  9  1_555 ? ? ? ? ? ? ?               1.618 ? ? 
hydrog1  hydrog ?    ? A DG  1  N1    ? ? ? 1_555 B DC  14 N3 ? ? A DG  1  B DC  28 1_555 ? ? ? ? ? ? WATSON-CRICK    ?     ? ? 
hydrog2  hydrog ?    ? A DG  1  N2    ? ? ? 1_555 B DC  14 O2 ? ? A DG  1  B DC  28 1_555 ? ? ? ? ? ? WATSON-CRICK    ?     ? ? 
hydrog3  hydrog ?    ? A DG  1  O6    ? ? ? 1_555 B DC  14 N4 ? ? A DG  1  B DC  28 1_555 ? ? ? ? ? ? WATSON-CRICK    ?     ? ? 
hydrog4  hydrog ?    ? A DC  2  N4    ? ? ? 1_555 B DT  12 O4 ? ? A DC  2  B DT  26 1_555 ? ? ? ? ? ? 'DC-DT MISPAIR' ?     ? ? 
hydrog5  hydrog ?    ? A DC  2  N3    ? ? ? 1_555 B DG  13 N1 ? ? A DC  2  B DG  27 1_555 ? ? ? ? ? ? WATSON-CRICK    ?     ? ? 
hydrog6  hydrog ?    ? A DC  2  N4    ? ? ? 1_555 B DG  13 O6 ? ? A DC  2  B DG  27 1_555 ? ? ? ? ? ? WATSON-CRICK    ?     ? ? 
hydrog7  hydrog ?    ? A DC  2  O2    ? ? ? 1_555 B DG  13 N2 ? ? A DC  2  B DG  27 1_555 ? ? ? ? ? ? WATSON-CRICK    ?     ? ? 
hydrog8  hydrog ?    ? A DA  3  N6    ? ? ? 1_555 B DT  11 O4 ? ? A DA  3  B DT  25 1_555 ? ? ? ? ? ? 'DA-DT PAIR'    ?     ? ? 
hydrog9  hydrog ?    ? A DA  3  N1    ? ? ? 1_555 B DT  12 N3 ? ? A DA  3  B DT  26 1_555 ? ? ? ? ? ? WATSON-CRICK    ?     ? ? 
hydrog10 hydrog ?    ? A DA  3  N6    ? ? ? 1_555 B DT  12 O4 ? ? A DA  3  B DT  26 1_555 ? ? ? ? ? ? WATSON-CRICK    ?     ? ? 
hydrog11 hydrog ?    ? A DA  4  N1    ? ? ? 1_555 B DT  11 N3 ? ? A DA  4  B DT  25 1_555 ? ? ? ? ? ? WATSON-CRICK    ?     ? ? 
hydrog12 hydrog ?    ? A DA  4  N6    ? ? ? 1_555 B DT  11 O4 ? ? A DA  4  B DT  25 1_555 ? ? ? ? ? ? WATSON-CRICK    ?     ? ? 
hydrog13 hydrog ?    ? A DG  5  N1    ? ? ? 1_555 B DC  10 N3 ? ? A DG  5  B DC  24 1_555 ? ? ? ? ? ? WATSON-CRICK    ?     ? ? 
hydrog14 hydrog ?    ? A DG  5  N2    ? ? ? 1_555 B DC  10 O2 ? ? A DG  5  B DC  24 1_555 ? ? ? ? ? ? WATSON-CRICK    ?     ? ? 
hydrog15 hydrog ?    ? A DG  5  O6    ? ? ? 1_555 B DC  10 N4 ? ? A DG  5  B DC  24 1_555 ? ? ? ? ? ? WATSON-CRICK    ?     ? ? 
hydrog16 hydrog ?    ? A DT  6  N3    ? ? ? 1_555 B DA  9  N1 ? ? A DT  6  B DA  23 1_555 ? ? ? ? ? ? WATSON-CRICK    ?     ? ? 
hydrog17 hydrog ?    ? A DT  6  O4    ? ? ? 1_555 B DA  9  N6 ? ? A DT  6  B DA  23 1_555 ? ? ? ? ? ? WATSON-CRICK    ?     ? ? 
hydrog18 hydrog ?    ? A DC  7  N3    ? ? ? 1_555 B DG  8  N1 ? ? A DC  7  B DG  22 1_555 ? ? ? ? ? ? WATSON-CRICK    ?     ? ? 
hydrog19 hydrog ?    ? A DC  7  N4    ? ? ? 1_555 B DG  8  O6 ? ? A DC  7  B DG  22 1_555 ? ? ? ? ? ? WATSON-CRICK    ?     ? ? 
hydrog20 hydrog ?    ? A DC  7  O2    ? ? ? 1_555 B DG  8  N2 ? ? A DC  7  B DG  22 1_555 ? ? ? ? ? ? WATSON-CRICK    ?     ? ? 
hydrog21 hydrog ?    ? A DA  9  N6    ? ? ? 1_555 B DT  5  O4 ? ? A DA  9  B DT  19 1_555 ? ? ? ? ? ? 'DA-DT PAIR'    ?     ? ? 
hydrog22 hydrog ?    ? A DA  9  N1    ? ? ? 1_555 B DT  6  N3 ? ? A DA  9  B DT  20 1_555 ? ? ? ? ? ? WATSON-CRICK    ?     ? ? 
hydrog23 hydrog ?    ? A DA  9  N6    ? ? ? 1_555 B DT  6  O4 ? ? A DA  9  B DT  20 1_555 ? ? ? ? ? ? WATSON-CRICK    ?     ? ? 
hydrog24 hydrog ?    ? A DA  10 N6    ? ? ? 1_555 B DT  4  O4 ? ? A DA  10 B DT  18 1_555 ? ? ? ? ? ? 'DA-DT PAIR'    ?     ? ? 
hydrog25 hydrog ?    ? A DA  10 N1    ? ? ? 1_555 B DT  5  N3 ? ? A DA  10 B DT  19 1_555 ? ? ? ? ? ? WATSON-CRICK    ?     ? ? 
hydrog26 hydrog ?    ? A DA  10 N6    ? ? ? 1_555 B DT  5  O4 ? ? A DA  10 B DT  19 1_555 ? ? ? ? ? ? WATSON-CRICK    ?     ? ? 
hydrog27 hydrog ?    ? A DA  11 N6    ? ? ? 1_555 B DT  3  O4 ? ? A DA  11 B DT  17 1_555 ? ? ? ? ? ? 'DA-DT PAIR'    ?     ? ? 
hydrog28 hydrog ?    ? A DA  11 N1    ? ? ? 1_555 B DT  4  N3 ? ? A DA  11 B DT  18 1_555 ? ? ? ? ? ? WATSON-CRICK    ?     ? ? 
hydrog29 hydrog ?    ? A DA  11 N6    ? ? ? 1_555 B DT  4  O4 ? ? A DA  11 B DT  18 1_555 ? ? ? ? ? ? WATSON-CRICK    ?     ? ? 
hydrog30 hydrog ?    ? A DA  12 N1    ? ? ? 1_555 B DT  3  N3 ? ? A DA  12 B DT  17 1_555 ? ? ? ? ? ? WATSON-CRICK    ?     ? ? 
hydrog31 hydrog ?    ? A DA  12 N6    ? ? ? 1_555 B DT  3  O4 ? ? A DA  12 B DT  17 1_555 ? ? ? ? ? ? WATSON-CRICK    ?     ? ? 
hydrog32 hydrog ?    ? A DC  13 N3    ? ? ? 1_555 B DG  2  N1 ? ? A DC  13 B DG  16 1_555 ? ? ? ? ? ? WATSON-CRICK    ?     ? ? 
hydrog33 hydrog ?    ? A DC  13 N4    ? ? ? 1_555 B DG  2  O6 ? ? A DC  13 B DG  16 1_555 ? ? ? ? ? ? WATSON-CRICK    ?     ? ? 
hydrog34 hydrog ?    ? A DC  13 O2    ? ? ? 1_555 B DG  2  N2 ? ? A DC  13 B DG  16 1_555 ? ? ? ? ? ? WATSON-CRICK    ?     ? ? 
hydrog35 hydrog ?    ? A DG  14 N1    ? ? ? 1_555 B DC  1  N3 ? ? A DG  14 B DC  15 1_555 ? ? ? ? ? ? WATSON-CRICK    ?     ? ? 
hydrog36 hydrog ?    ? A DG  14 N2    ? ? ? 1_555 B DC  1  O2 ? ? A DG  14 B DC  15 1_555 ? ? ? ? ? ? WATSON-CRICK    ?     ? ? 
hydrog37 hydrog ?    ? A DG  14 O6    ? ? ? 1_555 B DC  1  N4 ? ? A DG  14 B DC  15 1_555 ? ? ? ? ? ? WATSON-CRICK    ?     ? ? 
# 
loop_
_struct_conn_type.id 
_struct_conn_type.criteria 
_struct_conn_type.reference 
covale ? ? 
hydrog ? ? 
# 
loop_
_pdbx_validate_rmsd_angle.id 
_pdbx_validate_rmsd_angle.PDB_model_num 
_pdbx_validate_rmsd_angle.auth_atom_id_1 
_pdbx_validate_rmsd_angle.auth_asym_id_1 
_pdbx_validate_rmsd_angle.auth_comp_id_1 
_pdbx_validate_rmsd_angle.auth_seq_id_1 
_pdbx_validate_rmsd_angle.PDB_ins_code_1 
_pdbx_validate_rmsd_angle.label_alt_id_1 
_pdbx_validate_rmsd_angle.auth_atom_id_2 
_pdbx_validate_rmsd_angle.auth_asym_id_2 
_pdbx_validate_rmsd_angle.auth_comp_id_2 
_pdbx_validate_rmsd_angle.auth_seq_id_2 
_pdbx_validate_rmsd_angle.PDB_ins_code_2 
_pdbx_validate_rmsd_angle.label_alt_id_2 
_pdbx_validate_rmsd_angle.auth_atom_id_3 
_pdbx_validate_rmsd_angle.auth_asym_id_3 
_pdbx_validate_rmsd_angle.auth_comp_id_3 
_pdbx_validate_rmsd_angle.auth_seq_id_3 
_pdbx_validate_rmsd_angle.PDB_ins_code_3 
_pdbx_validate_rmsd_angle.label_alt_id_3 
_pdbx_validate_rmsd_angle.angle_value 
_pdbx_validate_rmsd_angle.angle_target_value 
_pdbx_validate_rmsd_angle.angle_deviation 
_pdbx_validate_rmsd_angle.angle_standard_deviation 
_pdbx_validate_rmsd_angle.linker_flag 
1  1 "O4'" B DC 15 ? ? "C1'" B DC 15 ? ? N1 B DC 15 ? ? 110.17 108.30 1.87  0.30 N 
2  1 "O4'" B DT 17 ? ? "C1'" B DT 17 ? ? N1 B DT 17 ? ? 110.42 108.30 2.12  0.30 N 
3  1 "O4'" B DT 18 ? ? "C1'" B DT 18 ? ? N1 B DT 18 ? ? 110.14 108.30 1.84  0.30 N 
4  1 "O4'" B DT 20 ? ? "C1'" B DT 20 ? ? N1 B DT 20 ? ? 110.96 108.30 2.66  0.30 N 
5  1 "O4'" B DA 21 ? ? "C1'" B DA 21 ? ? N9 B DA 21 ? ? 110.94 108.30 2.64  0.30 N 
6  1 "O4'" B DG 22 ? ? "C1'" B DG 22 ? ? N9 B DG 22 ? ? 110.65 108.30 2.35  0.30 N 
7  1 "O4'" B DT 25 ? ? "C1'" B DT 25 ? ? N1 B DT 25 ? ? 110.39 108.30 2.09  0.30 N 
8  1 "O4'" B DT 26 ? ? "C1'" B DT 26 ? ? N1 B DT 26 ? ? 110.50 108.30 2.20  0.30 N 
9  2 "O4'" B DC 15 ? ? "C1'" B DC 15 ? ? N1 B DC 15 ? ? 110.44 108.30 2.14  0.30 N 
10 2 "O4'" B DT 17 ? ? "C1'" B DT 17 ? ? N1 B DT 17 ? ? 110.18 108.30 1.88  0.30 N 
11 2 "O4'" B DT 20 ? ? "C1'" B DT 20 ? ? N1 B DT 20 ? ? 110.21 108.30 1.91  0.30 N 
12 2 C6    B DT 20 ? ? C5    B DT 20 ? ? C7 B DT 20 ? ? 119.26 122.90 -3.64 0.60 N 
13 2 "O4'" B DT 25 ? ? "C1'" B DT 25 ? ? N1 B DT 25 ? ? 110.38 108.30 2.08  0.30 N 
14 2 "O4'" B DT 26 ? ? "C1'" B DT 26 ? ? N1 B DT 26 ? ? 110.49 108.30 2.19  0.30 N 
15 2 "O4'" B DC 28 ? ? "C1'" B DC 28 ? ? N1 B DC 28 ? ? 110.15 108.30 1.85  0.30 N 
# 
loop_
_pdbx_validate_planes.id 
_pdbx_validate_planes.PDB_model_num 
_pdbx_validate_planes.auth_comp_id 
_pdbx_validate_planes.auth_asym_id 
_pdbx_validate_planes.auth_seq_id 
_pdbx_validate_planes.PDB_ins_code 
_pdbx_validate_planes.label_alt_id 
_pdbx_validate_planes.rmsd 
_pdbx_validate_planes.type 
1 1 DA B 21 ? ? 0.063 'SIDE CHAIN' 
2 1 DG B 27 ? ? 0.069 'SIDE CHAIN' 
3 2 DT A 6  ? ? 0.061 'SIDE CHAIN' 
4 2 DA B 23 ? ? 0.053 'SIDE CHAIN' 
5 2 DG B 27 ? ? 0.066 'SIDE CHAIN' 
# 
_pdbx_struct_mod_residue.id               1 
_pdbx_struct_mod_residue.label_asym_id    A 
_pdbx_struct_mod_residue.label_comp_id    HEU 
_pdbx_struct_mod_residue.label_seq_id     8 
_pdbx_struct_mod_residue.auth_asym_id     A 
_pdbx_struct_mod_residue.auth_comp_id     HEU 
_pdbx_struct_mod_residue.auth_seq_id      8 
_pdbx_struct_mod_residue.PDB_ins_code     ? 
_pdbx_struct_mod_residue.parent_comp_id   DU 
_pdbx_struct_mod_residue.details          ? 
# 
_pdbx_nmr_ensemble.entry_id                                      1KXS 
_pdbx_nmr_ensemble.conformers_calculated_total_number            256 
_pdbx_nmr_ensemble.conformers_submitted_total_number             2 
_pdbx_nmr_ensemble.conformer_selection_criteria                  'Fit with NMR constraints and energy' 
_pdbx_nmr_ensemble.average_constraints_per_residue               ? 
_pdbx_nmr_ensemble.average_constraint_violations_per_residue     ? 
_pdbx_nmr_ensemble.maximum_distance_constraint_violation         ? 
_pdbx_nmr_ensemble.average_distance_constraint_violation         ? 
_pdbx_nmr_ensemble.maximum_upper_distance_constraint_violation   ? 
_pdbx_nmr_ensemble.maximum_lower_distance_constraint_violation   ? 
_pdbx_nmr_ensemble.distance_constraint_violation_method          ? 
_pdbx_nmr_ensemble.maximum_torsion_angle_constraint_violation    ? 
_pdbx_nmr_ensemble.average_torsion_angle_constraint_violation    ? 
_pdbx_nmr_ensemble.torsion_angle_constraint_violation_method     ? 
# 
_pdbx_nmr_sample_details.solution_id      1 
_pdbx_nmr_sample_details.contents         '2 MM DNA, 10 MM PHOSPHATE BUFFER, 50 MM NACL, 0.5 MM' 
_pdbx_nmr_sample_details.solvent_system   ? 
# 
_pdbx_nmr_exptl_sample_conditions.conditions_id       1 
_pdbx_nmr_exptl_sample_conditions.temperature         293 
_pdbx_nmr_exptl_sample_conditions.pressure            AMBIENT 
_pdbx_nmr_exptl_sample_conditions.pH                  6.7 
_pdbx_nmr_exptl_sample_conditions.ionic_strength      '10 mM PHOSPHATE BUFFER, 5 NACL, 0.2 mM EDTA' 
_pdbx_nmr_exptl_sample_conditions.pressure_units      ? 
_pdbx_nmr_exptl_sample_conditions.temperature_units   K 
# 
loop_
_pdbx_nmr_exptl.experiment_id 
_pdbx_nmr_exptl.conditions_id 
_pdbx_nmr_exptl.type 
_pdbx_nmr_exptl.solution_id 
1 1 '2D NOESY'    1 
2 1 DQF-COSY      1 
3 1 TOCSY         1 
4 1 DQ            1 
5 1 'HSQC 1H-31P' 1 
# 
_pdbx_nmr_details.entry_id   1KXS 
_pdbx_nmr_details.text       
;THE STRUCTURES WERE DETERMINED USING PROTON NMR FOLLOWED BY DISTANCE RESTRAINED MOLECULAR DYNAMICS SIMULATIONS. THE BEST REPRESENTATIVE STRUCTURES ARE PRESENTED, MODELS 1 AND 2.
;
# 
_pdbx_nmr_refine.entry_id           1KXS 
_pdbx_nmr_refine.method             'RESTRAINED MOLECULAR DYNA SIMULATIONS' 
_pdbx_nmr_refine.details            ? 
_pdbx_nmr_refine.software_ordinal   1 
# 
loop_
_pdbx_nmr_software.classification 
_pdbx_nmr_software.name 
_pdbx_nmr_software.version 
_pdbx_nmr_software.authors 
_pdbx_nmr_software.ordinal 
'data analysis' XwinNMR          2.5 ?       1 
refinement      Amber            ?   KOLLMAN 2 
refinement      'MORCAD AND OCL' ?   LEBRET  3 
refinement      MOLMOL           2.6 KORADI  4 
# 
loop_
_chem_comp_atom.comp_id 
_chem_comp_atom.atom_id 
_chem_comp_atom.type_symbol 
_chem_comp_atom.pdbx_aromatic_flag 
_chem_comp_atom.pdbx_stereo_config 
_chem_comp_atom.pdbx_ordinal 
DA  OP3    O N N 1   
DA  P      P N N 2   
DA  OP1    O N N 3   
DA  OP2    O N N 4   
DA  "O5'"  O N N 5   
DA  "C5'"  C N N 6   
DA  "C4'"  C N R 7   
DA  "O4'"  O N N 8   
DA  "C3'"  C N S 9   
DA  "O3'"  O N N 10  
DA  "C2'"  C N N 11  
DA  "C1'"  C N R 12  
DA  N9     N Y N 13  
DA  C8     C Y N 14  
DA  N7     N Y N 15  
DA  C5     C Y N 16  
DA  C6     C Y N 17  
DA  N6     N N N 18  
DA  N1     N Y N 19  
DA  C2     C Y N 20  
DA  N3     N Y N 21  
DA  C4     C Y N 22  
DA  HOP3   H N N 23  
DA  HOP2   H N N 24  
DA  "H5'"  H N N 25  
DA  "H5''" H N N 26  
DA  "H4'"  H N N 27  
DA  "H3'"  H N N 28  
DA  "HO3'" H N N 29  
DA  "H2'"  H N N 30  
DA  "H2''" H N N 31  
DA  "H1'"  H N N 32  
DA  H8     H N N 33  
DA  H61    H N N 34  
DA  H62    H N N 35  
DA  H2     H N N 36  
DC  OP3    O N N 37  
DC  P      P N N 38  
DC  OP1    O N N 39  
DC  OP2    O N N 40  
DC  "O5'"  O N N 41  
DC  "C5'"  C N N 42  
DC  "C4'"  C N R 43  
DC  "O4'"  O N N 44  
DC  "C3'"  C N S 45  
DC  "O3'"  O N N 46  
DC  "C2'"  C N N 47  
DC  "C1'"  C N R 48  
DC  N1     N N N 49  
DC  C2     C N N 50  
DC  O2     O N N 51  
DC  N3     N N N 52  
DC  C4     C N N 53  
DC  N4     N N N 54  
DC  C5     C N N 55  
DC  C6     C N N 56  
DC  HOP3   H N N 57  
DC  HOP2   H N N 58  
DC  "H5'"  H N N 59  
DC  "H5''" H N N 60  
DC  "H4'"  H N N 61  
DC  "H3'"  H N N 62  
DC  "HO3'" H N N 63  
DC  "H2'"  H N N 64  
DC  "H2''" H N N 65  
DC  "H1'"  H N N 66  
DC  H41    H N N 67  
DC  H42    H N N 68  
DC  H5     H N N 69  
DC  H6     H N N 70  
DG  OP3    O N N 71  
DG  P      P N N 72  
DG  OP1    O N N 73  
DG  OP2    O N N 74  
DG  "O5'"  O N N 75  
DG  "C5'"  C N N 76  
DG  "C4'"  C N R 77  
DG  "O4'"  O N N 78  
DG  "C3'"  C N S 79  
DG  "O3'"  O N N 80  
DG  "C2'"  C N N 81  
DG  "C1'"  C N R 82  
DG  N9     N Y N 83  
DG  C8     C Y N 84  
DG  N7     N Y N 85  
DG  C5     C Y N 86  
DG  C6     C N N 87  
DG  O6     O N N 88  
DG  N1     N N N 89  
DG  C2     C N N 90  
DG  N2     N N N 91  
DG  N3     N N N 92  
DG  C4     C Y N 93  
DG  HOP3   H N N 94  
DG  HOP2   H N N 95  
DG  "H5'"  H N N 96  
DG  "H5''" H N N 97  
DG  "H4'"  H N N 98  
DG  "H3'"  H N N 99  
DG  "HO3'" H N N 100 
DG  "H2'"  H N N 101 
DG  "H2''" H N N 102 
DG  "H1'"  H N N 103 
DG  H8     H N N 104 
DG  H1     H N N 105 
DG  H21    H N N 106 
DG  H22    H N N 107 
DT  OP3    O N N 108 
DT  P      P N N 109 
DT  OP1    O N N 110 
DT  OP2    O N N 111 
DT  "O5'"  O N N 112 
DT  "C5'"  C N N 113 
DT  "C4'"  C N R 114 
DT  "O4'"  O N N 115 
DT  "C3'"  C N S 116 
DT  "O3'"  O N N 117 
DT  "C2'"  C N N 118 
DT  "C1'"  C N R 119 
DT  N1     N N N 120 
DT  C2     C N N 121 
DT  O2     O N N 122 
DT  N3     N N N 123 
DT  C4     C N N 124 
DT  O4     O N N 125 
DT  C5     C N N 126 
DT  C7     C N N 127 
DT  C6     C N N 128 
DT  HOP3   H N N 129 
DT  HOP2   H N N 130 
DT  "H5'"  H N N 131 
DT  "H5''" H N N 132 
DT  "H4'"  H N N 133 
DT  "H3'"  H N N 134 
DT  "HO3'" H N N 135 
DT  "H2'"  H N N 136 
DT  "H2''" H N N 137 
DT  "H1'"  H N N 138 
DT  H3     H N N 139 
DT  H71    H N N 140 
DT  H72    H N N 141 
DT  H73    H N N 142 
DT  H6     H N N 143 
HEU P      P N N 144 
HEU OP2    O N N 145 
HEU OP1    O N N 146 
HEU "O5'"  O N N 147 
HEU "C5'"  C N N 148 
HEU "C4'"  C N R 149 
HEU "O4'"  O N N 150 
HEU "C1'"  C N R 151 
HEU N1     N N N 152 
HEU C2     C N N 153 
HEU O2     O N N 154 
HEU N3     N N N 155 
HEU C7     C N N 156 
HEU C8     C N N 157 
HEU O9     O N N 158 
HEU C4     C N N 159 
HEU O4     O N N 160 
HEU C5     C N N 161 
HEU C6     C N N 162 
HEU "C3'"  C N S 163 
HEU "C2'"  C N N 164 
HEU "O3'"  O N N 165 
HEU OP3    O N N 166 
HEU HOP2   H N N 167 
HEU "H5'"  H N N 168 
HEU "H5''" H N N 169 
HEU "H4'"  H N N 170 
HEU "H1'"  H N N 171 
HEU H71    H N N 172 
HEU H72    H N N 173 
HEU H81    H N N 174 
HEU H82    H N N 175 
HEU H9     H N N 176 
HEU H5     H N N 177 
HEU H6     H N N 178 
HEU "H3'"  H N N 179 
HEU "H2'"  H N N 180 
HEU "H2''" H N N 181 
HEU "HO3'" H N N 182 
HEU HOP3   H N N 183 
# 
loop_
_chem_comp_bond.comp_id 
_chem_comp_bond.atom_id_1 
_chem_comp_bond.atom_id_2 
_chem_comp_bond.value_order 
_chem_comp_bond.pdbx_aromatic_flag 
_chem_comp_bond.pdbx_stereo_config 
_chem_comp_bond.pdbx_ordinal 
DA  OP3   P      sing N N 1   
DA  OP3   HOP3   sing N N 2   
DA  P     OP1    doub N N 3   
DA  P     OP2    sing N N 4   
DA  P     "O5'"  sing N N 5   
DA  OP2   HOP2   sing N N 6   
DA  "O5'" "C5'"  sing N N 7   
DA  "C5'" "C4'"  sing N N 8   
DA  "C5'" "H5'"  sing N N 9   
DA  "C5'" "H5''" sing N N 10  
DA  "C4'" "O4'"  sing N N 11  
DA  "C4'" "C3'"  sing N N 12  
DA  "C4'" "H4'"  sing N N 13  
DA  "O4'" "C1'"  sing N N 14  
DA  "C3'" "O3'"  sing N N 15  
DA  "C3'" "C2'"  sing N N 16  
DA  "C3'" "H3'"  sing N N 17  
DA  "O3'" "HO3'" sing N N 18  
DA  "C2'" "C1'"  sing N N 19  
DA  "C2'" "H2'"  sing N N 20  
DA  "C2'" "H2''" sing N N 21  
DA  "C1'" N9     sing N N 22  
DA  "C1'" "H1'"  sing N N 23  
DA  N9    C8     sing Y N 24  
DA  N9    C4     sing Y N 25  
DA  C8    N7     doub Y N 26  
DA  C8    H8     sing N N 27  
DA  N7    C5     sing Y N 28  
DA  C5    C6     sing Y N 29  
DA  C5    C4     doub Y N 30  
DA  C6    N6     sing N N 31  
DA  C6    N1     doub Y N 32  
DA  N6    H61    sing N N 33  
DA  N6    H62    sing N N 34  
DA  N1    C2     sing Y N 35  
DA  C2    N3     doub Y N 36  
DA  C2    H2     sing N N 37  
DA  N3    C4     sing Y N 38  
DC  OP3   P      sing N N 39  
DC  OP3   HOP3   sing N N 40  
DC  P     OP1    doub N N 41  
DC  P     OP2    sing N N 42  
DC  P     "O5'"  sing N N 43  
DC  OP2   HOP2   sing N N 44  
DC  "O5'" "C5'"  sing N N 45  
DC  "C5'" "C4'"  sing N N 46  
DC  "C5'" "H5'"  sing N N 47  
DC  "C5'" "H5''" sing N N 48  
DC  "C4'" "O4'"  sing N N 49  
DC  "C4'" "C3'"  sing N N 50  
DC  "C4'" "H4'"  sing N N 51  
DC  "O4'" "C1'"  sing N N 52  
DC  "C3'" "O3'"  sing N N 53  
DC  "C3'" "C2'"  sing N N 54  
DC  "C3'" "H3'"  sing N N 55  
DC  "O3'" "HO3'" sing N N 56  
DC  "C2'" "C1'"  sing N N 57  
DC  "C2'" "H2'"  sing N N 58  
DC  "C2'" "H2''" sing N N 59  
DC  "C1'" N1     sing N N 60  
DC  "C1'" "H1'"  sing N N 61  
DC  N1    C2     sing N N 62  
DC  N1    C6     sing N N 63  
DC  C2    O2     doub N N 64  
DC  C2    N3     sing N N 65  
DC  N3    C4     doub N N 66  
DC  C4    N4     sing N N 67  
DC  C4    C5     sing N N 68  
DC  N4    H41    sing N N 69  
DC  N4    H42    sing N N 70  
DC  C5    C6     doub N N 71  
DC  C5    H5     sing N N 72  
DC  C6    H6     sing N N 73  
DG  OP3   P      sing N N 74  
DG  OP3   HOP3   sing N N 75  
DG  P     OP1    doub N N 76  
DG  P     OP2    sing N N 77  
DG  P     "O5'"  sing N N 78  
DG  OP2   HOP2   sing N N 79  
DG  "O5'" "C5'"  sing N N 80  
DG  "C5'" "C4'"  sing N N 81  
DG  "C5'" "H5'"  sing N N 82  
DG  "C5'" "H5''" sing N N 83  
DG  "C4'" "O4'"  sing N N 84  
DG  "C4'" "C3'"  sing N N 85  
DG  "C4'" "H4'"  sing N N 86  
DG  "O4'" "C1'"  sing N N 87  
DG  "C3'" "O3'"  sing N N 88  
DG  "C3'" "C2'"  sing N N 89  
DG  "C3'" "H3'"  sing N N 90  
DG  "O3'" "HO3'" sing N N 91  
DG  "C2'" "C1'"  sing N N 92  
DG  "C2'" "H2'"  sing N N 93  
DG  "C2'" "H2''" sing N N 94  
DG  "C1'" N9     sing N N 95  
DG  "C1'" "H1'"  sing N N 96  
DG  N9    C8     sing Y N 97  
DG  N9    C4     sing Y N 98  
DG  C8    N7     doub Y N 99  
DG  C8    H8     sing N N 100 
DG  N7    C5     sing Y N 101 
DG  C5    C6     sing N N 102 
DG  C5    C4     doub Y N 103 
DG  C6    O6     doub N N 104 
DG  C6    N1     sing N N 105 
DG  N1    C2     sing N N 106 
DG  N1    H1     sing N N 107 
DG  C2    N2     sing N N 108 
DG  C2    N3     doub N N 109 
DG  N2    H21    sing N N 110 
DG  N2    H22    sing N N 111 
DG  N3    C4     sing N N 112 
DT  OP3   P      sing N N 113 
DT  OP3   HOP3   sing N N 114 
DT  P     OP1    doub N N 115 
DT  P     OP2    sing N N 116 
DT  P     "O5'"  sing N N 117 
DT  OP2   HOP2   sing N N 118 
DT  "O5'" "C5'"  sing N N 119 
DT  "C5'" "C4'"  sing N N 120 
DT  "C5'" "H5'"  sing N N 121 
DT  "C5'" "H5''" sing N N 122 
DT  "C4'" "O4'"  sing N N 123 
DT  "C4'" "C3'"  sing N N 124 
DT  "C4'" "H4'"  sing N N 125 
DT  "O4'" "C1'"  sing N N 126 
DT  "C3'" "O3'"  sing N N 127 
DT  "C3'" "C2'"  sing N N 128 
DT  "C3'" "H3'"  sing N N 129 
DT  "O3'" "HO3'" sing N N 130 
DT  "C2'" "C1'"  sing N N 131 
DT  "C2'" "H2'"  sing N N 132 
DT  "C2'" "H2''" sing N N 133 
DT  "C1'" N1     sing N N 134 
DT  "C1'" "H1'"  sing N N 135 
DT  N1    C2     sing N N 136 
DT  N1    C6     sing N N 137 
DT  C2    O2     doub N N 138 
DT  C2    N3     sing N N 139 
DT  N3    C4     sing N N 140 
DT  N3    H3     sing N N 141 
DT  C4    O4     doub N N 142 
DT  C4    C5     sing N N 143 
DT  C5    C7     sing N N 144 
DT  C5    C6     doub N N 145 
DT  C7    H71    sing N N 146 
DT  C7    H72    sing N N 147 
DT  C7    H73    sing N N 148 
DT  C6    H6     sing N N 149 
HEU P     OP2    sing N N 150 
HEU P     OP1    doub N N 151 
HEU P     "O5'"  sing N N 152 
HEU P     OP3    sing N N 153 
HEU OP2   HOP2   sing N N 154 
HEU "O5'" "C5'"  sing N N 155 
HEU "C5'" "C4'"  sing N N 156 
HEU "C5'" "H5'"  sing N N 157 
HEU "C5'" "H5''" sing N N 158 
HEU "C4'" "O4'"  sing N N 159 
HEU "C4'" "C3'"  sing N N 160 
HEU "C4'" "H4'"  sing N N 161 
HEU "O4'" "C1'"  sing N N 162 
HEU "C1'" N1     sing N N 163 
HEU "C1'" "C2'"  sing N N 164 
HEU "C1'" "H1'"  sing N N 165 
HEU N1    C2     sing N N 166 
HEU N1    C6     sing N N 167 
HEU C2    O2     doub N N 168 
HEU C2    N3     sing N N 169 
HEU N3    C7     sing N N 170 
HEU N3    C4     sing N N 171 
HEU C7    C8     sing N N 172 
HEU C7    H71    sing N N 173 
HEU C7    H72    sing N N 174 
HEU C8    O9     sing N N 175 
HEU C8    H81    sing N N 176 
HEU C8    H82    sing N N 177 
HEU O9    H9     sing N N 178 
HEU C4    O4     doub N N 179 
HEU C4    C5     sing N N 180 
HEU C5    C6     doub N N 181 
HEU C5    H5     sing N N 182 
HEU C6    H6     sing N N 183 
HEU "C3'" "C2'"  sing N N 184 
HEU "C3'" "O3'"  sing N N 185 
HEU "C3'" "H3'"  sing N N 186 
HEU "C2'" "H2'"  sing N N 187 
HEU "C2'" "H2''" sing N N 188 
HEU "O3'" "HO3'" sing N N 189 
HEU OP3   HOP3   sing N N 190 
# 
loop_
_ndb_struct_conf_na.entry_id 
_ndb_struct_conf_na.feature 
1KXS 'double helix'         
1KXS 'b-form double helix'  
1KXS 'mismatched base pair' 
1KXS 'triple helix'         
# 
loop_
_ndb_struct_na_base_pair.model_number 
_ndb_struct_na_base_pair.i_label_asym_id 
_ndb_struct_na_base_pair.i_label_comp_id 
_ndb_struct_na_base_pair.i_label_seq_id 
_ndb_struct_na_base_pair.i_symmetry 
_ndb_struct_na_base_pair.j_label_asym_id 
_ndb_struct_na_base_pair.j_label_comp_id 
_ndb_struct_na_base_pair.j_label_seq_id 
_ndb_struct_na_base_pair.j_symmetry 
_ndb_struct_na_base_pair.shear 
_ndb_struct_na_base_pair.stretch 
_ndb_struct_na_base_pair.stagger 
_ndb_struct_na_base_pair.buckle 
_ndb_struct_na_base_pair.propeller 
_ndb_struct_na_base_pair.opening 
_ndb_struct_na_base_pair.pair_number 
_ndb_struct_na_base_pair.pair_name 
_ndb_struct_na_base_pair.i_auth_asym_id 
_ndb_struct_na_base_pair.i_auth_seq_id 
_ndb_struct_na_base_pair.i_PDB_ins_code 
_ndb_struct_na_base_pair.j_auth_asym_id 
_ndb_struct_na_base_pair.j_auth_seq_id 
_ndb_struct_na_base_pair.j_PDB_ins_code 
_ndb_struct_na_base_pair.hbond_type_28 
_ndb_struct_na_base_pair.hbond_type_12 
1 A DG 1  1_555 B DC 14 1_555 0.099  -0.189 0.815 -7.611  -11.667 -5.991  1  A_DG1:DC28_B  A 1  ? B 28 ? 19 1 
1 A DC 2  1_555 B DG 13 1_555 -0.197 -0.084 0.942 -18.785 -2.568  -4.805  2  A_DC2:DG27_B  A 2  ? B 27 ? 19 1 
1 A DA 3  1_555 B DT 12 1_555 -0.072 -0.119 0.521 1.055   -14.613 -8.704  3  A_DA3:DT26_B  A 3  ? B 26 ? 20 1 
1 A DA 4  1_555 B DT 11 1_555 0.157  -0.118 0.672 3.672   -18.232 -12.029 4  A_DA4:DT25_B  A 4  ? B 25 ? 20 1 
1 A DG 5  1_555 B DC 10 1_555 -0.162 -0.196 0.809 3.312   -12.357 -7.165  5  A_DG5:DC24_B  A 5  ? B 24 ? 19 1 
1 A DT 6  1_555 B DA 9  1_555 0.005  -0.077 0.592 -2.770  -11.622 -8.825  6  A_DT6:DA23_B  A 6  ? B 23 ? 20 1 
1 A DC 7  1_555 B DG 8  1_555 0.052  -0.072 0.388 4.932   -12.532 -6.443  7  A_DC7:DG22_B  A 7  ? B 22 ? 19 1 
1 A DA 9  1_555 B DT 6  1_555 0.131  -0.127 0.880 3.375   -13.385 -13.974 8  A_DA9:DT20_B  A 9  ? B 20 ? 20 1 
1 A DA 10 1_555 B DT 5  1_555 0.131  -0.097 0.613 4.398   -19.703 -10.993 9  A_DA10:DT19_B A 10 ? B 19 ? 20 1 
1 A DA 11 1_555 B DT 4  1_555 0.026  -0.112 0.654 6.488   -16.947 -10.922 10 A_DA11:DT18_B A 11 ? B 18 ? 20 1 
1 A DA 12 1_555 B DT 3  1_555 0.131  -0.120 0.931 12.386  -11.884 -9.765  11 A_DA12:DT17_B A 12 ? B 17 ? 20 1 
1 A DC 13 1_555 B DG 2  1_555 -0.209 -0.095 0.646 3.501   -9.281  -5.012  12 A_DC13:DG16_B A 13 ? B 16 ? 19 1 
1 A DG 14 1_555 B DC 1  1_555 0.316  -0.087 0.961 21.833  -9.126  -6.731  13 A_DG14:DC15_B A 14 ? B 15 ? 19 1 
# 
loop_
_ndb_struct_na_base_pair_step.model_number 
_ndb_struct_na_base_pair_step.i_label_asym_id_1 
_ndb_struct_na_base_pair_step.i_label_comp_id_1 
_ndb_struct_na_base_pair_step.i_label_seq_id_1 
_ndb_struct_na_base_pair_step.i_symmetry_1 
_ndb_struct_na_base_pair_step.j_label_asym_id_1 
_ndb_struct_na_base_pair_step.j_label_comp_id_1 
_ndb_struct_na_base_pair_step.j_label_seq_id_1 
_ndb_struct_na_base_pair_step.j_symmetry_1 
_ndb_struct_na_base_pair_step.i_label_asym_id_2 
_ndb_struct_na_base_pair_step.i_label_comp_id_2 
_ndb_struct_na_base_pair_step.i_label_seq_id_2 
_ndb_struct_na_base_pair_step.i_symmetry_2 
_ndb_struct_na_base_pair_step.j_label_asym_id_2 
_ndb_struct_na_base_pair_step.j_label_comp_id_2 
_ndb_struct_na_base_pair_step.j_label_seq_id_2 
_ndb_struct_na_base_pair_step.j_symmetry_2 
_ndb_struct_na_base_pair_step.shift 
_ndb_struct_na_base_pair_step.slide 
_ndb_struct_na_base_pair_step.rise 
_ndb_struct_na_base_pair_step.tilt 
_ndb_struct_na_base_pair_step.roll 
_ndb_struct_na_base_pair_step.twist 
_ndb_struct_na_base_pair_step.x_displacement 
_ndb_struct_na_base_pair_step.y_displacement 
_ndb_struct_na_base_pair_step.helical_rise 
_ndb_struct_na_base_pair_step.inclination 
_ndb_struct_na_base_pair_step.tip 
_ndb_struct_na_base_pair_step.helical_twist 
_ndb_struct_na_base_pair_step.step_number 
_ndb_struct_na_base_pair_step.step_name 
_ndb_struct_na_base_pair_step.i_auth_asym_id_1 
_ndb_struct_na_base_pair_step.i_auth_seq_id_1 
_ndb_struct_na_base_pair_step.i_PDB_ins_code_1 
_ndb_struct_na_base_pair_step.j_auth_asym_id_1 
_ndb_struct_na_base_pair_step.j_auth_seq_id_1 
_ndb_struct_na_base_pair_step.j_PDB_ins_code_1 
_ndb_struct_na_base_pair_step.i_auth_asym_id_2 
_ndb_struct_na_base_pair_step.i_auth_seq_id_2 
_ndb_struct_na_base_pair_step.i_PDB_ins_code_2 
_ndb_struct_na_base_pair_step.j_auth_asym_id_2 
_ndb_struct_na_base_pair_step.j_auth_seq_id_2 
_ndb_struct_na_base_pair_step.j_PDB_ins_code_2 
1 A DG 1  1_555 B DC 14 1_555 A DC 2  1_555 B DG 13 1_555 0.220  -0.376 3.542 1.010  -6.083  38.537 0.239  -0.196 3.562 -9.145  
-1.519 39.009 1  AA_DG1DC2:DG27DC28_BB   A 1  ? B 28 ? A 2  ? B 27 ? 
1 A DC 2  1_555 B DG 13 1_555 A DA 3  1_555 B DT 12 1_555 -0.168 -0.351 2.674 3.580  -4.233  37.184 -0.092 0.644  2.669 -6.593  
-5.577 37.581 2  AA_DC2DA3:DT26DG27_BB   A 2  ? B 27 ? A 3  ? B 26 ? 
1 A DA 3  1_555 B DT 12 1_555 A DA 4  1_555 B DT 11 1_555 -0.286 -0.781 3.062 -1.214 -3.486  35.653 -0.794 0.299  3.129 -5.674  
1.976  35.837 3  AA_DA3DA4:DT25DT26_BB   A 3  ? B 26 ? A 4  ? B 25 ? 
1 A DA 4  1_555 B DT 11 1_555 A DG 5  1_555 B DC 10 1_555 0.277  -0.917 3.135 -0.893 -3.663  33.823 -0.999 -0.611 3.206 -6.272  
1.529  34.027 4  AA_DA4DG5:DC24DT25_BB   A 4  ? B 25 ? A 5  ? B 24 ? 
1 A DG 5  1_555 B DC 10 1_555 A DT 6  1_555 B DA 9  1_555 -0.119 -0.717 3.444 2.233  -5.443  37.446 -0.359 0.489  3.498 -8.414  
-3.452 37.889 5  AA_DG5DT6:DA23DC24_BB   A 5  ? B 24 ? A 6  ? B 23 ? 
1 A DT 6  1_555 B DA 9  1_555 A DC 7  1_555 B DG 8  1_555 0.218  -0.243 3.027 0.587  -3.957  39.350 0.072  -0.259 3.039 -5.858  
-0.869 39.545 6  AA_DT6DC7:DG22DA23_BB   A 6  ? B 23 ? A 7  ? B 22 ? 
1 A DC 7  1_555 B DG 8  1_555 A DA 9  1_555 B DT 6  1_555 -0.163 -0.583 7.359 0.573  -13.000 70.630 0.500  0.183  7.358 -11.150 
-0.492 71.665 7  AA_DC7DA9:DT20DG22_BB   A 7  ? B 22 ? A 9  ? B 20 ? 
1 A DA 9  1_555 B DT 6  1_555 A DA 10 1_555 B DT 5  1_555 0.051  -0.795 3.178 1.905  -0.746  34.723 -1.219 0.198  3.192 -1.248  
-3.188 34.781 8  AA_DA9DA10:DT19DT20_BB  A 9  ? B 20 ? A 10 ? B 19 ? 
1 A DA 10 1_555 B DT 5  1_555 A DA 11 1_555 B DT 4  1_555 0.061  -0.729 3.068 -0.394 -3.458  35.799 -0.713 -0.152 3.121 -5.610  
0.640  35.962 9  AA_DA10DA11:DT18DT19_BB A 10 ? B 19 ? A 11 ? B 18 ? 
1 A DA 11 1_555 B DT 4  1_555 A DA 12 1_555 B DT 3  1_555 -0.015 -0.729 2.976 -2.650 -4.991  37.261 -0.531 -0.294 3.039 -7.757  
4.118  37.672 10 AA_DA11DA12:DT17DT18_BB A 11 ? B 18 ? A 12 ? B 17 ? 
1 A DA 12 1_555 B DT 3  1_555 A DC 13 1_555 B DG 2  1_555 0.026  -0.971 3.449 0.589  -3.076  35.029 -1.118 0.051  3.519 -5.098  
-0.977 35.164 11 AA_DA12DC13:DG16DT17_BB A 12 ? B 17 ? A 13 ? B 16 ? 
1 A DC 13 1_555 B DG 2  1_555 A DG 14 1_555 B DC 1  1_555 -0.095 -0.382 2.702 -3.060 -3.975  37.642 -0.164 -0.179 2.726 -6.127  
4.717  37.963 12 AA_DC13DG14:DC15DG16_BB A 13 ? B 16 ? A 14 ? B 15 ? 
# 
loop_
_pdbx_nmr_spectrometer.spectrometer_id 
_pdbx_nmr_spectrometer.model 
_pdbx_nmr_spectrometer.manufacturer 
_pdbx_nmr_spectrometer.field_strength 
_pdbx_nmr_spectrometer.type 
1 AVANCE Bruker 600 ? 
2 AVANCE Bruker 500 ? 
# 
_atom_sites.entry_id                    1KXS 
_atom_sites.fract_transf_matrix[1][1]   1.000000 
_atom_sites.fract_transf_matrix[1][2]   0.000000 
_atom_sites.fract_transf_matrix[1][3]   0.000000 
_atom_sites.fract_transf_matrix[2][1]   0.000000 
_atom_sites.fract_transf_matrix[2][2]   1.000000 
_atom_sites.fract_transf_matrix[2][3]   0.000000 
_atom_sites.fract_transf_matrix[3][1]   0.000000 
_atom_sites.fract_transf_matrix[3][2]   0.000000 
_atom_sites.fract_transf_matrix[3][3]   1.000000 
_atom_sites.fract_transf_vector[1]      0.00000 
_atom_sites.fract_transf_vector[2]      0.00000 
_atom_sites.fract_transf_vector[3]      0.00000 
# 
loop_
_atom_type.symbol 
C 
H 
N 
O 
P 
# 
loop_
_atom_site.group_PDB 
_atom_site.id 
_atom_site.type_symbol 
_atom_site.label_atom_id 
_atom_site.label_alt_id 
_atom_site.label_comp_id 
_atom_site.label_asym_id 
_atom_site.label_entity_id 
_atom_site.label_seq_id 
_atom_site.pdbx_PDB_ins_code 
_atom_site.Cartn_x 
_atom_site.Cartn_y 
_atom_site.Cartn_z 
_atom_site.occupancy 
_atom_site.B_iso_or_equiv 
_atom_site.pdbx_formal_charge 
_atom_site.auth_seq_id 
_atom_site.auth_comp_id 
_atom_site.auth_asym_id 
_atom_site.auth_atom_id 
_atom_site.pdbx_PDB_model_num 
ATOM   1    O "O5'"  . DG  A 1 1  ? 7.176   9.348   -22.243 1.00 0.00 ? 1  DG  A "O5'"  1 
ATOM   2    C "C5'"  . DG  A 1 1  ? 7.849   8.585   -23.223 1.00 0.00 ? 1  DG  A "C5'"  1 
ATOM   3    C "C4'"  . DG  A 1 1  ? 8.337   7.247   -22.655 1.00 0.00 ? 1  DG  A "C4'"  1 
ATOM   4    O "O4'"  . DG  A 1 1  ? 9.234   7.489   -21.582 1.00 0.00 ? 1  DG  A "O4'"  1 
ATOM   5    C "C3'"  . DG  A 1 1  ? 7.195   6.367   -22.124 1.00 0.00 ? 1  DG  A "C3'"  1 
ATOM   6    O "O3'"  . DG  A 1 1  ? 7.445   5.028   -22.519 1.00 0.00 ? 1  DG  A "O3'"  1 
ATOM   7    C "C2'"  . DG  A 1 1  ? 7.320   6.567   -20.616 1.00 0.00 ? 1  DG  A "C2'"  1 
ATOM   8    C "C1'"  . DG  A 1 1  ? 8.829   6.721   -20.465 1.00 0.00 ? 1  DG  A "C1'"  1 
ATOM   9    N N9     . DG  A 1 1  ? 9.195   7.425   -19.215 1.00 0.00 ? 1  DG  A N9     1 
ATOM   10   C C8     . DG  A 1 1  ? 8.792   8.667   -18.792 1.00 0.00 ? 1  DG  A C8     1 
ATOM   11   N N7     . DG  A 1 1  ? 9.355   9.066   -17.689 1.00 0.00 ? 1  DG  A N7     1 
ATOM   12   C C5     . DG  A 1 1  ? 10.202  8.019   -17.351 1.00 0.00 ? 1  DG  A C5     1 
ATOM   13   C C6     . DG  A 1 1  ? 11.122  7.902   -16.267 1.00 0.00 ? 1  DG  A C6     1 
ATOM   14   O O6     . DG  A 1 1  ? 11.365  8.731   -15.396 1.00 0.00 ? 1  DG  A O6     1 
ATOM   15   N N1     . DG  A 1 1  ? 11.810  6.691   -16.279 1.00 0.00 ? 1  DG  A N1     1 
ATOM   16   C C2     . DG  A 1 1  ? 11.644  5.711   -17.238 1.00 0.00 ? 1  DG  A C2     1 
ATOM   17   N N2     . DG  A 1 1  ? 12.378  4.601   -17.108 1.00 0.00 ? 1  DG  A N2     1 
ATOM   18   N N3     . DG  A 1 1  ? 10.796  5.828   -18.272 1.00 0.00 ? 1  DG  A N3     1 
ATOM   19   C C4     . DG  A 1 1  ? 10.108  7.004   -18.274 1.00 0.00 ? 1  DG  A C4     1 
ATOM   20   H "H5'"  . DG  A 1 1  ? 8.705   9.156   -23.583 1.00 0.00 ? 1  DG  A "H5'"  1 
ATOM   21   H "H5''" . DG  A 1 1  ? 7.173   8.402   -24.059 1.00 0.00 ? 1  DG  A "H5''" 1 
ATOM   22   H "H4'"  . DG  A 1 1  ? 8.868   6.720   -23.449 1.00 0.00 ? 1  DG  A "H4'"  1 
ATOM   23   H "H3'"  . DG  A 1 1  ? 6.222   6.693   -22.498 1.00 0.00 ? 1  DG  A "H3'"  1 
ATOM   24   H "H2'"  . DG  A 1 1  ? 6.806   7.486   -20.334 1.00 0.00 ? 1  DG  A "H2'"  1 
ATOM   25   H "H2''" . DG  A 1 1  ? 6.928   5.739   -20.031 1.00 0.00 ? 1  DG  A "H2''" 1 
ATOM   26   H "H1'"  . DG  A 1 1  ? 9.297   5.737   -20.521 1.00 0.00 ? 1  DG  A "H1'"  1 
ATOM   27   H H8     . DG  A 1 1  ? 8.077   9.272   -19.332 1.00 0.00 ? 1  DG  A H8     1 
ATOM   28   H H1     . DG  A 1 1  ? 12.507  6.550   -15.556 1.00 0.00 ? 1  DG  A H1     1 
ATOM   29   H H21    . DG  A 1 1  ? 13.035  4.508   -16.345 1.00 0.00 ? 1  DG  A H21    1 
ATOM   30   H H22    . DG  A 1 1  ? 12.274  3.853   -17.779 1.00 0.00 ? 1  DG  A H22    1 
ATOM   31   H "HO5'" . DG  A 1 1  ? 6.405   8.859   -21.948 1.00 0.00 ? 1  DG  A "HO5'" 1 
ATOM   32   P P      . DC  A 1 2  ? 6.456   3.803   -22.148 1.00 0.00 ? 2  DC  A P      1 
ATOM   33   O OP1    . DC  A 1 2  ? 6.360   2.917   -23.330 1.00 0.00 ? 2  DC  A OP1    1 
ATOM   34   O OP2    . DC  A 1 2  ? 5.224   4.351   -21.538 1.00 0.00 ? 2  DC  A OP2    1 
ATOM   35   O "O5'"  . DC  A 1 2  ? 7.286   3.028   -21.001 1.00 0.00 ? 2  DC  A "O5'"  1 
ATOM   36   C "C5'"  . DC  A 1 2  ? 8.479   2.331   -21.314 1.00 0.00 ? 2  DC  A "C5'"  1 
ATOM   37   C "C4'"  . DC  A 1 2  ? 9.128   1.768   -20.047 1.00 0.00 ? 2  DC  A "C4'"  1 
ATOM   38   O "O4'"  . DC  A 1 2  ? 9.398   2.827   -19.145 1.00 0.00 ? 2  DC  A "O4'"  1 
ATOM   39   C "C3'"  . DC  A 1 2  ? 8.252   0.732   -19.324 1.00 0.00 ? 2  DC  A "C3'"  1 
ATOM   40   O "O3'"  . DC  A 1 2  ? 9.004   -0.463  -19.177 1.00 0.00 ? 2  DC  A "O3'"  1 
ATOM   41   C "C2'"  . DC  A 1 2  ? 7.944   1.423   -17.995 1.00 0.00 ? 2  DC  A "C2'"  1 
ATOM   42   C "C1'"  . DC  A 1 2  ? 9.123   2.378   -17.835 1.00 0.00 ? 2  DC  A "C1'"  1 
ATOM   43   N N1     . DC  A 1 2  ? 8.784   3.541   -16.968 1.00 0.00 ? 2  DC  A N1     1 
ATOM   44   C C2     . DC  A 1 2  ? 9.473   3.735   -15.767 1.00 0.00 ? 2  DC  A C2     1 
ATOM   45   O O2     . DC  A 1 2  ? 10.327  2.938   -15.384 1.00 0.00 ? 2  DC  A O2     1 
ATOM   46   N N3     . DC  A 1 2  ? 9.189   4.844   -15.023 1.00 0.00 ? 2  DC  A N3     1 
ATOM   47   C C4     . DC  A 1 2  ? 8.258   5.726   -15.420 1.00 0.00 ? 2  DC  A C4     1 
ATOM   48   N N4     . DC  A 1 2  ? 8.013   6.797   -14.659 1.00 0.00 ? 2  DC  A N4     1 
ATOM   49   C C5     . DC  A 1 2  ? 7.540   5.548   -16.649 1.00 0.00 ? 2  DC  A C5     1 
ATOM   50   C C6     . DC  A 1 2  ? 7.840   4.449   -17.379 1.00 0.00 ? 2  DC  A C6     1 
ATOM   51   H "H5'"  . DC  A 1 2  ? 9.186   3.011   -21.791 1.00 0.00 ? 2  DC  A "H5'"  1 
ATOM   52   H "H5''" . DC  A 1 2  ? 8.262   1.509   -21.998 1.00 0.00 ? 2  DC  A "H5''" 1 
ATOM   53   H "H4'"  . DC  A 1 2  ? 10.077  1.308   -20.326 1.00 0.00 ? 2  DC  A "H4'"  1 
ATOM   54   H "H3'"  . DC  A 1 2  ? 7.334   0.524   -19.876 1.00 0.00 ? 2  DC  A "H3'"  1 
ATOM   55   H "H2'"  . DC  A 1 2  ? 7.010   1.972   -18.109 1.00 0.00 ? 2  DC  A "H2'"  1 
ATOM   56   H "H2''" . DC  A 1 2  ? 7.860   0.742   -17.149 1.00 0.00 ? 2  DC  A "H2''" 1 
ATOM   57   H "H1'"  . DC  A 1 2  ? 9.987   1.812   -17.486 1.00 0.00 ? 2  DC  A "H1'"  1 
ATOM   58   H H41    . DC  A 1 2  ? 8.526   6.940   -13.799 1.00 0.00 ? 2  DC  A H41    1 
ATOM   59   H H42    . DC  A 1 2  ? 7.328   7.478   -14.951 1.00 0.00 ? 2  DC  A H42    1 
ATOM   60   H H5     . DC  A 1 2  ? 6.793   6.240   -17.010 1.00 0.00 ? 2  DC  A H5     1 
ATOM   61   H H6     . DC  A 1 2  ? 7.323   4.285   -18.313 1.00 0.00 ? 2  DC  A H6     1 
ATOM   62   P P      . DA  A 1 3  ? 8.436   -1.778  -18.427 1.00 0.00 ? 3  DA  A P      1 
ATOM   63   O OP1    . DA  A 1 3  ? 8.991   -2.971  -19.106 1.00 0.00 ? 3  DA  A OP1    1 
ATOM   64   O OP2    . DA  A 1 3  ? 6.973   -1.640  -18.257 1.00 0.00 ? 3  DA  A OP2    1 
ATOM   65   O "O5'"  . DA  A 1 3  ? 9.132   -1.653  -16.978 1.00 0.00 ? 3  DA  A "O5'"  1 
ATOM   66   C "C5'"  . DA  A 1 3  ? 10.538  -1.748  -16.840 1.00 0.00 ? 3  DA  A "C5'"  1 
ATOM   67   C "C4'"  . DA  A 1 3  ? 10.957  -1.452  -15.401 1.00 0.00 ? 3  DA  A "C4'"  1 
ATOM   68   O "O4'"  . DA  A 1 3  ? 10.493  -0.167  -15.024 1.00 0.00 ? 3  DA  A "O4'"  1 
ATOM   69   C "C3'"  . DA  A 1 3  ? 10.412  -2.471  -14.387 1.00 0.00 ? 3  DA  A "C3'"  1 
ATOM   70   O "O3'"  . DA  A 1 3  ? 11.518  -3.039  -13.704 1.00 0.00 ? 3  DA  A "O3'"  1 
ATOM   71   C "C2'"  . DA  A 1 3  ? 9.511   -1.611  -13.500 1.00 0.00 ? 3  DA  A "C2'"  1 
ATOM   72   C "C1'"  . DA  A 1 3  ? 10.114  -0.220  -13.667 1.00 0.00 ? 3  DA  A "C1'"  1 
ATOM   73   N N9     . DA  A 1 3  ? 9.129   0.850   -13.393 1.00 0.00 ? 3  DA  A N9     1 
ATOM   74   C C8     . DA  A 1 3  ? 7.918   1.061   -14.005 1.00 0.00 ? 3  DA  A C8     1 
ATOM   75   N N7     . DA  A 1 3  ? 7.312   2.155   -13.639 1.00 0.00 ? 3  DA  A N7     1 
ATOM   76   C C5     . DA  A 1 3  ? 8.185   2.714   -12.715 1.00 0.00 ? 3  DA  A C5     1 
ATOM   77   C C6     . DA  A 1 3  ? 8.146   3.908   -11.969 1.00 0.00 ? 3  DA  A C6     1 
ATOM   78   N N6     . DA  A 1 3  ? 7.121   4.762   -12.041 1.00 0.00 ? 3  DA  A N6     1 
ATOM   79   N N1     . DA  A 1 3  ? 9.180   4.190   -11.152 1.00 0.00 ? 3  DA  A N1     1 
ATOM   80   C C2     . DA  A 1 3  ? 10.194  3.330   -11.077 1.00 0.00 ? 3  DA  A C2     1 
ATOM   81   N N3     . DA  A 1 3  ? 10.352  2.179   -11.727 1.00 0.00 ? 3  DA  A N3     1 
ATOM   82   C C4     . DA  A 1 3  ? 9.296   1.924   -12.549 1.00 0.00 ? 3  DA  A C4     1 
ATOM   83   H "H5'"  . DA  A 1 3  ? 11.020  -1.019  -17.494 1.00 0.00 ? 3  DA  A "H5'"  1 
ATOM   84   H "H5''" . DA  A 1 3  ? 10.874  -2.748  -17.117 1.00 0.00 ? 3  DA  A "H5''" 1 
ATOM   85   H "H4'"  . DA  A 1 3  ? 12.047  -1.443  -15.356 1.00 0.00 ? 3  DA  A "H4'"  1 
ATOM   86   H "H3'"  . DA  A 1 3  ? 9.834   -3.257  -14.874 1.00 0.00 ? 3  DA  A "H3'"  1 
ATOM   87   H "H2'"  . DA  A 1 3  ? 8.503   -1.639  -13.914 1.00 0.00 ? 3  DA  A "H2'"  1 
ATOM   88   H "H2''" . DA  A 1 3  ? 9.484   -1.920  -12.457 1.00 0.00 ? 3  DA  A "H2''" 1 
ATOM   89   H "H1'"  . DA  A 1 3  ? 11.000  -0.128  -13.036 1.00 0.00 ? 3  DA  A "H1'"  1 
ATOM   90   H H8     . DA  A 1 3  ? 7.503   0.387   -14.739 1.00 0.00 ? 3  DA  A H8     1 
ATOM   91   H H61    . DA  A 1 3  ? 7.108   5.601   -11.478 1.00 0.00 ? 3  DA  A H61    1 
ATOM   92   H H62    . DA  A 1 3  ? 6.344   4.551   -12.651 1.00 0.00 ? 3  DA  A H62    1 
ATOM   93   H H2     . DA  A 1 3  ? 10.994  3.605   -10.406 1.00 0.00 ? 3  DA  A H2     1 
ATOM   94   P P      . DA  A 1 4  ? 11.362  -4.097  -12.494 1.00 0.00 ? 4  DA  A P      1 
ATOM   95   O OP1    . DA  A 1 4  ? 12.524  -5.013  -12.528 1.00 0.00 ? 4  DA  A OP1    1 
ATOM   96   O OP2    . DA  A 1 4  ? 9.989   -4.648  -12.511 1.00 0.00 ? 4  DA  A OP2    1 
ATOM   97   O "O5'"  . DA  A 1 4  ? 11.512  -3.136  -11.209 1.00 0.00 ? 4  DA  A "O5'"  1 
ATOM   98   C "C5'"  . DA  A 1 4  ? 12.731  -2.463  -10.948 1.00 0.00 ? 4  DA  A "C5'"  1 
ATOM   99   C "C4'"  . DA  A 1 4  ? 12.580  -1.543  -9.736  1.00 0.00 ? 4  DA  A "C4'"  1 
ATOM   100  O "O4'"  . DA  A 1 4  ? 11.576  -0.576  -9.987  1.00 0.00 ? 4  DA  A "O4'"  1 
ATOM   101  C "C3'"  . DA  A 1 4  ? 12.196  -2.303  -8.456  1.00 0.00 ? 4  DA  A "C3'"  1 
ATOM   102  O "O3'"  . DA  A 1 4  ? 13.184  -2.046  -7.470  1.00 0.00 ? 4  DA  A "O3'"  1 
ATOM   103  C "C2'"  . DA  A 1 4  ? 10.827  -1.712  -8.120  1.00 0.00 ? 4  DA  A "C2'"  1 
ATOM   104  C "C1'"  . DA  A 1 4  ? 10.894  -0.337  -8.776  1.00 0.00 ? 4  DA  A "C1'"  1 
ATOM   105  N N9     . DA  A 1 4  ? 9.549   0.211   -9.059  1.00 0.00 ? 4  DA  A N9     1 
ATOM   106  C C8     . DA  A 1 4  ? 8.559   -0.335  -9.839  1.00 0.00 ? 4  DA  A C8     1 
ATOM   107  N N7     . DA  A 1 4  ? 7.504   0.416   -9.976  1.00 0.00 ? 4  DA  A N7     1 
ATOM   108  C C5     . DA  A 1 4  ? 7.812   1.545   -9.229  1.00 0.00 ? 4  DA  A C5     1 
ATOM   109  C C6     . DA  A 1 4  ? 7.112   2.742   -8.977  1.00 0.00 ? 4  DA  A C6     1 
ATOM   110  N N6     . DA  A 1 4  ? 5.895   2.974   -9.476  1.00 0.00 ? 4  DA  A N6     1 
ATOM   111  N N1     . DA  A 1 4  ? 7.701   3.685   -8.216  1.00 0.00 ? 4  DA  A N1     1 
ATOM   112  C C2     . DA  A 1 4  ? 8.918   3.450   -7.728  1.00 0.00 ? 4  DA  A C2     1 
ATOM   113  N N3     . DA  A 1 4  ? 9.677   2.367   -7.886  1.00 0.00 ? 4  DA  A N3     1 
ATOM   114  C C4     . DA  A 1 4  ? 9.057   1.434   -8.660  1.00 0.00 ? 4  DA  A C4     1 
ATOM   115  H "H5'"  . DA  A 1 4  ? 13.013  -1.857  -11.810 1.00 0.00 ? 4  DA  A "H5'"  1 
ATOM   116  H "H5''" . DA  A 1 4  ? 13.520  -3.188  -10.750 1.00 0.00 ? 4  DA  A "H5''" 1 
ATOM   117  H "H4'"  . DA  A 1 4  ? 13.525  -1.019  -9.580  1.00 0.00 ? 4  DA  A "H4'"  1 
ATOM   118  H "H3'"  . DA  A 1 4  ? 12.120  -3.377  -8.631  1.00 0.00 ? 4  DA  A "H3'"  1 
ATOM   119  H "H2'"  . DA  A 1 4  ? 10.064  -2.324  -8.602  1.00 0.00 ? 4  DA  A "H2'"  1 
ATOM   120  H "H2''" . DA  A 1 4  ? 10.625  -1.649  -7.053  1.00 0.00 ? 4  DA  A "H2''" 1 
ATOM   121  H "H1'"  . DA  A 1 4  ? 11.482  0.338   -8.152  1.00 0.00 ? 4  DA  A "H1'"  1 
ATOM   122  H H8     . DA  A 1 4  ? 8.646   -1.303  -10.308 1.00 0.00 ? 4  DA  A H8     1 
ATOM   123  H H61    . DA  A 1 4  ? 5.438   3.860   -9.311  1.00 0.00 ? 4  DA  A H61    1 
ATOM   124  H H62    . DA  A 1 4  ? 5.451   2.270   -10.047 1.00 0.00 ? 4  DA  A H62    1 
ATOM   125  H H2     . DA  A 1 4  ? 9.341   4.238   -7.122  1.00 0.00 ? 4  DA  A H2     1 
ATOM   126  P P      . DG  A 1 5  ? 13.108  -2.655  -5.975  1.00 0.00 ? 5  DG  A P      1 
ATOM   127  O OP1    . DG  A 1 5  ? 14.490  -2.842  -5.481  1.00 0.00 ? 5  DG  A OP1    1 
ATOM   128  O OP2    . DG  A 1 5  ? 12.164  -3.794  -5.969  1.00 0.00 ? 5  DG  A OP2    1 
ATOM   129  O "O5'"  . DG  A 1 5  ? 12.440  -1.435  -5.159  1.00 0.00 ? 5  DG  A "O5'"  1 
ATOM   130  C "C5'"  . DG  A 1 5  ? 13.134  -0.217  -4.974  1.00 0.00 ? 5  DG  A "C5'"  1 
ATOM   131  C "C4'"  . DG  A 1 5  ? 12.246  0.798   -4.254  1.00 0.00 ? 5  DG  A "C4'"  1 
ATOM   132  O "O4'"  . DG  A 1 5  ? 11.097  1.079   -5.035  1.00 0.00 ? 5  DG  A "O4'"  1 
ATOM   133  C "C3'"  . DG  A 1 5  ? 11.772  0.304   -2.877  1.00 0.00 ? 5  DG  A "C3'"  1 
ATOM   134  O "O3'"  . DG  A 1 5  ? 12.229  1.218   -1.894  1.00 0.00 ? 5  DG  A "O3'"  1 
ATOM   135  C "C2'"  . DG  A 1 5  ? 10.253  0.279   -3.044  1.00 0.00 ? 5  DG  A "C2'"  1 
ATOM   136  C "C1'"  . DG  A 1 5  ? 10.018  1.299   -4.153  1.00 0.00 ? 5  DG  A "C1'"  1 
ATOM   137  N N9     . DG  A 1 5  ? 8.738   1.060   -4.857  1.00 0.00 ? 5  DG  A N9     1 
ATOM   138  C C8     . DG  A 1 5  ? 8.364   -0.055  -5.562  1.00 0.00 ? 5  DG  A C8     1 
ATOM   139  N N7     . DG  A 1 5  ? 7.202   0.038   -6.140  1.00 0.00 ? 5  DG  A N7     1 
ATOM   140  C C5     . DG  A 1 5  ? 6.765   1.309   -5.795  1.00 0.00 ? 5  DG  A C5     1 
ATOM   141  C C6     . DG  A 1 5  ? 5.567   1.988   -6.167  1.00 0.00 ? 5  DG  A C6     1 
ATOM   142  O O6     . DG  A 1 5  ? 4.672   1.578   -6.898  1.00 0.00 ? 5  DG  A O6     1 
ATOM   143  N N1     . DG  A 1 5  ? 5.485   3.266   -5.623  1.00 0.00 ? 5  DG  A N1     1 
ATOM   144  C C2     . DG  A 1 5  ? 6.461   3.836   -4.827  1.00 0.00 ? 5  DG  A C2     1 
ATOM   145  N N2     . DG  A 1 5  ? 6.225   5.072   -4.376  1.00 0.00 ? 5  DG  A N2     1 
ATOM   146  N N3     . DG  A 1 5  ? 7.598   3.203   -4.486  1.00 0.00 ? 5  DG  A N3     1 
ATOM   147  C C4     . DG  A 1 5  ? 7.692   1.946   -5.002  1.00 0.00 ? 5  DG  A C4     1 
ATOM   148  H "H5'"  . DG  A 1 5  ? 13.425  0.197   -5.941  1.00 0.00 ? 5  DG  A "H5'"  1 
ATOM   149  H "H5''" . DG  A 1 5  ? 14.031  -0.389  -4.377  1.00 0.00 ? 5  DG  A "H5''" 1 
ATOM   150  H "H4'"  . DG  A 1 5  ? 12.807  1.726   -4.136  1.00 0.00 ? 5  DG  A "H4'"  1 
ATOM   151  H "H3'"  . DG  A 1 5  ? 12.149  -0.696  -2.651  1.00 0.00 ? 5  DG  A "H3'"  1 
ATOM   152  H "H2'"  . DG  A 1 5  ? 9.964   -0.717  -3.381  1.00 0.00 ? 5  DG  A "H2'"  1 
ATOM   153  H "H2''" . DG  A 1 5  ? 9.707   0.527   -2.138  1.00 0.00 ? 5  DG  A "H2''" 1 
ATOM   154  H "H1'"  . DG  A 1 5  ? 10.077  2.309   -3.745  1.00 0.00 ? 5  DG  A "H1'"  1 
ATOM   155  H H8     . DG  A 1 5  ? 8.978   -0.940  -5.632  1.00 0.00 ? 5  DG  A H8     1 
ATOM   156  H H1     . DG  A 1 5  ? 4.664   3.812   -5.856  1.00 0.00 ? 5  DG  A H1     1 
ATOM   157  H H21    . DG  A 1 5  ? 5.368   5.552   -4.619  1.00 0.00 ? 5  DG  A H21    1 
ATOM   158  H H22    . DG  A 1 5  ? 6.913   5.532   -3.797  1.00 0.00 ? 5  DG  A H22    1 
ATOM   159  P P      . DT  A 1 6  ? 11.856  1.089   -0.327  1.00 0.00 ? 6  DT  A P      1 
ATOM   160  O OP1    . DT  A 1 6  ? 12.995  1.603   0.465   1.00 0.00 ? 6  DT  A OP1    1 
ATOM   161  O OP2    . DT  A 1 6  ? 11.330  -0.271  -0.067  1.00 0.00 ? 6  DT  A OP2    1 
ATOM   162  O "O5'"  . DT  A 1 6  ? 10.638  2.137   -0.200  1.00 0.00 ? 6  DT  A "O5'"  1 
ATOM   163  C "C5'"  . DT  A 1 6  ? 10.838  3.515   -0.459  1.00 0.00 ? 6  DT  A "C5'"  1 
ATOM   164  C "C4'"  . DT  A 1 6  ? 9.517   4.277   -0.346  1.00 0.00 ? 6  DT  A "C4'"  1 
ATOM   165  O "O4'"  . DT  A 1 6  ? 8.581   3.746   -1.268  1.00 0.00 ? 6  DT  A "O4'"  1 
ATOM   166  C "C3'"  . DT  A 1 6  ? 8.907   4.187   1.060   1.00 0.00 ? 6  DT  A "C3'"  1 
ATOM   167  O "O3'"  . DT  A 1 6  ? 8.680   5.503   1.536   1.00 0.00 ? 6  DT  A "O3'"  1 
ATOM   168  C "C2'"  . DT  A 1 6  ? 7.621   3.400   0.816   1.00 0.00 ? 6  DT  A "C2'"  1 
ATOM   169  C "C1'"  . DT  A 1 6  ? 7.315   3.714   -0.647  1.00 0.00 ? 6  DT  A "C1'"  1 
ATOM   170  N N1     . DT  A 1 6  ? 6.472   2.669   -1.292  1.00 0.00 ? 6  DT  A N1     1 
ATOM   171  C C2     . DT  A 1 6  ? 5.238   3.025   -1.840  1.00 0.00 ? 6  DT  A C2     1 
ATOM   172  O O2     . DT  A 1 6  ? 4.739   4.141   -1.711  1.00 0.00 ? 6  DT  A O2     1 
ATOM   173  N N3     . DT  A 1 6  ? 4.577   2.037   -2.558  1.00 0.00 ? 6  DT  A N3     1 
ATOM   174  C C4     . DT  A 1 6  ? 5.021   0.735   -2.749  1.00 0.00 ? 6  DT  A C4     1 
ATOM   175  O O4     . DT  A 1 6  ? 4.369   -0.054  -3.425  1.00 0.00 ? 6  DT  A O4     1 
ATOM   176  C C5     . DT  A 1 6  ? 6.280   0.428   -2.100  1.00 0.00 ? 6  DT  A C5     1 
ATOM   177  C C7     . DT  A 1 6  ? 6.844   -0.977  -2.202  1.00 0.00 ? 6  DT  A C7     1 
ATOM   178  C C6     . DT  A 1 6  ? 6.952   1.385   -1.414  1.00 0.00 ? 6  DT  A C6     1 
ATOM   179  H "H5'"  . DT  A 1 6  ? 11.228  3.650   -1.469  1.00 0.00 ? 6  DT  A "H5'"  1 
ATOM   180  H "H5''" . DT  A 1 6  ? 11.551  3.929   0.255   1.00 0.00 ? 6  DT  A "H5''" 1 
ATOM   181  H "H4'"  . DT  A 1 6  ? 9.697   5.323   -0.601  1.00 0.00 ? 6  DT  A "H4'"  1 
ATOM   182  H "H3'"  . DT  A 1 6  ? 9.565   3.654   1.749   1.00 0.00 ? 6  DT  A "H3'"  1 
ATOM   183  H "H2'"  . DT  A 1 6  ? 7.839   2.342   0.959   1.00 0.00 ? 6  DT  A "H2'"  1 
ATOM   184  H "H2''" . DT  A 1 6  ? 6.807   3.692   1.473   1.00 0.00 ? 6  DT  A "H2''" 1 
ATOM   185  H "H1'"  . DT  A 1 6  ? 6.881   4.713   -0.707  1.00 0.00 ? 6  DT  A "H1'"  1 
ATOM   186  H H3     . DT  A 1 6  ? 3.698   2.295   -2.992  1.00 0.00 ? 6  DT  A H3     1 
ATOM   187  H H71    . DT  A 1 6  ? 7.715   -1.103  -1.560  1.00 0.00 ? 6  DT  A H71    1 
ATOM   188  H H72    . DT  A 1 6  ? 6.079   -1.695  -1.902  1.00 0.00 ? 6  DT  A H72    1 
ATOM   189  H H73    . DT  A 1 6  ? 7.129   -1.178  -3.235  1.00 0.00 ? 6  DT  A H73    1 
ATOM   190  H H6     . DT  A 1 6  ? 7.896   1.139   -0.956  1.00 0.00 ? 6  DT  A H6     1 
ATOM   191  P P      . DC  A 1 7  ? 8.046   5.811   2.990   1.00 0.00 ? 7  DC  A P      1 
ATOM   192  O OP1    . DC  A 1 7  ? 8.646   7.064   3.500   1.00 0.00 ? 7  DC  A OP1    1 
ATOM   193  O OP2    . DC  A 1 7  ? 8.109   4.579   3.809   1.00 0.00 ? 7  DC  A OP2    1 
ATOM   194  O "O5'"  . DC  A 1 7  ? 6.503   6.097   2.630   1.00 0.00 ? 7  DC  A "O5'"  1 
ATOM   195  C "C5'"  . DC  A 1 7  ? 6.123   7.238   1.880   1.00 0.00 ? 7  DC  A "C5'"  1 
ATOM   196  C "C4'"  . DC  A 1 7  ? 4.608   7.238   1.673   1.00 0.00 ? 7  DC  A "C4'"  1 
ATOM   197  O "O4'"  . DC  A 1 7  ? 4.254   6.080   0.936   1.00 0.00 ? 7  DC  A "O4'"  1 
ATOM   198  C "C3'"  . DC  A 1 7  ? 3.851   7.217   3.009   1.00 0.00 ? 7  DC  A "C3'"  1 
ATOM   199  O "O3'"  . DC  A 1 7  ? 2.943   8.305   3.077   1.00 0.00 ? 7  DC  A "O3'"  1 
ATOM   200  C "C2'"  . DC  A 1 7  ? 3.142   5.865   2.971   1.00 0.00 ? 7  DC  A "C2'"  1 
ATOM   201  C "C1'"  . DC  A 1 7  ? 3.067   5.541   1.476   1.00 0.00 ? 7  DC  A "C1'"  1 
ATOM   202  N N1     . DC  A 1 7  ? 3.021   4.080   1.167   1.00 0.00 ? 7  DC  A N1     1 
ATOM   203  C C2     . DC  A 1 7  ? 2.088   3.597   0.240   1.00 0.00 ? 7  DC  A C2     1 
ATOM   204  O O2     . DC  A 1 7  ? 1.220   4.322   -0.241  1.00 0.00 ? 7  DC  A O2     1 
ATOM   205  N N3     . DC  A 1 7  ? 2.150   2.281   -0.126  1.00 0.00 ? 7  DC  A N3     1 
ATOM   206  C C4     . DC  A 1 7  ? 3.085   1.463   0.383   1.00 0.00 ? 7  DC  A C4     1 
ATOM   207  N N4     . DC  A 1 7  ? 3.118   0.186   -0.010  1.00 0.00 ? 7  DC  A N4     1 
ATOM   208  C C5     . DC  A 1 7  ? 4.065   1.940   1.314   1.00 0.00 ? 7  DC  A C5     1 
ATOM   209  C C6     . DC  A 1 7  ? 3.990   3.243   1.668   1.00 0.00 ? 7  DC  A C6     1 
ATOM   210  H "H5'"  . DC  A 1 7  ? 6.615   7.224   0.907   1.00 0.00 ? 7  DC  A "H5'"  1 
ATOM   211  H "H5''" . DC  A 1 7  ? 6.408   8.147   2.411   1.00 0.00 ? 7  DC  A "H5''" 1 
ATOM   212  H "H4'"  . DC  A 1 7  ? 4.323   8.122   1.098   1.00 0.00 ? 7  DC  A "H4'"  1 
ATOM   213  H "H3'"  . DC  A 1 7  ? 4.541   7.272   3.852   1.00 0.00 ? 7  DC  A "H3'"  1 
ATOM   214  H "H2'"  . DC  A 1 7  ? 3.751   5.155   3.527   1.00 0.00 ? 7  DC  A "H2'"  1 
ATOM   215  H "H2''" . DC  A 1 7  ? 2.155   5.921   3.416   1.00 0.00 ? 7  DC  A "H2''" 1 
ATOM   216  H "H1'"  . DC  A 1 7  ? 2.223   6.093   1.061   1.00 0.00 ? 7  DC  A "H1'"  1 
ATOM   217  H H41    . DC  A 1 7  ? 2.462   -0.146  -0.700  1.00 0.00 ? 7  DC  A H41    1 
ATOM   218  H H42    . DC  A 1 7  ? 3.824   -0.437  0.356   1.00 0.00 ? 7  DC  A H42    1 
ATOM   219  H H5     . DC  A 1 7  ? 4.847   1.319   1.728   1.00 0.00 ? 7  DC  A H5     1 
ATOM   220  H H6     . DC  A 1 7  ? 4.730   3.625   2.352   1.00 0.00 ? 7  DC  A H6     1 
HETATM 221  P P      . HEU A 1 8  ? 2.102   8.656   4.419   1.00 0.00 ? 8  HEU A P      1 
HETATM 222  O OP2    . HEU A 1 8  ? 2.541   7.758   5.511   1.00 0.00 ? 8  HEU A OP2    1 
HETATM 223  O OP1    . HEU A 1 8  ? 2.137   10.124  4.616   1.00 0.00 ? 8  HEU A OP1    1 
HETATM 224  O "O5'"  . HEU A 1 8  ? 0.599   8.239   4.013   1.00 0.00 ? 8  HEU A "O5'"  1 
HETATM 225  C "C5'"  . HEU A 1 8  ? -0.133  8.989   3.063   1.00 0.00 ? 8  HEU A "C5'"  1 
HETATM 226  C "C4'"  . HEU A 1 8  ? -1.367  8.211   2.600   1.00 0.00 ? 8  HEU A "C4'"  1 
HETATM 227  O "O4'"  . HEU A 1 8  ? -0.943  6.923   2.185   1.00 0.00 ? 8  HEU A "O4'"  1 
HETATM 228  C "C1'"  . HEU A 1 8  ? -1.711  5.944   2.854   1.00 0.00 ? 8  HEU A "C1'"  1 
HETATM 229  N N1     . HEU A 1 8  ? -0.896  4.707   3.047   1.00 0.00 ? 8  HEU A N1     1 
HETATM 230  C C2     . HEU A 1 8  ? -1.019  3.686   2.102   1.00 0.00 ? 8  HEU A C2     1 
HETATM 231  O O2     . HEU A 1 8  ? -1.766  3.789   1.130   1.00 0.00 ? 8  HEU A O2     1 
HETATM 232  N N3     . HEU A 1 8  ? -0.234  2.548   2.297   1.00 0.00 ? 8  HEU A N3     1 
HETATM 233  C C7     . HEU A 1 8  ? -0.547  1.349   1.473   1.00 0.00 ? 8  HEU A C7     1 
HETATM 234  C C8     . HEU A 1 8  ? -1.760  0.646   2.087   1.00 0.00 ? 8  HEU A C8     1 
HETATM 235  O O9     . HEU A 1 8  ? -2.936  1.150   1.499   1.00 0.00 ? 8  HEU A O9     1 
HETATM 236  C C4     . HEU A 1 8  ? 0.703   2.390   3.318   1.00 0.00 ? 8  HEU A C4     1 
HETATM 237  O O4     . HEU A 1 8  ? 1.361   1.359   3.442   1.00 0.00 ? 8  HEU A O4     1 
HETATM 238  C C5     . HEU A 1 8  ? 0.815   3.522   4.207   1.00 0.00 ? 8  HEU A C5     1 
HETATM 239  C C6     . HEU A 1 8  ? 0.032   4.611   4.057   1.00 0.00 ? 8  HEU A C6     1 
HETATM 240  C "C3'"  . HEU A 1 8  ? -2.440  8.042   3.688   1.00 0.00 ? 8  HEU A "C3'"  1 
HETATM 241  C "C2'"  . HEU A 1 8  ? -2.218  6.603   4.142   1.00 0.00 ? 8  HEU A "C2'"  1 
HETATM 242  O "O3'"  . HEU A 1 8  ? -3.711  8.236   3.093   1.00 0.00 ? 8  HEU A "O3'"  1 
HETATM 243  H "H5'"  . HEU A 1 8  ? 0.492   9.174   2.187   1.00 0.00 ? 8  HEU A "H5'"  1 
HETATM 244  H "H5''" . HEU A 1 8  ? -0.432  9.948   3.488   1.00 0.00 ? 8  HEU A "H5''" 1 
HETATM 245  H "H4'"  . HEU A 1 8  ? -1.796  8.740   1.748   1.00 0.00 ? 8  HEU A "H4'"  1 
HETATM 246  H "H1'"  . HEU A 1 8  ? -2.599  5.752   2.250   1.00 0.00 ? 8  HEU A "H1'"  1 
HETATM 247  H H71    . HEU A 1 8  ? 0.290   0.652   1.457   1.00 0.00 ? 8  HEU A H71    1 
HETATM 248  H H72    . HEU A 1 8  ? -0.752  1.619   0.438   1.00 0.00 ? 8  HEU A H72    1 
HETATM 249  H H81    . HEU A 1 8  ? -1.780  0.816   3.164   1.00 0.00 ? 8  HEU A H81    1 
HETATM 250  H H82    . HEU A 1 8  ? -1.711  -0.427  1.913   1.00 0.00 ? 8  HEU A H82    1 
HETATM 251  H H9     . HEU A 1 8  ? -2.932  0.903   0.570   1.00 0.00 ? 8  HEU A H9     1 
HETATM 252  H H5     . HEU A 1 8  ? 1.536   3.491   5.012   1.00 0.00 ? 8  HEU A H5     1 
HETATM 253  H H6     . HEU A 1 8  ? 0.196   5.428   4.743   1.00 0.00 ? 8  HEU A H6     1 
HETATM 254  H "H3'"  . HEU A 1 8  ? -2.298  8.751   4.506   1.00 0.00 ? 8  HEU A "H3'"  1 
HETATM 255  H "H2'"  . HEU A 1 8  ? -1.478  6.640   4.936   1.00 0.00 ? 8  HEU A "H2'"  1 
HETATM 256  H "H2''" . HEU A 1 8  ? -3.119  6.114   4.514   1.00 0.00 ? 8  HEU A "H2''" 1 
ATOM   257  P P      . DA  A 1 9  ? -5.095  8.204   3.931   1.00 0.00 ? 9  DA  A P      1 
ATOM   258  O OP1    . DA  A 1 9  ? -5.880  9.406   3.571   1.00 0.00 ? 9  DA  A OP1    1 
ATOM   259  O OP2    . DA  A 1 9  ? -4.797  7.920   5.352   1.00 0.00 ? 9  DA  A OP2    1 
ATOM   260  O "O5'"  . DA  A 1 9  ? -5.826  6.913   3.299   1.00 0.00 ? 9  DA  A "O5'"  1 
ATOM   261  C "C5'"  . DA  A 1 9  ? -6.177  6.880   1.927   1.00 0.00 ? 9  DA  A "C5'"  1 
ATOM   262  C "C4'"  . DA  A 1 9  ? -6.838  5.549   1.567   1.00 0.00 ? 9  DA  A "C4'"  1 
ATOM   263  O "O4'"  . DA  A 1 9  ? -5.954  4.483   1.873   1.00 0.00 ? 9  DA  A "O4'"  1 
ATOM   264  C "C3'"  . DA  A 1 9  ? -8.154  5.313   2.324   1.00 0.00 ? 9  DA  A "C3'"  1 
ATOM   265  O "O3'"  . DA  A 1 9  ? -9.160  4.984   1.380   1.00 0.00 ? 9  DA  A "O3'"  1 
ATOM   266  C "C2'"  . DA  A 1 9  ? -7.792  4.156   3.254   1.00 0.00 ? 9  DA  A "C2'"  1 
ATOM   267  C "C1'"  . DA  A 1 9  ? -6.701  3.441   2.464   1.00 0.00 ? 9  DA  A "C1'"  1 
ATOM   268  N N9     . DA  A 1 9  ? -5.824  2.638   3.345   1.00 0.00 ? 9  DA  A N9     1 
ATOM   269  C C8     . DA  A 1 9  ? -5.106  3.063   4.437   1.00 0.00 ? 9  DA  A C8     1 
ATOM   270  N N7     . DA  A 1 9  ? -4.376  2.139   4.994   1.00 0.00 ? 9  DA  A N7     1 
ATOM   271  C C5     . DA  A 1 9  ? -4.609  1.022   4.201   1.00 0.00 ? 9  DA  A C5     1 
ATOM   272  C C6     . DA  A 1 9  ? -4.093  -0.288  4.231   1.00 0.00 ? 9  DA  A C6     1 
ATOM   273  N N6     . DA  A 1 9  ? -3.228  -0.688  5.167   1.00 0.00 ? 9  DA  A N6     1 
ATOM   274  N N1     . DA  A 1 9  ? -4.473  -1.154  3.269   1.00 0.00 ? 9  DA  A N1     1 
ATOM   275  C C2     . DA  A 1 9  ? -5.337  -0.742  2.343   1.00 0.00 ? 9  DA  A C2     1 
ATOM   276  N N3     . DA  A 1 9  ? -5.910  0.454   2.217   1.00 0.00 ? 9  DA  A N3     1 
ATOM   277  C C4     . DA  A 1 9  ? -5.489  1.312   3.188   1.00 0.00 ? 9  DA  A C4     1 
ATOM   278  H "H5'"  . DA  A 1 9  ? -5.280  6.998   1.317   1.00 0.00 ? 9  DA  A "H5'"  1 
ATOM   279  H "H5''" . DA  A 1 9  ? -6.868  7.693   1.698   1.00 0.00 ? 9  DA  A "H5''" 1 
ATOM   280  H "H4'"  . DA  A 1 9  ? -7.029  5.542   0.492   1.00 0.00 ? 9  DA  A "H4'"  1 
ATOM   281  H "H3'"  . DA  A 1 9  ? -8.455  6.193   2.895   1.00 0.00 ? 9  DA  A "H3'"  1 
ATOM   282  H "H2'"  . DA  A 1 9  ? -7.386  4.577   4.174   1.00 0.00 ? 9  DA  A "H2'"  1 
ATOM   283  H "H2''" . DA  A 1 9  ? -8.626  3.498   3.490   1.00 0.00 ? 9  DA  A "H2''" 1 
ATOM   284  H "H1'"  . DA  A 1 9  ? -7.156  2.831   1.682   1.00 0.00 ? 9  DA  A "H1'"  1 
ATOM   285  H H8     . DA  A 1 9  ? -5.138  4.078   4.806   1.00 0.00 ? 9  DA  A H8     1 
ATOM   286  H H61    . DA  A 1 9  ? -2.865  -1.631  5.164   1.00 0.00 ? 9  DA  A H61    1 
ATOM   287  H H62    . DA  A 1 9  ? -2.945  -0.040  5.888   1.00 0.00 ? 9  DA  A H62    1 
ATOM   288  H H2     . DA  A 1 9  ? -5.612  -1.476  1.600   1.00 0.00 ? 9  DA  A H2     1 
ATOM   289  P P      . DA  A 1 10 ? -10.679 4.625   1.803   1.00 0.00 ? 10 DA  A P      1 
ATOM   290  O OP1    . DA  A 1 10 ? -11.584 5.111   0.737   1.00 0.00 ? 10 DA  A OP1    1 
ATOM   291  O OP2    . DA  A 1 10 ? -10.899 5.048   3.204   1.00 0.00 ? 10 DA  A OP2    1 
ATOM   292  O "O5'"  . DA  A 1 10 ? -10.660 3.014   1.755   1.00 0.00 ? 10 DA  A "O5'"  1 
ATOM   293  C "C5'"  . DA  A 1 10 ? -10.486 2.325   0.531   1.00 0.00 ? 10 DA  A "C5'"  1 
ATOM   294  C "C4'"  . DA  A 1 10 ? -10.429 0.816   0.771   1.00 0.00 ? 10 DA  A "C4'"  1 
ATOM   295  O "O4'"  . DA  A 1 10 ? -9.332  0.512   1.617   1.00 0.00 ? 10 DA  A "O4'"  1 
ATOM   296  C "C3'"  . DA  A 1 10 ? -11.705 0.272   1.433   1.00 0.00 ? 10 DA  A "C3'"  1 
ATOM   297  O "O3'"  . DA  A 1 10 ? -12.221 -0.775  0.628   1.00 0.00 ? 10 DA  A "O3'"  1 
ATOM   298  C "C2'"  . DA  A 1 10 ? -11.193 -0.202  2.792   1.00 0.00 ? 10 DA  A "C2'"  1 
ATOM   299  C "C1'"  . DA  A 1 10 ? -9.732  -0.518  2.493   1.00 0.00 ? 10 DA  A "C1'"  1 
ATOM   300  N N9     . DA  A 1 10 ? -8.894  -0.487  3.713   1.00 0.00 ? 10 DA  A N9     1 
ATOM   301  C C8     . DA  A 1 10 ? -8.744  0.539   4.614   1.00 0.00 ? 10 DA  A C8     1 
ATOM   302  N N7     . DA  A 1 10 ? -7.878  0.305   5.559   1.00 0.00 ? 10 DA  A N7     1 
ATOM   303  C C5     . DA  A 1 10 ? -7.414  -0.969  5.262   1.00 0.00 ? 10 DA  A C5     1 
ATOM   304  C C6     . DA  A 1 10 ? -6.452  -1.798  5.872   1.00 0.00 ? 10 DA  A C6     1 
ATOM   305  N N6     . DA  A 1 10 ? -5.784  -1.427  6.969   1.00 0.00 ? 10 DA  A N6     1 
ATOM   306  N N1     . DA  A 1 10 ? -6.192  -2.999  5.318   1.00 0.00 ? 10 DA  A N1     1 
ATOM   307  C C2     . DA  A 1 10 ? -6.857  -3.360  4.223   1.00 0.00 ? 10 DA  A C2     1 
ATOM   308  N N3     . DA  A 1 10 ? -7.791  -2.677  3.562   1.00 0.00 ? 10 DA  A N3     1 
ATOM   309  C C4     . DA  A 1 10 ? -8.027  -1.467  4.140   1.00 0.00 ? 10 DA  A C4     1 
ATOM   310  H "H5'"  . DA  A 1 10 ? -9.555  2.638   0.057   1.00 0.00 ? 10 DA  A "H5'"  1 
ATOM   311  H "H5''" . DA  A 1 10 ? -11.317 2.547   -0.141  1.00 0.00 ? 10 DA  A "H5''" 1 
ATOM   312  H "H4'"  . DA  A 1 10 ? -10.272 0.319   -0.187  1.00 0.00 ? 10 DA  A "H4'"  1 
ATOM   313  H "H3'"  . DA  A 1 10 ? -12.461 1.050   1.552   1.00 0.00 ? 10 DA  A "H3'"  1 
ATOM   314  H "H2'"  . DA  A 1 10 ? -11.269 0.629   3.492   1.00 0.00 ? 10 DA  A "H2'"  1 
ATOM   315  H "H2''" . DA  A 1 10 ? -11.725 -1.063  3.188   1.00 0.00 ? 10 DA  A "H2''" 1 
ATOM   316  H "H1'"  . DA  A 1 10 ? -9.664  -1.480  1.982   1.00 0.00 ? 10 DA  A "H1'"  1 
ATOM   317  H H8     . DA  A 1 10 ? -9.293  1.466   4.547   1.00 0.00 ? 10 DA  A H8     1 
ATOM   318  H H61    . DA  A 1 10 ? -5.087  -2.036  7.375   1.00 0.00 ? 10 DA  A H61    1 
ATOM   319  H H62    . DA  A 1 10 ? -5.978  -0.529  7.388   1.00 0.00 ? 10 DA  A H62    1 
ATOM   320  H H2     . DA  A 1 10 ? -6.611  -4.331  3.824   1.00 0.00 ? 10 DA  A H2     1 
ATOM   321  P P      . DA  A 1 11 ? -13.546 -1.614  1.021   1.00 0.00 ? 11 DA  A P      1 
ATOM   322  O OP1    . DA  A 1 11 ? -14.252 -1.978  -0.227  1.00 0.00 ? 11 DA  A OP1    1 
ATOM   323  O OP2    . DA  A 1 11 ? -14.272 -0.895  2.093   1.00 0.00 ? 11 DA  A OP2    1 
ATOM   324  O "O5'"  . DA  A 1 11 ? -12.913 -2.955  1.653   1.00 0.00 ? 11 DA  A "O5'"  1 
ATOM   325  C "C5'"  . DA  A 1 11 ? -12.188 -3.864  0.847   1.00 0.00 ? 11 DA  A "C5'"  1 
ATOM   326  C "C4'"  . DA  A 1 11 ? -11.630 -5.006  1.697   1.00 0.00 ? 11 DA  A "C4'"  1 
ATOM   327  O "O4'"  . DA  A 1 11 ? -10.740 -4.483  2.671   1.00 0.00 ? 11 DA  A "O4'"  1 
ATOM   328  C "C3'"  . DA  A 1 11 ? -12.730 -5.791  2.430   1.00 0.00 ? 11 DA  A "C3'"  1 
ATOM   329  O "O3'"  . DA  A 1 11 ? -12.550 -7.173  2.169   1.00 0.00 ? 11 DA  A "O3'"  1 
ATOM   330  C "C2'"  . DA  A 1 11 ? -12.471 -5.417  3.887   1.00 0.00 ? 11 DA  A "C2'"  1 
ATOM   331  C "C1'"  . DA  A 1 11 ? -10.967 -5.169  3.883   1.00 0.00 ? 11 DA  A "C1'"  1 
ATOM   332  N N9     . DA  A 1 11 ? -10.533 -4.335  5.026   1.00 0.00 ? 11 DA  A N9     1 
ATOM   333  C C8     . DA  A 1 11 ? -11.018 -3.111  5.418   1.00 0.00 ? 11 DA  A C8     1 
ATOM   334  N N7     . DA  A 1 11 ? -10.402 -2.589  6.440   1.00 0.00 ? 11 DA  A N7     1 
ATOM   335  C C5     . DA  A 1 11 ? -9.434  -3.535  6.751   1.00 0.00 ? 11 DA  A C5     1 
ATOM   336  C C6     . DA  A 1 11 ? -8.432  -3.582  7.739   1.00 0.00 ? 11 DA  A C6     1 
ATOM   337  N N6     . DA  A 1 11 ? -8.268  -2.600  8.631   1.00 0.00 ? 11 DA  A N6     1 
ATOM   338  N N1     . DA  A 1 11 ? -7.613  -4.651  7.777   1.00 0.00 ? 11 DA  A N1     1 
ATOM   339  C C2     . DA  A 1 11 ? -7.784  -5.624  6.884   1.00 0.00 ? 11 DA  A C2     1 
ATOM   340  N N3     . DA  A 1 11 ? -8.694  -5.703  5.914   1.00 0.00 ? 11 DA  A N3     1 
ATOM   341  C C4     . DA  A 1 11 ? -9.502  -4.607  5.896   1.00 0.00 ? 11 DA  A C4     1 
ATOM   342  H "H5'"  . DA  A 1 11 ? -11.356 -3.350  0.363   1.00 0.00 ? 11 DA  A "H5'"  1 
ATOM   343  H "H5''" . DA  A 1 11 ? -12.840 -4.279  0.077   1.00 0.00 ? 11 DA  A "H5''" 1 
ATOM   344  H "H4'"  . DA  A 1 11 ? -11.071 -5.679  1.045   1.00 0.00 ? 11 DA  A "H4'"  1 
ATOM   345  H "H3'"  . DA  A 1 11 ? -13.729 -5.482  2.116   1.00 0.00 ? 11 DA  A "H3'"  1 
ATOM   346  H "H2'"  . DA  A 1 11 ? -13.013 -4.497  4.105   1.00 0.00 ? 11 DA  A "H2'"  1 
ATOM   347  H "H2''" . DA  A 1 11 ? -12.759 -6.189  4.597   1.00 0.00 ? 11 DA  A "H2''" 1 
ATOM   348  H "H1'"  . DA  A 1 11 ? -10.441 -6.125  3.863   1.00 0.00 ? 11 DA  A "H1'"  1 
ATOM   349  H H8     . DA  A 1 11 ? -11.840 -2.617  4.924   1.00 0.00 ? 11 DA  A H8     1 
ATOM   350  H H61    . DA  A 1 11 ? -7.538  -2.654  9.326   1.00 0.00 ? 11 DA  A H61    1 
ATOM   351  H H62    . DA  A 1 11 ? -8.882  -1.799  8.605   1.00 0.00 ? 11 DA  A H62    1 
ATOM   352  H H2     . DA  A 1 11 ? -7.106  -6.460  6.964   1.00 0.00 ? 11 DA  A H2     1 
ATOM   353  P P      . DA  A 1 12 ? -13.508 -8.318  2.791   1.00 0.00 ? 12 DA  A P      1 
ATOM   354  O OP1    . DA  A 1 12 ? -13.754 -9.335  1.744   1.00 0.00 ? 12 DA  A OP1    1 
ATOM   355  O OP2    . DA  A 1 12 ? -14.652 -7.674  3.473   1.00 0.00 ? 12 DA  A OP2    1 
ATOM   356  O "O5'"  . DA  A 1 12 ? -12.551 -8.971  3.914   1.00 0.00 ? 12 DA  A "O5'"  1 
ATOM   357  C "C5'"  . DA  A 1 12 ? -11.385 -9.684  3.548   1.00 0.00 ? 12 DA  A "C5'"  1 
ATOM   358  C "C4'"  . DA  A 1 12 ? -10.628 -10.167 4.787   1.00 0.00 ? 12 DA  A "C4'"  1 
ATOM   359  O "O4'"  . DA  A 1 12 ? -10.234 -9.047  5.564   1.00 0.00 ? 12 DA  A "O4'"  1 
ATOM   360  C "C3'"  . DA  A 1 12 ? -11.477 -11.090 5.674   1.00 0.00 ? 12 DA  A "C3'"  1 
ATOM   361  O "O3'"  . DA  A 1 12 ? -10.681 -12.200 6.057   1.00 0.00 ? 12 DA  A "O3'"  1 
ATOM   362  C "C2'"  . DA  A 1 12 ? -11.821 -10.171 6.842   1.00 0.00 ? 12 DA  A "C2'"  1 
ATOM   363  C "C1'"  . DA  A 1 12 ? -10.578 -9.288  6.913   1.00 0.00 ? 12 DA  A "C1'"  1 
ATOM   364  N N9     . DA  A 1 12 ? -10.843 -8.002  7.595   1.00 0.00 ? 12 DA  A N9     1 
ATOM   365  C C8     . DA  A 1 12 ? -11.836 -7.092  7.329   1.00 0.00 ? 12 DA  A C8     1 
ATOM   366  N N7     . DA  A 1 12 ? -11.790 -6.013  8.056   1.00 0.00 ? 12 DA  A N7     1 
ATOM   367  C C5     . DA  A 1 12 ? -10.685 -6.219  8.870   1.00 0.00 ? 12 DA  A C5     1 
ATOM   368  C C6     . DA  A 1 12 ? -10.085 -5.438  9.875   1.00 0.00 ? 12 DA  A C6     1 
ATOM   369  N N6     . DA  A 1 12 ? -10.552 -4.232  10.206  1.00 0.00 ? 12 DA  A N6     1 
ATOM   370  N N1     . DA  A 1 12 ? -8.995  -5.919  10.504  1.00 0.00 ? 12 DA  A N1     1 
ATOM   371  C C2     . DA  A 1 12 ? -8.524  -7.113  10.147  1.00 0.00 ? 12 DA  A C2     1 
ATOM   372  N N3     . DA  A 1 12 ? -8.996  -7.945  9.219   1.00 0.00 ? 12 DA  A N3     1 
ATOM   373  C C4     . DA  A 1 12 ? -10.097 -7.431  8.602   1.00 0.00 ? 12 DA  A C4     1 
ATOM   374  H "H5'"  . DA  A 1 12 ? -10.726 -9.039  2.964   1.00 0.00 ? 12 DA  A "H5'"  1 
ATOM   375  H "H5''" . DA  A 1 12 ? -11.656 -10.550 2.941   1.00 0.00 ? 12 DA  A "H5''" 1 
ATOM   376  H "H4'"  . DA  A 1 12 ? -9.734  -10.697 4.453   1.00 0.00 ? 12 DA  A "H4'"  1 
ATOM   377  H "H3'"  . DA  A 1 12 ? -12.375 -11.436 5.160   1.00 0.00 ? 12 DA  A "H3'"  1 
ATOM   378  H "H2'"  . DA  A 1 12 ? -12.699 -9.586  6.571   1.00 0.00 ? 12 DA  A "H2'"  1 
ATOM   379  H "H2''" . DA  A 1 12 ? -12.010 -10.698 7.774   1.00 0.00 ? 12 DA  A "H2''" 1 
ATOM   380  H "H1'"  . DA  A 1 12 ? -9.771  -9.840  7.399   1.00 0.00 ? 12 DA  A "H1'"  1 
ATOM   381  H H8     . DA  A 1 12 ? -12.597 -7.255  6.581   1.00 0.00 ? 12 DA  A H8     1 
ATOM   382  H H61    . DA  A 1 12 ? -10.097 -3.687  10.924  1.00 0.00 ? 12 DA  A H61    1 
ATOM   383  H H62    . DA  A 1 12 ? -11.365 -3.866  9.730   1.00 0.00 ? 12 DA  A H62    1 
ATOM   384  H H2     . DA  A 1 12 ? -7.651  -7.454  10.684  1.00 0.00 ? 12 DA  A H2     1 
ATOM   385  P P      . DC  A 1 13 ? -11.228 -13.389 7.008   1.00 0.00 ? 13 DC  A P      1 
ATOM   386  O OP1    . DC  A 1 13 ? -10.720 -14.675 6.480   1.00 0.00 ? 13 DC  A OP1    1 
ATOM   387  O OP2    . DC  A 1 13 ? -12.680 -13.206 7.224   1.00 0.00 ? 13 DC  A OP2    1 
ATOM   388  O "O5'"  . DC  A 1 13 ? -10.468 -13.077 8.396   1.00 0.00 ? 13 DC  A "O5'"  1 
ATOM   389  C "C5'"  . DC  A 1 13 ? -9.062  -13.216 8.502   1.00 0.00 ? 13 DC  A "C5'"  1 
ATOM   390  C "C4'"  . DC  A 1 13 ? -8.589  -12.807 9.898   1.00 0.00 ? 13 DC  A "C4'"  1 
ATOM   391  O "O4'"  . DC  A 1 13 ? -8.938  -11.453 10.128  1.00 0.00 ? 13 DC  A "O4'"  1 
ATOM   392  C "C3'"  . DC  A 1 13 ? -9.219  -13.662 11.007  1.00 0.00 ? 13 DC  A "C3'"  1 
ATOM   393  O "O3'"  . DC  A 1 13 ? -8.193  -14.206 11.822  1.00 0.00 ? 13 DC  A "O3'"  1 
ATOM   394  C "C2'"  . DC  A 1 13 ? -10.093 -12.653 11.749  1.00 0.00 ? 13 DC  A "C2'"  1 
ATOM   395  C "C1'"  . DC  A 1 13 ? -9.402  -11.323 11.455  1.00 0.00 ? 13 DC  A "C1'"  1 
ATOM   396  N N1     . DC  A 1 13 ? -10.334 -10.163 11.545  1.00 0.00 ? 13 DC  A N1     1 
ATOM   397  C C2     . DC  A 1 13 ? -10.078 -9.132  12.454  1.00 0.00 ? 13 DC  A C2     1 
ATOM   398  O O2     . DC  A 1 13 ? -9.152  -9.200  13.258  1.00 0.00 ? 13 DC  A O2     1 
ATOM   399  N N3     . DC  A 1 13 ? -10.886 -8.030  12.434  1.00 0.00 ? 13 DC  A N3     1 
ATOM   400  C C4     . DC  A 1 13 ? -11.920 -7.942  11.582  1.00 0.00 ? 13 DC  A C4     1 
ATOM   401  N N4     . DC  A 1 13 ? -12.666 -6.834  11.575  1.00 0.00 ? 13 DC  A N4     1 
ATOM   402  C C5     . DC  A 1 13 ? -12.214 -8.998  10.657  1.00 0.00 ? 13 DC  A C5     1 
ATOM   403  C C6     . DC  A 1 13 ? -11.395 -10.075 10.677  1.00 0.00 ? 13 DC  A C6     1 
ATOM   404  H "H5'"  . DC  A 1 13 ? -8.572  -12.578 7.764   1.00 0.00 ? 13 DC  A "H5'"  1 
ATOM   405  H "H5''" . DC  A 1 13 ? -8.776  -14.253 8.320   1.00 0.00 ? 13 DC  A "H5''" 1 
ATOM   406  H "H4'"  . DC  A 1 13 ? -7.502  -12.897 9.938   1.00 0.00 ? 13 DC  A "H4'"  1 
ATOM   407  H "H3'"  . DC  A 1 13 ? -9.825  -14.468 10.590  1.00 0.00 ? 13 DC  A "H3'"  1 
ATOM   408  H "H2'"  . DC  A 1 13 ? -11.095 -12.686 11.320  1.00 0.00 ? 13 DC  A "H2'"  1 
ATOM   409  H "H2''" . DC  A 1 13 ? -10.147 -12.847 12.815  1.00 0.00 ? 13 DC  A "H2''" 1 
ATOM   410  H "H1'"  . DC  A 1 13 ? -8.534  -11.233 12.109  1.00 0.00 ? 13 DC  A "H1'"  1 
ATOM   411  H H41    . DC  A 1 13 ? -12.441 -6.070  12.195  1.00 0.00 ? 13 DC  A H41    1 
ATOM   412  H H42    . DC  A 1 13 ? -13.429 -6.745  10.922  1.00 0.00 ? 13 DC  A H42    1 
ATOM   413  H H5     . DC  A 1 13 ? -13.034 -8.964  9.953   1.00 0.00 ? 13 DC  A H5     1 
ATOM   414  H H6     . DC  A 1 13 ? -11.578 -10.882 9.985   1.00 0.00 ? 13 DC  A H6     1 
ATOM   415  P P      . DG  A 1 14 ? -8.496  -15.210 13.056  1.00 0.00 ? 14 DG  A P      1 
ATOM   416  O OP1    . DG  A 1 14 ? -7.378  -16.173 13.157  1.00 0.00 ? 14 DG  A OP1    1 
ATOM   417  O OP2    . DG  A 1 14 ? -9.885  -15.709 12.938  1.00 0.00 ? 14 DG  A OP2    1 
ATOM   418  O "O5'"  . DG  A 1 14 ? -8.429  -14.229 14.333  1.00 0.00 ? 14 DG  A "O5'"  1 
ATOM   419  C "C5'"  . DG  A 1 14 ? -7.205  -13.654 14.751  1.00 0.00 ? 14 DG  A "C5'"  1 
ATOM   420  C "C4'"  . DG  A 1 14 ? -7.437  -12.719 15.942  1.00 0.00 ? 14 DG  A "C4'"  1 
ATOM   421  O "O4'"  . DG  A 1 14 ? -8.321  -11.683 15.546  1.00 0.00 ? 14 DG  A "O4'"  1 
ATOM   422  C "C3'"  . DG  A 1 14 ? -8.073  -13.440 17.140  1.00 0.00 ? 14 DG  A "C3'"  1 
ATOM   423  O "O3'"  . DG  A 1 14 ? -7.487  -12.990 18.344  1.00 0.00 ? 14 DG  A "O3'"  1 
ATOM   424  C "C2'"  . DG  A 1 14 ? -9.524  -12.985 17.075  1.00 0.00 ? 14 DG  A "C2'"  1 
ATOM   425  C "C1'"  . DG  A 1 14 ? -9.348  -11.576 16.511  1.00 0.00 ? 14 DG  A "C1'"  1 
ATOM   426  N N9     . DG  A 1 14 ? -10.572 -11.036 15.878  1.00 0.00 ? 14 DG  A N9     1 
ATOM   427  C C8     . DG  A 1 14 ? -11.416 -11.640 14.978  1.00 0.00 ? 14 DG  A C8     1 
ATOM   428  N N7     . DG  A 1 14 ? -12.340 -10.858 14.499  1.00 0.00 ? 14 DG  A N7     1 
ATOM   429  C C5     . DG  A 1 14 ? -12.113 -9.648  15.143  1.00 0.00 ? 14 DG  A C5     1 
ATOM   430  C C6     . DG  A 1 14 ? -12.810 -8.408  15.031  1.00 0.00 ? 14 DG  A C6     1 
ATOM   431  O O6     . DG  A 1 14 ? -13.755 -8.137  14.294  1.00 0.00 ? 14 DG  A O6     1 
ATOM   432  N N1     . DG  A 1 14 ? -12.309 -7.436  15.893  1.00 0.00 ? 14 DG  A N1     1 
ATOM   433  C C2     . DG  A 1 14 ? -11.252 -7.634  16.761  1.00 0.00 ? 14 DG  A C2     1 
ATOM   434  N N2     . DG  A 1 14 ? -10.917 -6.611  17.555  1.00 0.00 ? 14 DG  A N2     1 
ATOM   435  N N3     . DG  A 1 14 ? -10.571 -8.788  16.842  1.00 0.00 ? 14 DG  A N3     1 
ATOM   436  C C4     . DG  A 1 14 ? -11.051 -9.754  16.010  1.00 0.00 ? 14 DG  A C4     1 
ATOM   437  H "H5'"  . DG  A 1 14 ? -6.771  -13.079 13.932  1.00 0.00 ? 14 DG  A "H5'"  1 
ATOM   438  H "H5''" . DG  A 1 14 ? -6.506  -14.438 15.043  1.00 0.00 ? 14 DG  A "H5''" 1 
ATOM   439  H "H4'"  . DG  A 1 14 ? -6.479  -12.287 16.235  1.00 0.00 ? 14 DG  A "H4'"  1 
ATOM   440  H "H3'"  . DG  A 1 14 ? -7.985  -14.526 17.072  1.00 0.00 ? 14 DG  A "H3'"  1 
ATOM   441  H "HO3'" . DG  A 1 14 ? -7.938  -13.409 19.080  1.00 0.00 ? 14 DG  A "HO3'" 1 
ATOM   442  H "H2'"  . DG  A 1 14 ? -10.066 -13.626 16.380  1.00 0.00 ? 14 DG  A "H2'"  1 
ATOM   443  H "H2''" . DG  A 1 14 ? -10.011 -12.986 18.050  1.00 0.00 ? 14 DG  A "H2''" 1 
ATOM   444  H "H1'"  . DG  A 1 14 ? -9.004  -10.920 17.312  1.00 0.00 ? 14 DG  A "H1'"  1 
ATOM   445  H H8     . DG  A 1 14 ? -11.324 -12.674 14.684  1.00 0.00 ? 14 DG  A H8     1 
ATOM   446  H H1     . DG  A 1 14 ? -12.758 -6.530  15.881  1.00 0.00 ? 14 DG  A H1     1 
ATOM   447  H H21    . DG  A 1 14 ? -11.416 -5.733  17.496  1.00 0.00 ? 14 DG  A H21    1 
ATOM   448  H H22    . DG  A 1 14 ? -10.140 -6.705  18.191  1.00 0.00 ? 14 DG  A H22    1 
ATOM   449  O "O5'"  . DC  B 2 1  ? -17.314 -0.040  18.348  1.00 0.00 ? 15 DC  B "O5'"  1 
ATOM   450  C "C5'"  . DC  B 2 1  ? -16.990 -0.236  19.710  1.00 0.00 ? 15 DC  B "C5'"  1 
ATOM   451  C "C4'"  . DC  B 2 1  ? -15.556 -0.756  19.852  1.00 0.00 ? 15 DC  B "C4'"  1 
ATOM   452  O "O4'"  . DC  B 2 1  ? -15.437 -1.999  19.177  1.00 0.00 ? 15 DC  B "O4'"  1 
ATOM   453  C "C3'"  . DC  B 2 1  ? -14.512 0.207   19.266  1.00 0.00 ? 15 DC  B "C3'"  1 
ATOM   454  O "O3'"  . DC  B 2 1  ? -13.511 0.446   20.242  1.00 0.00 ? 15 DC  B "O3'"  1 
ATOM   455  C "C2'"  . DC  B 2 1  ? -13.993 -0.566  18.054  1.00 0.00 ? 15 DC  B "C2'"  1 
ATOM   456  C "C1'"  . DC  B 2 1  ? -14.210 -2.017  18.475  1.00 0.00 ? 15 DC  B "C1'"  1 
ATOM   457  N N1     . DC  B 2 1  ? -14.307 -2.922  17.295  1.00 0.00 ? 15 DC  B N1     1 
ATOM   458  C C2     . DC  B 2 1  ? -13.336 -3.910  17.097  1.00 0.00 ? 15 DC  B C2     1 
ATOM   459  O O2     . DC  B 2 1  ? -12.403 -4.058  17.882  1.00 0.00 ? 15 DC  B O2     1 
ATOM   460  N N3     . DC  B 2 1  ? -13.446 -4.723  16.006  1.00 0.00 ? 15 DC  B N3     1 
ATOM   461  C C4     . DC  B 2 1  ? -14.452 -4.580  15.129  1.00 0.00 ? 15 DC  B C4     1 
ATOM   462  N N4     . DC  B 2 1  ? -14.521 -5.404  14.080  1.00 0.00 ? 15 DC  B N4     1 
ATOM   463  C C5     . DC  B 2 1  ? -15.472 -3.589  15.324  1.00 0.00 ? 15 DC  B C5     1 
ATOM   464  C C6     . DC  B 2 1  ? -15.355 -2.796  16.414  1.00 0.00 ? 15 DC  B C6     1 
ATOM   465  H "H5'"  . DC  B 2 1  ? -17.683 -0.960  20.139  1.00 0.00 ? 15 DC  B "H5'"  1 
ATOM   466  H "H5''" . DC  B 2 1  ? -17.091 0.710   20.242  1.00 0.00 ? 15 DC  B "H5''" 1 
ATOM   467  H "H4'"  . DC  B 2 1  ? -15.352 -0.916  20.913  1.00 0.00 ? 15 DC  B "H4'"  1 
ATOM   468  H "H3'"  . DC  B 2 1  ? -14.963 1.152   18.962  1.00 0.00 ? 15 DC  B "H3'"  1 
ATOM   469  H "H2'"  . DC  B 2 1  ? -14.614 -0.311  17.195  1.00 0.00 ? 15 DC  B "H2'"  1 
ATOM   470  H "H2''" . DC  B 2 1  ? -12.950 -0.367  17.818  1.00 0.00 ? 15 DC  B "H2''" 1 
ATOM   471  H "H1'"  . DC  B 2 1  ? -13.424 -2.298  19.176  1.00 0.00 ? 15 DC  B "H1'"  1 
ATOM   472  H H41    . DC  B 2 1  ? -13.845 -6.149  13.976  1.00 0.00 ? 15 DC  B H41    1 
ATOM   473  H H42    . DC  B 2 1  ? -15.271 -5.311  13.413  1.00 0.00 ? 15 DC  B H42    1 
ATOM   474  H H5     . DC  B 2 1  ? -16.312 -3.459  14.656  1.00 0.00 ? 15 DC  B H5     1 
ATOM   475  H H6     . DC  B 2 1  ? -16.112 -2.045  16.593  1.00 0.00 ? 15 DC  B H6     1 
ATOM   476  H "HO5'" . DC  B 2 1  ? -18.220 0.274   18.293  1.00 0.00 ? 15 DC  B "HO5'" 1 
ATOM   477  P P      . DG  B 2 2  ? -12.245 1.419   19.977  1.00 0.00 ? 16 DG  B P      1 
ATOM   478  O OP1    . DG  B 2 2  ? -11.883 2.063   21.258  1.00 0.00 ? 16 DG  B OP1    1 
ATOM   479  O OP2    . DG  B 2 2  ? -12.528 2.253   18.788  1.00 0.00 ? 16 DG  B OP2    1 
ATOM   480  O "O5'"  . DG  B 2 2  ? -11.086 0.366   19.594  1.00 0.00 ? 16 DG  B "O5'"  1 
ATOM   481  C "C5'"  . DG  B 2 2  ? -10.599 -0.553  20.553  1.00 0.00 ? 16 DG  B "C5'"  1 
ATOM   482  C "C4'"  . DG  B 2 2  ? -9.595  -1.518  19.917  1.00 0.00 ? 16 DG  B "C4'"  1 
ATOM   483  O "O4'"  . DG  B 2 2  ? -10.213 -2.212  18.847  1.00 0.00 ? 16 DG  B "O4'"  1 
ATOM   484  C "C3'"  . DG  B 2 2  ? -8.342  -0.820  19.368  1.00 0.00 ? 16 DG  B "C3'"  1 
ATOM   485  O "O3'"  . DG  B 2 2  ? -7.208  -1.459  19.933  1.00 0.00 ? 16 DG  B "O3'"  1 
ATOM   486  C "C2'"  . DG  B 2 2  ? -8.481  -1.035  17.861  1.00 0.00 ? 16 DG  B "C2'"  1 
ATOM   487  C "C1'"  . DG  B 2 2  ? -9.273  -2.336  17.800  1.00 0.00 ? 16 DG  B "C1'"  1 
ATOM   488  N N9     . DG  B 2 2  ? -9.984  -2.500  16.512  1.00 0.00 ? 16 DG  B N9     1 
ATOM   489  C C8     . DG  B 2 2  ? -10.899 -1.652  15.937  1.00 0.00 ? 16 DG  B C8     1 
ATOM   490  N N7     . DG  B 2 2  ? -11.449 -2.113  14.850  1.00 0.00 ? 16 DG  B N7     1 
ATOM   491  C C5     . DG  B 2 2  ? -10.854 -3.357  14.681  1.00 0.00 ? 16 DG  B C5     1 
ATOM   492  C C6     . DG  B 2 2  ? -11.088 -4.349  13.685  1.00 0.00 ? 16 DG  B C6     1 
ATOM   493  O O6     . DG  B 2 2  ? -11.893 -4.306  12.760  1.00 0.00 ? 16 DG  B O6     1 
ATOM   494  N N1     . DG  B 2 2  ? -10.287 -5.477  13.853  1.00 0.00 ? 16 DG  B N1     1 
ATOM   495  C C2     . DG  B 2 2  ? -9.378  -5.636  14.883  1.00 0.00 ? 16 DG  B C2     1 
ATOM   496  N N2     . DG  B 2 2  ? -8.691  -6.782  14.914  1.00 0.00 ? 16 DG  B N2     1 
ATOM   497  N N3     . DG  B 2 2  ? -9.178  -4.714  15.838  1.00 0.00 ? 16 DG  B N3     1 
ATOM   498  C C4     . DG  B 2 2  ? -9.945  -3.600  15.684  1.00 0.00 ? 16 DG  B C4     1 
ATOM   499  H "H5'"  . DG  B 2 2  ? -11.428 -1.135  20.957  1.00 0.00 ? 16 DG  B "H5'"  1 
ATOM   500  H "H5''" . DG  B 2 2  ? -10.113 -0.018  21.370  1.00 0.00 ? 16 DG  B "H5''" 1 
ATOM   501  H "H4'"  . DG  B 2 2  ? -9.304  -2.249  20.673  1.00 0.00 ? 16 DG  B "H4'"  1 
ATOM   502  H "H3'"  . DG  B 2 2  ? -8.328  0.245   19.609  1.00 0.00 ? 16 DG  B "H3'"  1 
ATOM   503  H "H2'"  . DG  B 2 2  ? -9.069  -0.214  17.452  1.00 0.00 ? 16 DG  B "H2'"  1 
ATOM   504  H "H2''" . DG  B 2 2  ? -7.534  -1.107  17.330  1.00 0.00 ? 16 DG  B "H2''" 1 
ATOM   505  H "H1'"  . DG  B 2 2  ? -8.611  -3.178  18.004  1.00 0.00 ? 16 DG  B "H1'"  1 
ATOM   506  H H8     . DG  B 2 2  ? -11.153 -0.690  16.353  1.00 0.00 ? 16 DG  B H8     1 
ATOM   507  H H1     . DG  B 2 2  ? -10.401 -6.233  13.187  1.00 0.00 ? 16 DG  B H1     1 
ATOM   508  H H21    . DG  B 2 2  ? -8.846  -7.494  14.211  1.00 0.00 ? 16 DG  B H21    1 
ATOM   509  H H22    . DG  B 2 2  ? -8.018  -6.941  15.649  1.00 0.00 ? 16 DG  B H22    1 
ATOM   510  P P      . DT  B 2 3  ? -5.689  -1.085  19.530  1.00 0.00 ? 17 DT  B P      1 
ATOM   511  O OP1    . DT  B 2 3  ? -4.833  -1.284  20.720  1.00 0.00 ? 17 DT  B OP1    1 
ATOM   512  O OP2    . DT  B 2 3  ? -5.685  0.217   18.828  1.00 0.00 ? 17 DT  B OP2    1 
ATOM   513  O "O5'"  . DT  B 2 3  ? -5.350  -2.243  18.460  1.00 0.00 ? 17 DT  B "O5'"  1 
ATOM   514  C "C5'"  . DT  B 2 3  ? -5.284  -3.600  18.859  1.00 0.00 ? 17 DT  B "C5'"  1 
ATOM   515  C "C4'"  . DT  B 2 3  ? -5.018  -4.503  17.653  1.00 0.00 ? 17 DT  B "C4'"  1 
ATOM   516  O "O4'"  . DT  B 2 3  ? -6.056  -4.365  16.700  1.00 0.00 ? 17 DT  B "O4'"  1 
ATOM   517  C "C3'"  . DT  B 2 3  ? -3.688  -4.191  16.949  1.00 0.00 ? 17 DT  B "C3'"  1 
ATOM   518  O "O3'"  . DT  B 2 3  ? -2.845  -5.328  17.055  1.00 0.00 ? 17 DT  B "O3'"  1 
ATOM   519  C "C2'"  . DT  B 2 3  ? -4.130  -3.885  15.516  1.00 0.00 ? 17 DT  B "C2'"  1 
ATOM   520  C "C1'"  . DT  B 2 3  ? -5.489  -4.573  15.423  1.00 0.00 ? 17 DT  B "C1'"  1 
ATOM   521  N N1     . DT  B 2 3  ? -6.349  -3.967  14.369  1.00 0.00 ? 17 DT  B N1     1 
ATOM   522  C C2     . DT  B 2 3  ? -6.694  -4.726  13.250  1.00 0.00 ? 17 DT  B C2     1 
ATOM   523  O O2     . DT  B 2 3  ? -6.301  -5.875  13.062  1.00 0.00 ? 17 DT  B O2     1 
ATOM   524  N N3     . DT  B 2 3  ? -7.537  -4.115  12.330  1.00 0.00 ? 17 DT  B N3     1 
ATOM   525  C C4     . DT  B 2 3  ? -8.048  -2.828  12.425  1.00 0.00 ? 17 DT  B C4     1 
ATOM   526  O O4     . DT  B 2 3  ? -8.781  -2.387  11.544  1.00 0.00 ? 17 DT  B O4     1 
ATOM   527  C C5     . DT  B 2 3  ? -7.647  -2.108  13.617  1.00 0.00 ? 17 DT  B C5     1 
ATOM   528  C C7     . DT  B 2 3  ? -8.147  -0.693  13.837  1.00 0.00 ? 17 DT  B C7     1 
ATOM   529  C C6     . DT  B 2 3  ? -6.828  -2.686  14.528  1.00 0.00 ? 17 DT  B C6     1 
ATOM   530  H "H5'"  . DT  B 2 3  ? -6.230  -3.899  19.315  1.00 0.00 ? 17 DT  B "H5'"  1 
ATOM   531  H "H5''" . DT  B 2 3  ? -4.483  -3.734  19.587  1.00 0.00 ? 17 DT  B "H5''" 1 
ATOM   532  H "H4'"  . DT  B 2 3  ? -5.015  -5.540  17.991  1.00 0.00 ? 17 DT  B "H4'"  1 
ATOM   533  H "H3'"  . DT  B 2 3  ? -3.195  -3.323  17.387  1.00 0.00 ? 17 DT  B "H3'"  1 
ATOM   534  H "H2'"  . DT  B 2 3  ? -4.240  -2.805  15.418  1.00 0.00 ? 17 DT  B "H2'"  1 
ATOM   535  H "H2''" . DT  B 2 3  ? -3.442  -4.250  14.759  1.00 0.00 ? 17 DT  B "H2''" 1 
ATOM   536  H "H1'"  . DT  B 2 3  ? -5.338  -5.645  15.289  1.00 0.00 ? 17 DT  B "H1'"  1 
ATOM   537  H H3     . DT  B 2 3  ? -7.830  -4.672  11.536  1.00 0.00 ? 17 DT  B H3     1 
ATOM   538  H H71    . DT  B 2 3  ? -7.542  -0.002  13.251  1.00 0.00 ? 17 DT  B H71    1 
ATOM   539  H H72    . DT  B 2 3  ? -9.187  -0.614  13.516  1.00 0.00 ? 17 DT  B H72    1 
ATOM   540  H H73    . DT  B 2 3  ? -8.087  -0.417  14.890  1.00 0.00 ? 17 DT  B H73    1 
ATOM   541  H H6     . DT  B 2 3  ? -6.541  -2.130  15.409  1.00 0.00 ? 17 DT  B H6     1 
ATOM   542  P P      . DT  B 2 4  ? -1.364  -5.388  16.408  1.00 0.00 ? 18 DT  B P      1 
ATOM   543  O OP1    . DT  B 2 4  ? -0.534  -6.288  17.238  1.00 0.00 ? 18 DT  B OP1    1 
ATOM   544  O OP2    . DT  B 2 4  ? -0.907  -4.008  16.132  1.00 0.00 ? 18 DT  B OP2    1 
ATOM   545  O "O5'"  . DT  B 2 4  ? -1.646  -6.119  14.999  1.00 0.00 ? 18 DT  B "O5'"  1 
ATOM   546  C "C5'"  . DT  B 2 4  ? -2.101  -7.458  14.952  1.00 0.00 ? 18 DT  B "C5'"  1 
ATOM   547  C "C4'"  . DT  B 2 4  ? -2.461  -7.846  13.518  1.00 0.00 ? 18 DT  B "C4'"  1 
ATOM   548  O "O4'"  . DT  B 2 4  ? -3.444  -6.959  13.014  1.00 0.00 ? 18 DT  B "O4'"  1 
ATOM   549  C "C3'"  . DT  B 2 4  ? -1.264  -7.815  12.555  1.00 0.00 ? 18 DT  B "C3'"  1 
ATOM   550  O "O3'"  . DT  B 2 4  ? -1.046  -9.130  12.070  1.00 0.00 ? 18 DT  B "O3'"  1 
ATOM   551  C "C2'"  . DT  B 2 4  ? -1.721  -6.828  11.479  1.00 0.00 ? 18 DT  B "C2'"  1 
ATOM   552  C "C1'"  . DT  B 2 4  ? -3.241  -6.842  11.622  1.00 0.00 ? 18 DT  B "C1'"  1 
ATOM   553  N N1     . DT  B 2 4  ? -3.864  -5.586  11.118  1.00 0.00 ? 18 DT  B N1     1 
ATOM   554  C C2     . DT  B 2 4  ? -4.764  -5.648  10.051  1.00 0.00 ? 18 DT  B C2     1 
ATOM   555  O O2     . DT  B 2 4  ? -5.044  -6.688  9.460   1.00 0.00 ? 18 DT  B O2     1 
ATOM   556  N N3     . DT  B 2 4  ? -5.347  -4.446  9.670   1.00 0.00 ? 18 DT  B N3     1 
ATOM   557  C C4     . DT  B 2 4  ? -5.117  -3.208  10.255  1.00 0.00 ? 18 DT  B C4     1 
ATOM   558  O O4     . DT  B 2 4  ? -5.697  -2.208  9.841   1.00 0.00 ? 18 DT  B O4     1 
ATOM   559  C C5     . DT  B 2 4  ? -4.175  -3.229  11.357  1.00 0.00 ? 18 DT  B C5     1 
ATOM   560  C C7     . DT  B 2 4  ? -3.857  -1.940  12.089  1.00 0.00 ? 18 DT  B C7     1 
ATOM   561  C C6     . DT  B 2 4  ? -3.595  -4.392  11.744  1.00 0.00 ? 18 DT  B C6     1 
ATOM   562  H "H5'"  . DT  B 2 4  ? -2.993  -7.567  15.571  1.00 0.00 ? 18 DT  B "H5'"  1 
ATOM   563  H "H5''" . DT  B 2 4  ? -1.326  -8.129  15.326  1.00 0.00 ? 18 DT  B "H5''" 1 
ATOM   564  H "H4'"  . DT  B 2 4  ? -2.891  -8.850  13.527  1.00 0.00 ? 18 DT  B "H4'"  1 
ATOM   565  H "H3'"  . DT  B 2 4  ? -0.361  -7.446  13.048  1.00 0.00 ? 18 DT  B "H3'"  1 
ATOM   566  H "H2'"  . DT  B 2 4  ? -1.315  -5.846  11.727  1.00 0.00 ? 18 DT  B "H2'"  1 
ATOM   567  H "H2''" . DT  B 2 4  ? -1.411  -7.098  10.475  1.00 0.00 ? 18 DT  B "H2''" 1 
ATOM   568  H "H1'"  . DT  B 2 4  ? -3.632  -7.739  11.142  1.00 0.00 ? 18 DT  B "H1'"  1 
ATOM   569  H H3     . DT  B 2 4  ? -6.015  -4.484  8.910   1.00 0.00 ? 18 DT  B H3     1 
ATOM   570  H H71    . DT  B 2 4  ? -2.963  -2.049  12.703  1.00 0.00 ? 18 DT  B H71    1 
ATOM   571  H H72    . DT  B 2 4  ? -3.690  -1.141  11.366  1.00 0.00 ? 18 DT  B H72    1 
ATOM   572  H H73    . DT  B 2 4  ? -4.698  -1.671  12.727  1.00 0.00 ? 18 DT  B H73    1 
ATOM   573  H H6     . DT  B 2 4  ? -2.897  -4.382  12.566  1.00 0.00 ? 18 DT  B H6     1 
ATOM   574  P P      . DT  B 2 5  ? 0.084   -9.489  10.971  1.00 0.00 ? 19 DT  B P      1 
ATOM   575  O OP1    . DT  B 2 5  ? 0.525   -10.883 11.198  1.00 0.00 ? 19 DT  B OP1    1 
ATOM   576  O OP2    . DT  B 2 5  ? 1.082   -8.396  10.936  1.00 0.00 ? 19 DT  B OP2    1 
ATOM   577  O "O5'"  . DT  B 2 5  ? -0.763  -9.445  9.599   1.00 0.00 ? 19 DT  B "O5'"  1 
ATOM   578  C "C5'"  . DT  B 2 5  ? -1.821  -10.356 9.366   1.00 0.00 ? 19 DT  B "C5'"  1 
ATOM   579  C "C4'"  . DT  B 2 5  ? -2.537  -10.017 8.058   1.00 0.00 ? 19 DT  B "C4'"  1 
ATOM   580  O "O4'"  . DT  B 2 5  ? -3.045  -8.696  8.122   1.00 0.00 ? 19 DT  B "O4'"  1 
ATOM   581  C "C3'"  . DT  B 2 5  ? -1.618  -10.111 6.831   1.00 0.00 ? 19 DT  B "C3'"  1 
ATOM   582  O "O3'"  . DT  B 2 5  ? -2.173  -11.035 5.910   1.00 0.00 ? 19 DT  B "O3'"  1 
ATOM   583  C "C2'"  . DT  B 2 5  ? -1.610  -8.674  6.311   1.00 0.00 ? 19 DT  B "C2'"  1 
ATOM   584  C "C1'"  . DT  B 2 5  ? -2.938  -8.129  6.833   1.00 0.00 ? 19 DT  B "C1'"  1 
ATOM   585  N N1     . DT  B 2 5  ? -2.952  -6.642  6.926   1.00 0.00 ? 19 DT  B N1     1 
ATOM   586  C C2     . DT  B 2 5  ? -3.908  -5.921  6.205   1.00 0.00 ? 19 DT  B C2     1 
ATOM   587  O O2     . DT  B 2 5  ? -4.700  -6.441  5.423   1.00 0.00 ? 19 DT  B O2     1 
ATOM   588  N N3     . DT  B 2 5  ? -3.923  -4.547  6.409   1.00 0.00 ? 19 DT  B N3     1 
ATOM   589  C C4     . DT  B 2 5  ? -3.078  -3.840  7.254   1.00 0.00 ? 19 DT  B C4     1 
ATOM   590  O O4     . DT  B 2 5  ? -3.200  -2.626  7.378   1.00 0.00 ? 19 DT  B O4     1 
ATOM   591  C C5     . DT  B 2 5  ? -2.097  -4.654  7.941   1.00 0.00 ? 19 DT  B C5     1 
ATOM   592  C C7     . DT  B 2 5  ? -1.096  -3.990  8.866   1.00 0.00 ? 19 DT  B C7     1 
ATOM   593  C C6     . DT  B 2 5  ? -2.070  -5.998  7.762   1.00 0.00 ? 19 DT  B C6     1 
ATOM   594  H "H5'"  . DT  B 2 5  ? -2.546  -10.298 10.180  1.00 0.00 ? 19 DT  B "H5'"  1 
ATOM   595  H "H5''" . DT  B 2 5  ? -1.431  -11.373 9.311   1.00 0.00 ? 19 DT  B "H5''" 1 
ATOM   596  H "H4'"  . DT  B 2 5  ? -3.379  -10.701 7.935   1.00 0.00 ? 19 DT  B "H4'"  1 
ATOM   597  H "H3'"  . DT  B 2 5  ? -0.611  -10.424 7.111   1.00 0.00 ? 19 DT  B "H3'"  1 
ATOM   598  H "H2'"  . DT  B 2 5  ? -0.765  -8.159  6.767   1.00 0.00 ? 19 DT  B "H2'"  1 
ATOM   599  H "H2''" . DT  B 2 5  ? -1.540  -8.599  5.229   1.00 0.00 ? 19 DT  B "H2''" 1 
ATOM   600  H "H1'"  . DT  B 2 5  ? -3.745  -8.527  6.217   1.00 0.00 ? 19 DT  B "H1'"  1 
ATOM   601  H H3     . DT  B 2 5  ? -4.630  -4.019  5.915   1.00 0.00 ? 19 DT  B H3     1 
ATOM   602  H H71    . DT  B 2 5  ? -0.290  -4.674  9.132   1.00 0.00 ? 19 DT  B H71    1 
ATOM   603  H H72    . DT  B 2 5  ? -0.666  -3.119  8.370   1.00 0.00 ? 19 DT  B H72    1 
ATOM   604  H H73    . DT  B 2 5  ? -1.603  -3.666  9.774   1.00 0.00 ? 19 DT  B H73    1 
ATOM   605  H H6     . DT  B 2 5  ? -1.336  -6.584  8.291   1.00 0.00 ? 19 DT  B H6     1 
ATOM   606  P P      . DT  B 2 6  ? -1.456  -11.407 4.509   1.00 0.00 ? 20 DT  B P      1 
ATOM   607  O OP1    . DT  B 2 6  ? -1.869  -12.777 4.129   1.00 0.00 ? 20 DT  B OP1    1 
ATOM   608  O OP2    . DT  B 2 6  ? -0.017  -11.077 4.609   1.00 0.00 ? 20 DT  B OP2    1 
ATOM   609  O "O5'"  . DT  B 2 6  ? -2.140  -10.370 3.482   1.00 0.00 ? 20 DT  B "O5'"  1 
ATOM   610  C "C5'"  . DT  B 2 6  ? -3.509  -10.474 3.142   1.00 0.00 ? 20 DT  B "C5'"  1 
ATOM   611  C "C4'"  . DT  B 2 6  ? -3.909  -9.345  2.188   1.00 0.00 ? 20 DT  B "C4'"  1 
ATOM   612  O "O4'"  . DT  B 2 6  ? -3.786  -8.090  2.840   1.00 0.00 ? 20 DT  B "O4'"  1 
ATOM   613  C "C3'"  . DT  B 2 6  ? -3.039  -9.302  0.922   1.00 0.00 ? 20 DT  B "C3'"  1 
ATOM   614  O "O3'"  . DT  B 2 6  ? -3.890  -9.233  -0.210  1.00 0.00 ? 20 DT  B "O3'"  1 
ATOM   615  C "C2'"  . DT  B 2 6  ? -2.260  -8.002  1.121   1.00 0.00 ? 20 DT  B "C2'"  1 
ATOM   616  C "C1'"  . DT  B 2 6  ? -3.287  -7.172  1.892   1.00 0.00 ? 20 DT  B "C1'"  1 
ATOM   617  N N1     . DT  B 2 6  ? -2.724  -5.965  2.563   1.00 0.00 ? 20 DT  B N1     1 
ATOM   618  C C2     . DT  B 2 6  ? -3.339  -4.726  2.355   1.00 0.00 ? 20 DT  B C2     1 
ATOM   619  O O2     . DT  B 2 6  ? -4.293  -4.560  1.597   1.00 0.00 ? 20 DT  B O2     1 
ATOM   620  N N3     . DT  B 2 6  ? -2.813  -3.650  3.059   1.00 0.00 ? 20 DT  B N3     1 
ATOM   621  C C4     . DT  B 2 6  ? -1.726  -3.696  3.922   1.00 0.00 ? 20 DT  B C4     1 
ATOM   622  O O4     . DT  B 2 6  ? -1.326  -2.671  4.467   1.00 0.00 ? 20 DT  B O4     1 
ATOM   623  C C5     . DT  B 2 6  ? -1.155  -5.018  4.099   1.00 0.00 ? 20 DT  B C5     1 
ATOM   624  C C7     . DT  B 2 6  ? 0.037   -5.212  5.017   1.00 0.00 ? 20 DT  B C7     1 
ATOM   625  C C6     . DT  B 2 6  ? -1.662  -6.082  3.429   1.00 0.00 ? 20 DT  B C6     1 
ATOM   626  H "H5'"  . DT  B 2 6  ? -4.123  -10.412 4.041   1.00 0.00 ? 20 DT  B "H5'"  1 
ATOM   627  H "H5''" . DT  B 2 6  ? -3.694  -11.430 2.651   1.00 0.00 ? 20 DT  B "H5''" 1 
ATOM   628  H "H4'"  . DT  B 2 6  ? -4.955  -9.486  1.910   1.00 0.00 ? 20 DT  B "H4'"  1 
ATOM   629  H "H3'"  . DT  B 2 6  ? -2.377  -10.168 0.849   1.00 0.00 ? 20 DT  B "H3'"  1 
ATOM   630  H "H2'"  . DT  B 2 6  ? -1.381  -8.223  1.726   1.00 0.00 ? 20 DT  B "H2'"  1 
ATOM   631  H "H2''" . DT  B 2 6  ? -1.953  -7.530  0.192   1.00 0.00 ? 20 DT  B "H2''" 1 
ATOM   632  H "H1'"  . DT  B 2 6  ? -4.096  -6.920  1.205   1.00 0.00 ? 20 DT  B "H1'"  1 
ATOM   633  H H3     . DT  B 2 6  ? -3.275  -2.756  2.945   1.00 0.00 ? 20 DT  B H3     1 
ATOM   634  H H71    . DT  B 2 6  ? 0.951   -5.215  4.424   1.00 0.00 ? 20 DT  B H71    1 
ATOM   635  H H72    . DT  B 2 6  ? 0.091   -4.408  5.752   1.00 0.00 ? 20 DT  B H72    1 
ATOM   636  H H73    . DT  B 2 6  ? -0.046  -6.161  5.548   1.00 0.00 ? 20 DT  B H73    1 
ATOM   637  H H6     . DT  B 2 6  ? -1.216  -7.051  3.588   1.00 0.00 ? 20 DT  B H6     1 
ATOM   638  P P      . DA  B 2 7  ? -3.363  -9.462  -1.722  1.00 0.00 ? 21 DA  B P      1 
ATOM   639  O OP1    . DA  B 2 7  ? -3.918  -10.739 -2.221  1.00 0.00 ? 21 DA  B OP1    1 
ATOM   640  O OP2    . DA  B 2 7  ? -1.903  -9.223  -1.768  1.00 0.00 ? 21 DA  B OP2    1 
ATOM   641  O "O5'"  . DA  B 2 7  ? -4.090  -8.248  -2.495  1.00 0.00 ? 21 DA  B "O5'"  1 
ATOM   642  C "C5'"  . DA  B 2 7  ? -5.496  -8.213  -2.650  1.00 0.00 ? 21 DA  B "C5'"  1 
ATOM   643  C "C4'"  . DA  B 2 7  ? -5.957  -6.804  -3.036  1.00 0.00 ? 21 DA  B "C4'"  1 
ATOM   644  O "O4'"  . DA  B 2 7  ? -5.477  -5.888  -2.060  1.00 0.00 ? 21 DA  B "O4'"  1 
ATOM   645  C "C3'"  . DA  B 2 7  ? -5.442  -6.349  -4.408  1.00 0.00 ? 21 DA  B "C3'"  1 
ATOM   646  O "O3'"  . DA  B 2 7  ? -6.470  -5.612  -5.052  1.00 0.00 ? 21 DA  B "O3'"  1 
ATOM   647  C "C2'"  . DA  B 2 7  ? -4.253  -5.478  -4.021  1.00 0.00 ? 21 DA  B "C2'"  1 
ATOM   648  C "C1'"  . DA  B 2 7  ? -4.739  -4.871  -2.708  1.00 0.00 ? 21 DA  B "C1'"  1 
ATOM   649  N N9     . DA  B 2 7  ? -3.593  -4.439  -1.878  1.00 0.00 ? 21 DA  B N9     1 
ATOM   650  C C8     . DA  B 2 7  ? -2.537  -5.192  -1.429  1.00 0.00 ? 21 DA  B C8     1 
ATOM   651  N N7     . DA  B 2 7  ? -1.602  -4.511  -0.830  1.00 0.00 ? 21 DA  B N7     1 
ATOM   652  C C5     . DA  B 2 7  ? -2.074  -3.205  -0.879  1.00 0.00 ? 21 DA  B C5     1 
ATOM   653  C C6     . DA  B 2 7  ? -1.526  -1.974  -0.465  1.00 0.00 ? 21 DA  B C6     1 
ATOM   654  N N6     . DA  B 2 7  ? -0.307  -1.879  0.077   1.00 0.00 ? 21 DA  B N6     1 
ATOM   655  N N1     . DA  B 2 7  ? -2.250  -0.853  -0.654  1.00 0.00 ? 21 DA  B N1     1 
ATOM   656  C C2     . DA  B 2 7  ? -3.447  -0.948  -1.228  1.00 0.00 ? 21 DA  B C2     1 
ATOM   657  N N3     . DA  B 2 7  ? -4.058  -2.037  -1.686  1.00 0.00 ? 21 DA  B N3     1 
ATOM   658  C C4     . DA  B 2 7  ? -3.304  -3.153  -1.484  1.00 0.00 ? 21 DA  B C4     1 
ATOM   659  H "H5'"  . DA  B 2 7  ? -5.978  -8.474  -1.707  1.00 0.00 ? 21 DA  B "H5'"  1 
ATOM   660  H "H5''" . DA  B 2 7  ? -5.805  -8.930  -3.412  1.00 0.00 ? 21 DA  B "H5''" 1 
ATOM   661  H "H4'"  . DA  B 2 7  ? -7.048  -6.795  -3.033  1.00 0.00 ? 21 DA  B "H4'"  1 
ATOM   662  H "H3'"  . DA  B 2 7  ? -5.141  -7.196  -5.026  1.00 0.00 ? 21 DA  B "H3'"  1 
ATOM   663  H "H2'"  . DA  B 2 7  ? -3.389  -6.123  -3.857  1.00 0.00 ? 21 DA  B "H2'"  1 
ATOM   664  H "H2''" . DA  B 2 7  ? -3.996  -4.717  -4.757  1.00 0.00 ? 21 DA  B "H2''" 1 
ATOM   665  H "H1'"  . DA  B 2 7  ? -5.409  -4.038  -2.924  1.00 0.00 ? 21 DA  B "H1'"  1 
ATOM   666  H H8     . DA  B 2 7  ? -2.472  -6.257  -1.590  1.00 0.00 ? 21 DA  B H8     1 
ATOM   667  H H61    . DA  B 2 7  ? 0.076   -0.977  0.311   1.00 0.00 ? 21 DA  B H61    1 
ATOM   668  H H62    . DA  B 2 7  ? 0.239   -2.717  0.214   1.00 0.00 ? 21 DA  B H62    1 
ATOM   669  H H2     . DA  B 2 7  ? -3.983  -0.019  -1.356  1.00 0.00 ? 21 DA  B H2     1 
ATOM   670  P P      . DG  B 2 8  ? -6.295  -4.963  -6.523  1.00 0.00 ? 22 DG  B P      1 
ATOM   671  O OP1    . DG  B 2 8  ? -7.637  -4.855  -7.139  1.00 0.00 ? 22 DG  B OP1    1 
ATOM   672  O OP2    . DG  B 2 8  ? -5.220  -5.689  -7.235  1.00 0.00 ? 22 DG  B OP2    1 
ATOM   673  O "O5'"  . DG  B 2 8  ? -5.768  -3.471  -6.201  1.00 0.00 ? 22 DG  B "O5'"  1 
ATOM   674  C "C5'"  . DG  B 2 8  ? -6.602  -2.525  -5.558  1.00 0.00 ? 22 DG  B "C5'"  1 
ATOM   675  C "C4'"  . DG  B 2 8  ? -5.865  -1.197  -5.366  1.00 0.00 ? 22 DG  B "C4'"  1 
ATOM   676  O "O4'"  . DG  B 2 8  ? -4.714  -1.368  -4.561  1.00 0.00 ? 22 DG  B "O4'"  1 
ATOM   677  C "C3'"  . DG  B 2 8  ? -5.406  -0.553  -6.685  1.00 0.00 ? 22 DG  B "C3'"  1 
ATOM   678  O "O3'"  . DG  B 2 8  ? -6.135  0.649   -6.877  1.00 0.00 ? 22 DG  B "O3'"  1 
ATOM   679  C "C2'"  . DG  B 2 8  ? -3.910  -0.328  -6.445  1.00 0.00 ? 22 DG  B "C2'"  1 
ATOM   680  C "C1'"  . DG  B 2 8  ? -3.807  -0.350  -4.925  1.00 0.00 ? 22 DG  B "C1'"  1 
ATOM   681  N N9     . DG  B 2 8  ? -2.440  -0.681  -4.465  1.00 0.00 ? 22 DG  B N9     1 
ATOM   682  C C8     . DG  B 2 8  ? -1.765  -1.866  -4.619  1.00 0.00 ? 22 DG  B C8     1 
ATOM   683  N N7     . DG  B 2 8  ? -0.595  -1.893  -4.048  1.00 0.00 ? 22 DG  B N7     1 
ATOM   684  C C5     . DG  B 2 8  ? -0.479  -0.636  -3.467  1.00 0.00 ? 22 DG  B C5     1 
ATOM   685  C C6     . DG  B 2 8  ? 0.570   -0.096  -2.665  1.00 0.00 ? 22 DG  B C6     1 
ATOM   686  O O6     . DG  B 2 8  ? 1.630   -0.632  -2.356  1.00 0.00 ? 22 DG  B O6     1 
ATOM   687  N N1     . DG  B 2 8  ? 0.285   1.185   -2.200  1.00 0.00 ? 22 DG  B N1     1 
ATOM   688  C C2     . DG  B 2 8  ? -0.876  1.877   -2.492  1.00 0.00 ? 22 DG  B C2     1 
ATOM   689  N N2     . DG  B 2 8  ? -0.998  3.098   -1.960  1.00 0.00 ? 22 DG  B N2     1 
ATOM   690  N N3     . DG  B 2 8  ? -1.857  1.379   -3.264  1.00 0.00 ? 22 DG  B N3     1 
ATOM   691  C C4     . DG  B 2 8  ? -1.604  0.118   -3.715  1.00 0.00 ? 22 DG  B C4     1 
ATOM   692  H "H5'"  . DG  B 2 8  ? -6.907  -2.903  -4.581  1.00 0.00 ? 22 DG  B "H5'"  1 
ATOM   693  H "H5''" . DG  B 2 8  ? -7.493  -2.345  -6.161  1.00 0.00 ? 22 DG  B "H5''" 1 
ATOM   694  H "H4'"  . DG  B 2 8  ? -6.529  -0.508  -4.842  1.00 0.00 ? 22 DG  B "H4'"  1 
ATOM   695  H "H3'"  . DG  B 2 8  ? -5.557  -1.219  -7.535  1.00 0.00 ? 22 DG  B "H3'"  1 
ATOM   696  H "H2'"  . DG  B 2 8  ? -3.363  -1.173  -6.866  1.00 0.00 ? 22 DG  B "H2'"  1 
ATOM   697  H "H2''" . DG  B 2 8  ? -3.532  0.601   -6.861  1.00 0.00 ? 22 DG  B "H2''" 1 
ATOM   698  H "H1'"  . DG  B 2 8  ? -4.146  0.605   -4.519  1.00 0.00 ? 22 DG  B "H1'"  1 
ATOM   699  H H8     . DG  B 2 8  ? -2.169  -2.709  -5.159  1.00 0.00 ? 22 DG  B H8     1 
ATOM   700  H H1     . DG  B 2 8  ? 0.981   1.626   -1.610  1.00 0.00 ? 22 DG  B H1     1 
ATOM   701  H H21    . DG  B 2 8  ? -0.266  3.480   -1.373  1.00 0.00 ? 22 DG  B H21    1 
ATOM   702  H H22    . DG  B 2 8  ? -1.826  3.645   -2.148  1.00 0.00 ? 22 DG  B H22    1 
ATOM   703  P P      . DA  B 2 9  ? -5.896  1.637   -8.135  1.00 0.00 ? 23 DA  B P      1 
ATOM   704  O OP1    . DA  B 2 9  ? -7.208  2.179   -8.553  1.00 0.00 ? 23 DA  B OP1    1 
ATOM   705  O OP2    . DA  B 2 9  ? -5.033  0.955   -9.125  1.00 0.00 ? 23 DA  B OP2    1 
ATOM   706  O "O5'"  . DA  B 2 9  ? -5.046  2.831   -7.463  1.00 0.00 ? 23 DA  B "O5'"  1 
ATOM   707  C "C5'"  . DA  B 2 9  ? -5.616  3.652   -6.459  1.00 0.00 ? 23 DA  B "C5'"  1 
ATOM   708  C "C4'"  . DA  B 2 9  ? -4.610  4.696   -5.969  1.00 0.00 ? 23 DA  B "C4'"  1 
ATOM   709  O "O4'"  . DA  B 2 9  ? -3.468  4.042   -5.438  1.00 0.00 ? 23 DA  B "O4'"  1 
ATOM   710  C "C3'"  . DA  B 2 9  ? -4.147  5.641   -7.089  1.00 0.00 ? 23 DA  B "C3'"  1 
ATOM   711  O "O3'"  . DA  B 2 9  ? -4.186  6.966   -6.587  1.00 0.00 ? 23 DA  B "O3'"  1 
ATOM   712  C "C2'"  . DA  B 2 9  ? -2.736  5.130   -7.367  1.00 0.00 ? 23 DA  B "C2'"  1 
ATOM   713  C "C1'"  . DA  B 2 9  ? -2.305  4.624   -5.993  1.00 0.00 ? 23 DA  B "C1'"  1 
ATOM   714  N N9     . DA  B 2 9  ? -1.244  3.596   -6.088  1.00 0.00 ? 23 DA  B N9     1 
ATOM   715  C C8     . DA  B 2 9  ? -1.255  2.439   -6.831  1.00 0.00 ? 23 DA  B C8     1 
ATOM   716  N N7     . DA  B 2 9  ? -0.229  1.663   -6.638  1.00 0.00 ? 23 DA  B N7     1 
ATOM   717  C C5     . DA  B 2 9  ? 0.527   2.355   -5.702  1.00 0.00 ? 23 DA  B C5     1 
ATOM   718  C C6     . DA  B 2 9  ? 1.740   2.056   -5.054  1.00 0.00 ? 23 DA  B C6     1 
ATOM   719  N N6     . DA  B 2 9  ? 2.387   0.908   -5.267  1.00 0.00 ? 23 DA  B N6     1 
ATOM   720  N N1     . DA  B 2 9  ? 2.237   2.944   -4.171  1.00 0.00 ? 23 DA  B N1     1 
ATOM   721  C C2     . DA  B 2 9  ? 1.559   4.068   -3.942  1.00 0.00 ? 23 DA  B C2     1 
ATOM   722  N N3     . DA  B 2 9  ? 0.406   4.462   -4.480  1.00 0.00 ? 23 DA  B N3     1 
ATOM   723  C C4     . DA  B 2 9  ? -0.072  3.544   -5.366  1.00 0.00 ? 23 DA  B C4     1 
ATOM   724  H "H5'"  . DA  B 2 9  ? -5.919  3.037   -5.611  1.00 0.00 ? 23 DA  B "H5'"  1 
ATOM   725  H "H5''" . DA  B 2 9  ? -6.494  4.165   -6.853  1.00 0.00 ? 23 DA  B "H5''" 1 
ATOM   726  H "H4'"  . DA  B 2 9  ? -5.085  5.273   -5.175  1.00 0.00 ? 23 DA  B "H4'"  1 
ATOM   727  H "H3'"  . DA  B 2 9  ? -4.778  5.563   -7.977  1.00 0.00 ? 23 DA  B "H3'"  1 
ATOM   728  H "H2'"  . DA  B 2 9  ? -2.808  4.308   -8.078  1.00 0.00 ? 23 DA  B "H2'"  1 
ATOM   729  H "H2''" . DA  B 2 9  ? -2.062  5.886   -7.759  1.00 0.00 ? 23 DA  B "H2''" 1 
ATOM   730  H "H1'"  . DA  B 2 9  ? -1.994  5.468   -5.375  1.00 0.00 ? 23 DA  B "H1'"  1 
ATOM   731  H H8     . DA  B 2 9  ? -2.051  2.188   -7.515  1.00 0.00 ? 23 DA  B H8     1 
ATOM   732  H H61    . DA  B 2 9  ? 3.256   0.714   -4.791  1.00 0.00 ? 23 DA  B H61    1 
ATOM   733  H H62    . DA  B 2 9  ? 2.008   0.237   -5.920  1.00 0.00 ? 23 DA  B H62    1 
ATOM   734  H H2     . DA  B 2 9  ? 2.002   4.745   -3.228  1.00 0.00 ? 23 DA  B H2     1 
ATOM   735  P P      . DC  B 2 10 ? -3.663  8.245   -7.424  1.00 0.00 ? 24 DC  B P      1 
ATOM   736  O OP1    . DC  B 2 10 ? -4.509  9.407   -7.076  1.00 0.00 ? 24 DC  B OP1    1 
ATOM   737  O OP2    . DC  B 2 10 ? -3.489  7.859   -8.842  1.00 0.00 ? 24 DC  B OP2    1 
ATOM   738  O "O5'"  . DC  B 2 10 ? -2.204  8.467   -6.774  1.00 0.00 ? 24 DC  B "O5'"  1 
ATOM   739  C "C5'"  . DC  B 2 10 ? -2.067  8.821   -5.410  1.00 0.00 ? 24 DC  B "C5'"  1 
ATOM   740  C "C4'"  . DC  B 2 10 ? -0.589  8.902   -5.025  1.00 0.00 ? 24 DC  B "C4'"  1 
ATOM   741  O "O4'"  . DC  B 2 10 ? 0.030   7.646   -5.243  1.00 0.00 ? 24 DC  B "O4'"  1 
ATOM   742  C "C3'"  . DC  B 2 10 ? 0.171   9.960   -5.838  1.00 0.00 ? 24 DC  B "C3'"  1 
ATOM   743  O "O3'"  . DC  B 2 10 ? 0.751   10.890  -4.939  1.00 0.00 ? 24 DC  B "O3'"  1 
ATOM   744  C "C2'"  . DC  B 2 10 ? 1.195   9.119   -6.601  1.00 0.00 ? 24 DC  B "C2'"  1 
ATOM   745  C "C1'"  . DC  B 2 10 ? 1.337   7.873   -5.727  1.00 0.00 ? 24 DC  B "C1'"  1 
ATOM   746  N N1     . DC  B 2 10 ? 1.794   6.684   -6.504  1.00 0.00 ? 24 DC  B N1     1 
ATOM   747  C C2     . DC  B 2 10 ? 2.994   6.048   -6.167  1.00 0.00 ? 24 DC  B C2     1 
ATOM   748  O O2     . DC  B 2 10 ? 3.735   6.488   -5.292  1.00 0.00 ? 24 DC  B O2     1 
ATOM   749  N N3     . DC  B 2 10 ? 3.332   4.906   -6.835  1.00 0.00 ? 24 DC  B N3     1 
ATOM   750  C C4     . DC  B 2 10 ? 2.543   4.401   -7.794  1.00 0.00 ? 24 DC  B C4     1 
ATOM   751  N N4     . DC  B 2 10 ? 2.901   3.264   -8.398  1.00 0.00 ? 24 DC  B N4     1 
ATOM   752  C C5     . DC  B 2 10 ? 1.315   5.043   -8.164  1.00 0.00 ? 24 DC  B C5     1 
ATOM   753  C C6     . DC  B 2 10 ? 0.989   6.170   -7.492  1.00 0.00 ? 24 DC  B C6     1 
ATOM   754  H "H5'"  . DC  B 2 10 ? -2.548  8.070   -4.781  1.00 0.00 ? 24 DC  B "H5'"  1 
ATOM   755  H "H5''" . DC  B 2 10 ? -2.536  9.788   -5.226  1.00 0.00 ? 24 DC  B "H5''" 1 
ATOM   756  H "H4'"  . DC  B 2 10 ? -0.519  9.136   -3.961  1.00 0.00 ? 24 DC  B "H4'"  1 
ATOM   757  H "H3'"  . DC  B 2 10 ? -0.488  10.483  -6.531  1.00 0.00 ? 24 DC  B "H3'"  1 
ATOM   758  H "H2'"  . DC  B 2 10 ? 0.761   8.869   -7.569  1.00 0.00 ? 24 DC  B "H2'"  1 
ATOM   759  H "H2''" . DC  B 2 10 ? 2.147   9.621   -6.750  1.00 0.00 ? 24 DC  B "H2''" 1 
ATOM   760  H "H1'"  . DC  B 2 10 ? 1.978   8.109   -4.878  1.00 0.00 ? 24 DC  B "H1'"  1 
ATOM   761  H H41    . DC  B 2 10 ? 3.738   2.781   -8.102  1.00 0.00 ? 24 DC  B H41    1 
ATOM   762  H H42    . DC  B 2 10 ? 2.310   2.859   -9.109  1.00 0.00 ? 24 DC  B H42    1 
ATOM   763  H H5     . DC  B 2 10 ? 0.652   4.667   -8.930  1.00 0.00 ? 24 DC  B H5     1 
ATOM   764  H H6     . DC  B 2 10 ? 0.067   6.674   -7.739  1.00 0.00 ? 24 DC  B H6     1 
ATOM   765  P P      . DT  B 2 11 ? 1.653   12.138  -5.430  1.00 0.00 ? 25 DT  B P      1 
ATOM   766  O OP1    . DT  B 2 11 ? 1.504   13.234  -4.448  1.00 0.00 ? 25 DT  B OP1    1 
ATOM   767  O OP2    . DT  B 2 11 ? 1.381   12.391  -6.864  1.00 0.00 ? 25 DT  B OP2    1 
ATOM   768  O "O5'"  . DT  B 2 11 ? 3.141   11.537  -5.297  1.00 0.00 ? 25 DT  B "O5'"  1 
ATOM   769  C "C5'"  . DT  B 2 11 ? 3.673   11.191  -4.033  1.00 0.00 ? 25 DT  B "C5'"  1 
ATOM   770  C "C4'"  . DT  B 2 11 ? 5.043   10.533  -4.202  1.00 0.00 ? 25 DT  B "C4'"  1 
ATOM   771  O "O4'"  . DT  B 2 11 ? 4.918   9.352   -4.976  1.00 0.00 ? 25 DT  B "O4'"  1 
ATOM   772  C "C3'"  . DT  B 2 11 ? 6.062   11.446  -4.902  1.00 0.00 ? 25 DT  B "C3'"  1 
ATOM   773  O "O3'"  . DT  B 2 11 ? 7.153   11.671  -4.022  1.00 0.00 ? 25 DT  B "O3'"  1 
ATOM   774  C "C2'"  . DT  B 2 11 ? 6.436   10.636  -6.144  1.00 0.00 ? 25 DT  B "C2'"  1 
ATOM   775  C "C1'"  . DT  B 2 11 ? 6.107   9.206   -5.720  1.00 0.00 ? 25 DT  B "C1'"  1 
ATOM   776  N N1     . DT  B 2 11 ? 5.886   8.296   -6.880  1.00 0.00 ? 25 DT  B N1     1 
ATOM   777  C C2     . DT  B 2 11 ? 6.705   7.175   -7.033  1.00 0.00 ? 25 DT  B C2     1 
ATOM   778  O O2     . DT  B 2 11 ? 7.658   6.926   -6.299  1.00 0.00 ? 25 DT  B O2     1 
ATOM   779  N N3     . DT  B 2 11 ? 6.396   6.330   -8.091  1.00 0.00 ? 25 DT  B N3     1 
ATOM   780  C C4     . DT  B 2 11 ? 5.372   6.513   -9.008  1.00 0.00 ? 25 DT  B C4     1 
ATOM   781  O O4     . DT  B 2 11 ? 5.212   5.709   -9.923  1.00 0.00 ? 25 DT  B O4     1 
ATOM   782  C C5     . DT  B 2 11 ? 4.566   7.697   -8.781  1.00 0.00 ? 25 DT  B C5     1 
ATOM   783  C C7     . DT  B 2 11 ? 3.408   8.017   -9.707  1.00 0.00 ? 25 DT  B C7     1 
ATOM   784  C C6     . DT  B 2 11 ? 4.846   8.531   -7.749  1.00 0.00 ? 25 DT  B C6     1 
ATOM   785  H "H5'"  . DT  B 2 11 ? 3.010   10.487  -3.528  1.00 0.00 ? 25 DT  B "H5'"  1 
ATOM   786  H "H5''" . DT  B 2 11 ? 3.777   12.084  -3.415  1.00 0.00 ? 25 DT  B "H5''" 1 
ATOM   787  H "H4'"  . DT  B 2 11 ? 5.420   10.252  -3.218  1.00 0.00 ? 25 DT  B "H4'"  1 
ATOM   788  H "H3'"  . DT  B 2 11 ? 5.618   12.400  -5.189  1.00 0.00 ? 25 DT  B "H3'"  1 
ATOM   789  H "H2'"  . DT  B 2 11 ? 5.789   10.958  -6.960  1.00 0.00 ? 25 DT  B "H2'"  1 
ATOM   790  H "H2''" . DT  B 2 11 ? 7.475   10.742  -6.441  1.00 0.00 ? 25 DT  B "H2''" 1 
ATOM   791  H "H1'"  . DT  B 2 11 ? 6.889   8.854   -5.045  1.00 0.00 ? 25 DT  B "H1'"  1 
ATOM   792  H H3     . DT  B 2 11 ? 6.971   5.504   -8.198  1.00 0.00 ? 25 DT  B H3     1 
ATOM   793  H H71    . DT  B 2 11 ? 3.699   8.816   -10.388 1.00 0.00 ? 25 DT  B H71    1 
ATOM   794  H H72    . DT  B 2 11 ? 3.125   7.140   -10.290 1.00 0.00 ? 25 DT  B H72    1 
ATOM   795  H H73    . DT  B 2 11 ? 2.544   8.339   -9.128  1.00 0.00 ? 25 DT  B H73    1 
ATOM   796  H H6     . DT  B 2 11 ? 4.232   9.406   -7.606  1.00 0.00 ? 25 DT  B H6     1 
ATOM   797  P P      . DT  B 2 12 ? 8.429   12.580  -4.424  1.00 0.00 ? 26 DT  B P      1 
ATOM   798  O OP1    . DT  B 2 12 ? 9.000   13.150  -3.182  1.00 0.00 ? 26 DT  B OP1    1 
ATOM   799  O OP2    . DT  B 2 12 ? 8.047   13.476  -5.537  1.00 0.00 ? 26 DT  B OP2    1 
ATOM   800  O "O5'"  . DT  B 2 12 ? 9.461   11.480  -4.992  1.00 0.00 ? 26 DT  B "O5'"  1 
ATOM   801  C "C5'"  . DT  B 2 12 ? 10.012  10.490  -4.145  1.00 0.00 ? 26 DT  B "C5'"  1 
ATOM   802  C "C4'"  . DT  B 2 12 ? 10.806  9.477   -4.970  1.00 0.00 ? 26 DT  B "C4'"  1 
ATOM   803  O "O4'"  . DT  B 2 12 ? 9.957   8.866   -5.925  1.00 0.00 ? 26 DT  B "O4'"  1 
ATOM   804  C "C3'"  . DT  B 2 12 ? 11.986  10.100  -5.732  1.00 0.00 ? 26 DT  B "C3'"  1 
ATOM   805  O "O3'"  . DT  B 2 12 ? 13.199  9.556   -5.235  1.00 0.00 ? 26 DT  B "O3'"  1 
ATOM   806  C "C2'"  . DT  B 2 12 ? 11.701  9.702   -7.182  1.00 0.00 ? 26 DT  B "C2'"  1 
ATOM   807  C "C1'"  . DT  B 2 12 ? 10.759  8.511   -7.030  1.00 0.00 ? 26 DT  B "C1'"  1 
ATOM   808  N N1     . DT  B 2 12 ? 9.915   8.288   -8.236  1.00 0.00 ? 26 DT  B N1     1 
ATOM   809  C C2     . DT  B 2 12 ? 10.026  7.080   -8.928  1.00 0.00 ? 26 DT  B C2     1 
ATOM   810  O O2     . DT  B 2 12 ? 10.853  6.215   -8.653  1.00 0.00 ? 26 DT  B O2     1 
ATOM   811  N N3     . DT  B 2 12 ? 9.139   6.894   -9.981  1.00 0.00 ? 26 DT  B N3     1 
ATOM   812  C C4     . DT  B 2 12 ? 8.190   7.805   -10.421 1.00 0.00 ? 26 DT  B C4     1 
ATOM   813  O O4     . DT  B 2 12 ? 7.467   7.534   -11.376 1.00 0.00 ? 26 DT  B O4     1 
ATOM   814  C C5     . DT  B 2 12 ? 8.150   9.041   -9.662  1.00 0.00 ? 26 DT  B C5     1 
ATOM   815  C C7     . DT  B 2 12 ? 7.157   10.122  -10.043 1.00 0.00 ? 26 DT  B C7     1 
ATOM   816  C C6     . DT  B 2 12 ? 8.995   9.236   -8.620  1.00 0.00 ? 26 DT  B C6     1 
ATOM   817  H "H5'"  . DT  B 2 12 ? 9.213   9.959   -3.625  1.00 0.00 ? 26 DT  B "H5'"  1 
ATOM   818  H "H5''" . DT  B 2 12 ? 10.669  10.954  -3.408  1.00 0.00 ? 26 DT  B "H5''" 1 
ATOM   819  H "H4'"  . DT  B 2 12 ? 11.177  8.695   -4.303  1.00 0.00 ? 26 DT  B "H4'"  1 
ATOM   820  H "H3'"  . DT  B 2 12 ? 11.997  11.186  -5.631  1.00 0.00 ? 26 DT  B "H3'"  1 
ATOM   821  H "H2'"  . DT  B 2 12 ? 11.203  10.537  -7.674  1.00 0.00 ? 26 DT  B "H2'"  1 
ATOM   822  H "H2''" . DT  B 2 12 ? 12.594  9.430   -7.734  1.00 0.00 ? 26 DT  B "H2''" 1 
ATOM   823  H "H1'"  . DT  B 2 12 ? 11.348  7.636   -6.753  1.00 0.00 ? 26 DT  B "H1'"  1 
ATOM   824  H H3     . DT  B 2 12 ? 9.197   6.011   -10.473 1.00 0.00 ? 26 DT  B H3     1 
ATOM   825  H H71    . DT  B 2 12 ? 7.592   10.749  -10.822 1.00 0.00 ? 26 DT  B H71    1 
ATOM   826  H H72    . DT  B 2 12 ? 6.238   9.672   -10.417 1.00 0.00 ? 26 DT  B H72    1 
ATOM   827  H H73    . DT  B 2 12 ? 6.913   10.742  -9.180  1.00 0.00 ? 26 DT  B H73    1 
ATOM   828  H H6     . DT  B 2 12 ? 8.946   10.165  -8.072  1.00 0.00 ? 26 DT  B H6     1 
ATOM   829  P P      . DG  B 2 13 ? 14.652  9.994   -5.797  1.00 0.00 ? 27 DG  B P      1 
ATOM   830  O OP1    . DG  B 2 13 ? 15.615  9.952   -4.674  1.00 0.00 ? 27 DG  B OP1    1 
ATOM   831  O OP2    . DG  B 2 13 ? 14.503  11.237  -6.587  1.00 0.00 ? 27 DG  B OP2    1 
ATOM   832  O "O5'"  . DG  B 2 13 ? 15.013  8.797   -6.815  1.00 0.00 ? 27 DG  B "O5'"  1 
ATOM   833  C "C5'"  . DG  B 2 13 ? 15.265  7.486   -6.344  1.00 0.00 ? 27 DG  B "C5'"  1 
ATOM   834  C "C4'"  . DG  B 2 13 ? 15.563  6.534   -7.507  1.00 0.00 ? 27 DG  B "C4'"  1 
ATOM   835  O "O4'"  . DG  B 2 13 ? 14.442  6.491   -8.377  1.00 0.00 ? 27 DG  B "O4'"  1 
ATOM   836  C "C3'"  . DG  B 2 13 ? 16.785  6.962   -8.334  1.00 0.00 ? 27 DG  B "C3'"  1 
ATOM   837  O "O3'"  . DG  B 2 13 ? 17.499  5.793   -8.698  1.00 0.00 ? 27 DG  B "O3'"  1 
ATOM   838  C "C2'"  . DG  B 2 13 ? 16.119  7.624   -9.537  1.00 0.00 ? 27 DG  B "C2'"  1 
ATOM   839  C "C1'"  . DG  B 2 13 ? 14.882  6.744   -9.696  1.00 0.00 ? 27 DG  B "C1'"  1 
ATOM   840  N N9     . DG  B 2 13 ? 13.790  7.384   -10.465 1.00 0.00 ? 27 DG  B N9     1 
ATOM   841  C C8     . DG  B 2 13 ? 13.274  8.649   -10.331 1.00 0.00 ? 27 DG  B C8     1 
ATOM   842  N N7     . DG  B 2 13 ? 12.205  8.872   -11.041 1.00 0.00 ? 27 DG  B N7     1 
ATOM   843  C C5     . DG  B 2 13 ? 12.004  7.677   -11.719 1.00 0.00 ? 27 DG  B C5     1 
ATOM   844  C C6     . DG  B 2 13 ? 10.977  7.310   -12.638 1.00 0.00 ? 27 DG  B C6     1 
ATOM   845  O O6     . DG  B 2 13 ? 10.000  7.970   -12.978 1.00 0.00 ? 27 DG  B O6     1 
ATOM   846  N N1     . DG  B 2 13 ? 11.167  6.037   -13.168 1.00 0.00 ? 27 DG  B N1     1 
ATOM   847  C C2     . DG  B 2 13 ? 12.206  5.196   -12.820 1.00 0.00 ? 27 DG  B C2     1 
ATOM   848  N N2     . DG  B 2 13 ? 12.269  4.017   -13.445 1.00 0.00 ? 27 DG  B N2     1 
ATOM   849  N N3     . DG  B 2 13 ? 13.141  5.517   -11.910 1.00 0.00 ? 27 DG  B N3     1 
ATOM   850  C C4     . DG  B 2 13 ? 12.986  6.770   -11.399 1.00 0.00 ? 27 DG  B C4     1 
ATOM   851  H "H5'"  . DG  B 2 13 ? 14.392  7.117   -5.805  1.00 0.00 ? 27 DG  B "H5'"  1 
ATOM   852  H "H5''" . DG  B 2 13 ? 16.120  7.493   -5.667  1.00 0.00 ? 27 DG  B "H5''" 1 
ATOM   853  H "H4'"  . DG  B 2 13 ? 15.729  5.539   -7.092  1.00 0.00 ? 27 DG  B "H4'"  1 
ATOM   854  H "H3'"  . DG  B 2 13 ? 17.429  7.652   -7.786  1.00 0.00 ? 27 DG  B "H3'"  1 
ATOM   855  H "H2'"  . DG  B 2 13 ? 15.848  8.646   -9.276  1.00 0.00 ? 27 DG  B "H2'"  1 
ATOM   856  H "H2''" . DG  B 2 13 ? 16.746  7.630   -10.424 1.00 0.00 ? 27 DG  B "H2''" 1 
ATOM   857  H "H1'"  . DG  B 2 13 ? 15.178  5.801   -10.157 1.00 0.00 ? 27 DG  B "H1'"  1 
ATOM   858  H H8     . DG  B 2 13 ? 13.704  9.398   -9.683  1.00 0.00 ? 27 DG  B H8     1 
ATOM   859  H H1     . DG  B 2 13 ? 10.484  5.710   -13.840 1.00 0.00 ? 27 DG  B H1     1 
ATOM   860  H H21    . DG  B 2 13 ? 11.561  3.757   -14.118 1.00 0.00 ? 27 DG  B H21    1 
ATOM   861  H H22    . DG  B 2 13 ? 13.012  3.371   -13.223 1.00 0.00 ? 27 DG  B H22    1 
ATOM   862  P P      . DC  B 2 14 ? 18.943  5.821   -9.429  1.00 0.00 ? 28 DC  B P      1 
ATOM   863  O OP1    . DC  B 2 14 ? 19.929  5.160   -8.546  1.00 0.00 ? 28 DC  B OP1    1 
ATOM   864  O OP2    . DC  B 2 14 ? 19.207  7.187   -9.936  1.00 0.00 ? 28 DC  B OP2    1 
ATOM   865  O "O5'"  . DC  B 2 14 ? 18.676  4.863   -10.698 1.00 0.00 ? 28 DC  B "O5'"  1 
ATOM   866  C "C5'"  . DC  B 2 14 ? 18.420  3.481   -10.534 1.00 0.00 ? 28 DC  B "C5'"  1 
ATOM   867  C "C4'"  . DC  B 2 14 ? 17.875  2.886   -11.834 1.00 0.00 ? 28 DC  B "C4'"  1 
ATOM   868  O "O4'"  . DC  B 2 14 ? 16.709  3.608   -12.204 1.00 0.00 ? 28 DC  B "O4'"  1 
ATOM   869  C "C3'"  . DC  B 2 14 ? 18.871  2.977   -12.998 1.00 0.00 ? 28 DC  B "C3'"  1 
ATOM   870  O "O3'"  . DC  B 2 14 ? 18.829  1.791   -13.766 1.00 0.00 ? 28 DC  B "O3'"  1 
ATOM   871  C "C2'"  . DC  B 2 14 ? 18.329  4.137   -13.821 1.00 0.00 ? 28 DC  B "C2'"  1 
ATOM   872  C "C1'"  . DC  B 2 14 ? 16.828  4.017   -13.553 1.00 0.00 ? 28 DC  B "C1'"  1 
ATOM   873  N N1     . DC  B 2 14 ? 16.104  5.304   -13.763 1.00 0.00 ? 28 DC  B N1     1 
ATOM   874  C C2     . DC  B 2 14 ? 15.056  5.363   -14.688 1.00 0.00 ? 28 DC  B C2     1 
ATOM   875  O O2     . DC  B 2 14 ? 14.731  4.380   -15.351 1.00 0.00 ? 28 DC  B O2     1 
ATOM   876  N N3     . DC  B 2 14 ? 14.387  6.544   -14.843 1.00 0.00 ? 28 DC  B N3     1 
ATOM   877  C C4     . DC  B 2 14 ? 14.726  7.632   -14.133 1.00 0.00 ? 28 DC  B C4     1 
ATOM   878  N N4     . DC  B 2 14 ? 14.031  8.760   -14.300 1.00 0.00 ? 28 DC  B N4     1 
ATOM   879  C C5     . DC  B 2 14 ? 15.798  7.595   -13.182 1.00 0.00 ? 28 DC  B C5     1 
ATOM   880  C C6     . DC  B 2 14 ? 16.443  6.416   -13.030 1.00 0.00 ? 28 DC  B C6     1 
ATOM   881  H "H5'"  . DC  B 2 14 ? 17.670  3.333   -9.756  1.00 0.00 ? 28 DC  B "H5'"  1 
ATOM   882  H "H5''" . DC  B 2 14 ? 19.336  2.965   -10.243 1.00 0.00 ? 28 DC  B "H5''" 1 
ATOM   883  H "H4'"  . DC  B 2 14 ? 17.615  1.841   -11.653 1.00 0.00 ? 28 DC  B "H4'"  1 
ATOM   884  H "H3'"  . DC  B 2 14 ? 19.893  3.159   -12.662 1.00 0.00 ? 28 DC  B "H3'"  1 
ATOM   885  H "HO3'" . DC  B 2 14 ? 19.421  1.892   -14.515 1.00 0.00 ? 28 DC  B "HO3'" 1 
ATOM   886  H "H2'"  . DC  B 2 14 ? 18.743  5.066   -13.430 1.00 0.00 ? 28 DC  B "H2'"  1 
ATOM   887  H "H2''" . DC  B 2 14 ? 18.567  4.044   -14.881 1.00 0.00 ? 28 DC  B "H2''" 1 
ATOM   888  H "H1'"  . DC  B 2 14 ? 16.444  3.205   -14.170 1.00 0.00 ? 28 DC  B "H1'"  1 
ATOM   889  H H41    . DC  B 2 14 ? 13.252  8.782   -14.942 1.00 0.00 ? 28 DC  B H41    1 
ATOM   890  H H42    . DC  B 2 14 ? 14.257  9.579   -13.755 1.00 0.00 ? 28 DC  B H42    1 
ATOM   891  H H5     . DC  B 2 14 ? 16.097  8.450   -12.593 1.00 0.00 ? 28 DC  B H5     1 
ATOM   892  H H6     . DC  B 2 14 ? 17.246  6.354   -12.314 1.00 0.00 ? 28 DC  B H6     1 
ATOM   893  O "O5'"  . DG  A 1 1  ? 7.293   9.340   -22.285 1.00 0.00 ? 1  DG  A "O5'"  2 
ATOM   894  C "C5'"  . DG  A 1 1  ? 7.940   8.559   -23.268 1.00 0.00 ? 1  DG  A "C5'"  2 
ATOM   895  C "C4'"  . DG  A 1 1  ? 8.407   7.212   -22.702 1.00 0.00 ? 1  DG  A "C4'"  2 
ATOM   896  O "O4'"  . DG  A 1 1  ? 9.319   7.440   -21.639 1.00 0.00 ? 1  DG  A "O4'"  2 
ATOM   897  C "C3'"  . DG  A 1 1  ? 7.257   6.353   -22.159 1.00 0.00 ? 1  DG  A "C3'"  2 
ATOM   898  O "O3'"  . DG  A 1 1  ? 7.496   5.005   -22.528 1.00 0.00 ? 1  DG  A "O3'"  2 
ATOM   899  C "C2'"  . DG  A 1 1  ? 7.382   6.580   -20.654 1.00 0.00 ? 1  DG  A "C2'"  2 
ATOM   900  C "C1'"  . DG  A 1 1  ? 8.893   6.714   -20.502 1.00 0.00 ? 1  DG  A "C1'"  2 
ATOM   901  N N9     . DG  A 1 1  ? 9.267   7.450   -19.275 1.00 0.00 ? 1  DG  A N9     2 
ATOM   902  C C8     . DG  A 1 1  ? 8.873   8.707   -18.886 1.00 0.00 ? 1  DG  A C8     2 
ATOM   903  N N7     . DG  A 1 1  ? 9.446   9.135   -17.797 1.00 0.00 ? 1  DG  A N7     2 
ATOM   904  C C5     . DG  A 1 1  ? 10.286  8.089   -17.433 1.00 0.00 ? 1  DG  A C5     2 
ATOM   905  C C6     . DG  A 1 1  ? 11.208  7.997   -16.349 1.00 0.00 ? 1  DG  A C6     2 
ATOM   906  O O6     . DG  A 1 1  ? 11.458  8.849   -15.502 1.00 0.00 ? 1  DG  A O6     2 
ATOM   907  N N1     . DG  A 1 1  ? 11.888  6.781   -16.329 1.00 0.00 ? 1  DG  A N1     2 
ATOM   908  C C2     . DG  A 1 1  ? 11.711  5.775   -17.259 1.00 0.00 ? 1  DG  A C2     2 
ATOM   909  N N2     . DG  A 1 1  ? 12.436  4.664   -17.099 1.00 0.00 ? 1  DG  A N2     2 
ATOM   910  N N3     . DG  A 1 1  ? 10.858  5.869   -18.292 1.00 0.00 ? 1  DG  A N3     2 
ATOM   911  C C4     . DG  A 1 1  ? 10.181  7.049   -18.326 1.00 0.00 ? 1  DG  A C4     2 
ATOM   912  H "H5'"  . DG  A 1 1  ? 8.805   9.111   -23.638 1.00 0.00 ? 1  DG  A "H5'"  2 
ATOM   913  H "H5''" . DG  A 1 1  ? 7.253   8.386   -24.097 1.00 0.00 ? 1  DG  A "H5''" 2 
ATOM   914  H "H4'"  . DG  A 1 1  ? 8.921   6.675   -23.501 1.00 0.00 ? 1  DG  A "H4'"  2 
ATOM   915  H "H3'"  . DG  A 1 1  ? 6.288   6.682   -22.540 1.00 0.00 ? 1  DG  A "H3'"  2 
ATOM   916  H "H2'"  . DG  A 1 1  ? 6.881   7.511   -20.391 1.00 0.00 ? 1  DG  A "H2'"  2 
ATOM   917  H "H2''" . DG  A 1 1  ? 6.975   5.769   -20.055 1.00 0.00 ? 1  DG  A "H2''" 2 
ATOM   918  H "H1'"  . DG  A 1 1  ? 9.344   5.720   -20.525 1.00 0.00 ? 1  DG  A "H1'"  2 
ATOM   919  H H8     . DG  A 1 1  ? 8.162   9.302   -19.440 1.00 0.00 ? 1  DG  A H8     2 
ATOM   920  H H1     . DG  A 1 1  ? 12.585  6.655   -15.605 1.00 0.00 ? 1  DG  A H1     2 
ATOM   921  H H21    . DG  A 1 1  ? 13.098  4.590   -16.338 1.00 0.00 ? 1  DG  A H21    2 
ATOM   922  H H22    . DG  A 1 1  ? 12.326  3.897   -17.747 1.00 0.00 ? 1  DG  A H22    2 
ATOM   923  H "HO5'" . DG  A 1 1  ? 6.513   8.869   -21.982 1.00 0.00 ? 1  DG  A "HO5'" 2 
ATOM   924  P P      . DC  A 1 2  ? 6.492   3.796   -22.144 1.00 0.00 ? 2  DC  A P      2 
ATOM   925  O OP1    . DC  A 1 2  ? 6.370   2.910   -23.323 1.00 0.00 ? 2  DC  A OP1    2 
ATOM   926  O OP2    . DC  A 1 2  ? 5.274   4.365   -21.525 1.00 0.00 ? 2  DC  A OP2    2 
ATOM   927  O "O5'"  . DC  A 1 2  ? 7.320   3.011   -21.003 1.00 0.00 ? 2  DC  A "O5'"  2 
ATOM   928  C "C5'"  . DC  A 1 2  ? 8.494   2.287   -21.325 1.00 0.00 ? 2  DC  A "C5'"  2 
ATOM   929  C "C4'"  . DC  A 1 2  ? 9.144   1.712   -20.065 1.00 0.00 ? 2  DC  A "C4'"  2 
ATOM   930  O "O4'"  . DC  A 1 2  ? 9.458   2.769   -19.175 1.00 0.00 ? 2  DC  A "O4'"  2 
ATOM   931  C "C3'"  . DC  A 1 2  ? 8.247   0.707   -19.325 1.00 0.00 ? 2  DC  A "C3'"  2 
ATOM   932  O "O3'"  . DC  A 1 2  ? 8.977   -0.498  -19.152 1.00 0.00 ? 2  DC  A "O3'"  2 
ATOM   933  C "C2'"  . DC  A 1 2  ? 7.948   1.431   -18.012 1.00 0.00 ? 2  DC  A "C2'"  2 
ATOM   934  C "C1'"  . DC  A 1 2  ? 9.155   2.353   -17.860 1.00 0.00 ? 2  DC  A "C1'"  2 
ATOM   935  N N1     . DC  A 1 2  ? 8.844   3.542   -17.019 1.00 0.00 ? 2  DC  A N1     2 
ATOM   936  C C2     . DC  A 1 2  ? 9.535   3.746   -15.822 1.00 0.00 ? 2  DC  A C2     2 
ATOM   937  O O2     . DC  A 1 2  ? 10.375  2.943   -15.424 1.00 0.00 ? 2  DC  A O2     2 
ATOM   938  N N3     . DC  A 1 2  ? 9.267   4.874   -15.099 1.00 0.00 ? 2  DC  A N3     2 
ATOM   939  C C4     . DC  A 1 2  ? 8.351   5.762   -15.511 1.00 0.00 ? 2  DC  A C4     2 
ATOM   940  N N4     . DC  A 1 2  ? 8.116   6.849   -14.771 1.00 0.00 ? 2  DC  A N4     2 
ATOM   941  C C5     . DC  A 1 2  ? 7.633   5.576   -16.740 1.00 0.00 ? 2  DC  A C5     2 
ATOM   942  C C6     . DC  A 1 2  ? 7.917   4.460   -17.451 1.00 0.00 ? 2  DC  A C6     2 
ATOM   943  H "H5'"  . DC  A 1 2  ? 9.211   2.951   -21.812 1.00 0.00 ? 2  DC  A "H5'"  2 
ATOM   944  H "H5''" . DC  A 1 2  ? 8.253   1.469   -22.006 1.00 0.00 ? 2  DC  A "H5''" 2 
ATOM   945  H "H4'"  . DC  A 1 2  ? 10.074  1.221   -20.355 1.00 0.00 ? 2  DC  A "H4'"  2 
ATOM   946  H "H3'"  . DC  A 1 2  ? 7.328   0.504   -19.877 1.00 0.00 ? 2  DC  A "H3'"  2 
ATOM   947  H "H2'"  . DC  A 1 2  ? 7.030   2.004   -18.145 1.00 0.00 ? 2  DC  A "H2'"  2 
ATOM   948  H "H2''" . DC  A 1 2  ? 7.835   0.769   -17.155 1.00 0.00 ? 2  DC  A "H2''" 2 
ATOM   949  H "H1'"  . DC  A 1 2  ? 9.996   1.765   -17.490 1.00 0.00 ? 2  DC  A "H1'"  2 
ATOM   950  H H41    . DC  A 1 2  ? 8.623   7.000   -13.908 1.00 0.00 ? 2  DC  A H41    2 
ATOM   951  H H42    . DC  A 1 2  ? 7.442   7.533   -15.079 1.00 0.00 ? 2  DC  A H42    2 
ATOM   952  H H5     . DC  A 1 2  ? 6.899   6.274   -17.114 1.00 0.00 ? 2  DC  A H5     2 
ATOM   953  H H6     . DC  A 1 2  ? 7.402   4.289   -18.384 1.00 0.00 ? 2  DC  A H6     2 
ATOM   954  P P      . DA  A 1 3  ? 8.388   -1.782  -18.367 1.00 0.00 ? 3  DA  A P      2 
ATOM   955  O OP1    . DA  A 1 3  ? 8.908   -3.003  -19.021 1.00 0.00 ? 3  DA  A OP1    2 
ATOM   956  O OP2    . DA  A 1 3  ? 6.930   -1.608  -18.184 1.00 0.00 ? 3  DA  A OP2    2 
ATOM   957  O "O5'"  . DA  A 1 3  ? 9.104   -1.634  -16.930 1.00 0.00 ? 3  DA  A "O5'"  2 
ATOM   958  C "C5'"  . DA  A 1 3  ? 10.510  -1.738  -16.809 1.00 0.00 ? 3  DA  A "C5'"  2 
ATOM   959  C "C4'"  . DA  A 1 3  ? 10.946  -1.454  -15.372 1.00 0.00 ? 3  DA  A "C4'"  2 
ATOM   960  O "O4'"  . DA  A 1 3  ? 10.513  -0.159  -14.992 1.00 0.00 ? 3  DA  A "O4'"  2 
ATOM   961  C "C3'"  . DA  A 1 3  ? 10.383  -2.463  -14.361 1.00 0.00 ? 3  DA  A "C3'"  2 
ATOM   962  O "O3'"  . DA  A 1 3  ? 11.478  -3.045  -13.674 1.00 0.00 ? 3  DA  A "O3'"  2 
ATOM   963  C "C2'"  . DA  A 1 3  ? 9.488   -1.589  -13.480 1.00 0.00 ? 3  DA  A "C2'"  2 
ATOM   964  C "C1'"  . DA  A 1 3  ? 10.112  -0.207  -13.641 1.00 0.00 ? 3  DA  A "C1'"  2 
ATOM   965  N N9     . DA  A 1 3  ? 9.138   0.880   -13.391 1.00 0.00 ? 3  DA  A N9     2 
ATOM   966  C C8     . DA  A 1 3  ? 7.932   1.095   -14.013 1.00 0.00 ? 3  DA  A C8     2 
ATOM   967  N N7     . DA  A 1 3  ? 7.346   2.210   -13.685 1.00 0.00 ? 3  DA  A N7     2 
ATOM   968  C C5     . DA  A 1 3  ? 8.228   2.784   -12.778 1.00 0.00 ? 3  DA  A C5     2 
ATOM   969  C C6     . DA  A 1 3  ? 8.211   4.004   -12.074 1.00 0.00 ? 3  DA  A C6     2 
ATOM   970  N N6     . DA  A 1 3  ? 7.203   4.873   -12.182 1.00 0.00 ? 3  DA  A N6     2 
ATOM   971  N N1     . DA  A 1 3  ? 9.245   4.292   -11.261 1.00 0.00 ? 3  DA  A N1     2 
ATOM   972  C C2     . DA  A 1 3  ? 10.241  3.413   -11.150 1.00 0.00 ? 3  DA  A C2     2 
ATOM   973  N N3     . DA  A 1 3  ? 10.378  2.238   -11.761 1.00 0.00 ? 3  DA  A N3     2 
ATOM   974  C C4     . DA  A 1 3  ? 9.321   1.977   -12.579 1.00 0.00 ? 3  DA  A C4     2 
ATOM   975  H "H5'"  . DA  A 1 3  ? 10.991  -1.011  -17.464 1.00 0.00 ? 3  DA  A "H5'"  2 
ATOM   976  H "H5''" . DA  A 1 3  ? 10.836  -2.740  -17.092 1.00 0.00 ? 3  DA  A "H5''" 2 
ATOM   977  H "H4'"  . DA  A 1 3  ? 12.036  -1.470  -15.336 1.00 0.00 ? 3  DA  A "H4'"  2 
ATOM   978  H "H3'"  . DA  A 1 3  ? 9.798   -3.244  -14.849 1.00 0.00 ? 3  DA  A "H3'"  2 
ATOM   979  H "H2'"  . DA  A 1 3  ? 8.483   -1.605  -13.903 1.00 0.00 ? 3  DA  A "H2'"  2 
ATOM   980  H "H2''" . DA  A 1 3  ? 9.447   -1.901  -12.438 1.00 0.00 ? 3  DA  A "H2''" 2 
ATOM   981  H "H1'"  . DA  A 1 3  ? 10.987  -0.125  -12.995 1.00 0.00 ? 3  DA  A "H1'"  2 
ATOM   982  H H8     . DA  A 1 3  ? 7.507   0.405   -14.728 1.00 0.00 ? 3  DA  A H8     2 
ATOM   983  H H61    . DA  A 1 3  ? 7.202   5.728   -11.644 1.00 0.00 ? 3  DA  A H61    2 
ATOM   984  H H62    . DA  A 1 3  ? 6.425   4.657   -12.787 1.00 0.00 ? 3  DA  A H62    2 
ATOM   985  H H2     . DA  A 1 3  ? 11.042  3.694   -10.483 1.00 0.00 ? 3  DA  A H2     2 
ATOM   986  P P      . DA  A 1 4  ? 11.304  -4.098  -12.463 1.00 0.00 ? 4  DA  A P      2 
ATOM   987  O OP1    . DA  A 1 4  ? 12.451  -5.034  -12.491 1.00 0.00 ? 4  DA  A OP1    2 
ATOM   988  O OP2    . DA  A 1 4  ? 9.921   -4.625  -12.479 1.00 0.00 ? 4  DA  A OP2    2 
ATOM   989  O "O5'"  . DA  A 1 4  ? 11.470  -3.131  -11.186 1.00 0.00 ? 4  DA  A "O5'"  2 
ATOM   990  C "C5'"  . DA  A 1 4  ? 12.696  -2.472  -10.932 1.00 0.00 ? 4  DA  A "C5'"  2 
ATOM   991  C "C4'"  . DA  A 1 4  ? 12.564  -1.559  -9.713  1.00 0.00 ? 4  DA  A "C4'"  2 
ATOM   992  O "O4'"  . DA  A 1 4  ? 11.582  -0.566  -9.961  1.00 0.00 ? 4  DA  A "O4'"  2 
ATOM   993  C "C3'"  . DA  A 1 4  ? 12.156  -2.327  -8.447  1.00 0.00 ? 4  DA  A "C3'"  2 
ATOM   994  O "O3'"  . DA  A 1 4  ? 13.134  -2.089  -7.449  1.00 0.00 ? 4  DA  A "O3'"  2 
ATOM   995  C "C2'"  . DA  A 1 4  ? 10.786  -1.728  -8.126  1.00 0.00 ? 4  DA  A "C2'"  2 
ATOM   996  C "C1'"  . DA  A 1 4  ? 10.873  -0.344  -8.762  1.00 0.00 ? 4  DA  A "C1'"  2 
ATOM   997  N N9     . DA  A 1 4  ? 9.540   0.218   -9.078  1.00 0.00 ? 4  DA  A N9     2 
ATOM   998  C C8     . DA  A 1 4  ? 8.556   -0.331  -9.864  1.00 0.00 ? 4  DA  A C8     2 
ATOM   999  N N7     . DA  A 1 4  ? 7.525   0.441   -10.055 1.00 0.00 ? 4  DA  A N7     2 
ATOM   1000 C C5     . DA  A 1 4  ? 7.842   1.588   -9.340  1.00 0.00 ? 4  DA  A C5     2 
ATOM   1001 C C6     . DA  A 1 4  ? 7.168   2.810   -9.152  1.00 0.00 ? 4  DA  A C6     2 
ATOM   1002 N N6     . DA  A 1 4  ? 5.975   3.055   -9.702  1.00 0.00 ? 4  DA  A N6     2 
ATOM   1003 N N1     . DA  A 1 4  ? 7.754   3.762   -8.401  1.00 0.00 ? 4  DA  A N1     2 
ATOM   1004 C C2     . DA  A 1 4  ? 8.948   3.513   -7.867  1.00 0.00 ? 4  DA  A C2     2 
ATOM   1005 N N3     . DA  A 1 4  ? 9.685   2.408   -7.969  1.00 0.00 ? 4  DA  A N3     2 
ATOM   1006 C C4     . DA  A 1 4  ? 9.067   1.464   -8.733  1.00 0.00 ? 4  DA  A C4     2 
ATOM   1007 H "H5'"  . DA  A 1 4  ? 12.978  -1.863  -11.792 1.00 0.00 ? 4  DA  A "H5'"  2 
ATOM   1008 H "H5''" . DA  A 1 4  ? 13.481  -3.206  -10.743 1.00 0.00 ? 4  DA  A "H5''" 2 
ATOM   1009 H "H4'"  . DA  A 1 4  ? 13.519  -1.059  -9.548  1.00 0.00 ? 4  DA  A "H4'"  2 
ATOM   1010 H "H3'"  . DA  A 1 4  ? 12.074  -3.400  -8.630  1.00 0.00 ? 4  DA  A "H3'"  2 
ATOM   1011 H "H2'"  . DA  A 1 4  ? 10.028  -2.329  -8.628  1.00 0.00 ? 4  DA  A "H2'"  2 
ATOM   1012 H "H2''" . DA  A 1 4  ? 10.567  -1.681  -7.062  1.00 0.00 ? 4  DA  A "H2''" 2 
ATOM   1013 H "H1'"  . DA  A 1 4  ? 11.448  0.320   -8.114  1.00 0.00 ? 4  DA  A "H1'"  2 
ATOM   1014 H H8     . DA  A 1 4  ? 8.630   -1.317  -10.298 1.00 0.00 ? 4  DA  A H8     2 
ATOM   1015 H H61    . DA  A 1 4  ? 5.529   3.953   -9.572  1.00 0.00 ? 4  DA  A H61    2 
ATOM   1016 H H62    . DA  A 1 4  ? 5.533   2.343   -10.266 1.00 0.00 ? 4  DA  A H62    2 
ATOM   1017 H H2     . DA  A 1 4  ? 9.372   4.309   -7.273  1.00 0.00 ? 4  DA  A H2     2 
ATOM   1018 P P      . DG  A 1 5  ? 13.028  -2.697  -5.956  1.00 0.00 ? 5  DG  A P      2 
ATOM   1019 O OP1    . DG  A 1 5  ? 14.400  -2.924  -5.449  1.00 0.00 ? 5  DG  A OP1    2 
ATOM   1020 O OP2    . DG  A 1 5  ? 12.051  -3.809  -5.959  1.00 0.00 ? 5  DG  A OP2    2 
ATOM   1021 O "O5'"  . DG  A 1 5  ? 12.388  -1.457  -5.153  1.00 0.00 ? 5  DG  A "O5'"  2 
ATOM   1022 C "C5'"  . DG  A 1 5  ? 13.113  -0.254  -4.977  1.00 0.00 ? 5  DG  A "C5'"  2 
ATOM   1023 C "C4'"  . DG  A 1 5  ? 12.252  0.781   -4.252  1.00 0.00 ? 5  DG  A "C4'"  2 
ATOM   1024 O "O4'"  . DG  A 1 5  ? 11.117  1.104   -5.037  1.00 0.00 ? 5  DG  A "O4'"  2 
ATOM   1025 C "C3'"  . DG  A 1 5  ? 11.759  0.279   -2.886  1.00 0.00 ? 5  DG  A "C3'"  2 
ATOM   1026 O "O3'"  . DG  A 1 5  ? 12.213  1.177   -1.887  1.00 0.00 ? 5  DG  A "O3'"  2 
ATOM   1027 C "C2'"  . DG  A 1 5  ? 10.241  0.270   -3.069  1.00 0.00 ? 5  DG  A "C2'"  2 
ATOM   1028 C "C1'"  . DG  A 1 5  ? 10.028  1.311   -4.165  1.00 0.00 ? 5  DG  A "C1'"  2 
ATOM   1029 N N9     . DG  A 1 5  ? 8.761   1.091   -4.900  1.00 0.00 ? 5  DG  A N9     2 
ATOM   1030 C C8     . DG  A 1 5  ? 8.387   -0.021  -5.610  1.00 0.00 ? 5  DG  A C8     2 
ATOM   1031 N N7     . DG  A 1 5  ? 7.253   0.096   -6.240  1.00 0.00 ? 5  DG  A N7     2 
ATOM   1032 C C5     . DG  A 1 5  ? 6.837   1.382   -5.926  1.00 0.00 ? 5  DG  A C5     2 
ATOM   1033 C C6     . DG  A 1 5  ? 5.678   2.088   -6.360  1.00 0.00 ? 5  DG  A C6     2 
ATOM   1034 O O6     . DG  A 1 5  ? 4.813   1.700   -7.138  1.00 0.00 ? 5  DG  A O6     2 
ATOM   1035 N N1     . DG  A 1 5  ? 5.596   3.367   -5.819  1.00 0.00 ? 5  DG  A N1     2 
ATOM   1036 C C2     . DG  A 1 5  ? 6.547   3.918   -4.979  1.00 0.00 ? 5  DG  A C2     2 
ATOM   1037 N N2     . DG  A 1 5  ? 6.311   5.156   -4.534  1.00 0.00 ? 5  DG  A N2     2 
ATOM   1038 N N3     . DG  A 1 5  ? 7.654   3.262   -4.587  1.00 0.00 ? 5  DG  A N3     2 
ATOM   1039 C C4     . DG  A 1 5  ? 7.742   2.000   -5.094  1.00 0.00 ? 5  DG  A C4     2 
ATOM   1040 H "H5'"  . DG  A 1 5  ? 13.407  0.151   -5.946  1.00 0.00 ? 5  DG  A "H5'"  2 
ATOM   1041 H "H5''" . DG  A 1 5  ? 14.009  -0.446  -4.386  1.00 0.00 ? 5  DG  A "H5''" 2 
ATOM   1042 H "H4'"  . DG  A 1 5  ? 12.841  1.691   -4.119  1.00 0.00 ? 5  DG  A "H4'"  2 
ATOM   1043 H "H3'"  . DG  A 1 5  ? 12.124  -0.726  -2.665  1.00 0.00 ? 5  DG  A "H3'"  2 
ATOM   1044 H "H2'"  . DG  A 1 5  ? 9.950   -0.718  -3.425  1.00 0.00 ? 5  DG  A "H2'"  2 
ATOM   1045 H "H2''" . DG  A 1 5  ? 9.691   0.509   -2.164  1.00 0.00 ? 5  DG  A "H2''" 2 
ATOM   1046 H "H1'"  . DG  A 1 5  ? 10.082  2.313   -3.738  1.00 0.00 ? 5  DG  A "H1'"  2 
ATOM   1047 H H8     . DG  A 1 5  ? 8.978   -0.922  -5.647  1.00 0.00 ? 5  DG  A H8     2 
ATOM   1048 H H1     . DG  A 1 5  ? 4.795   3.928   -6.087  1.00 0.00 ? 5  DG  A H1     2 
ATOM   1049 H H21    . DG  A 1 5  ? 5.475   5.651   -4.816  1.00 0.00 ? 5  DG  A H21    2 
ATOM   1050 H H22    . DG  A 1 5  ? 6.978   5.602   -3.921  1.00 0.00 ? 5  DG  A H22    2 
ATOM   1051 P P      . DT  A 1 6  ? 11.848  1.012   -0.322  1.00 0.00 ? 6  DT  A P      2 
ATOM   1052 O OP1    . DT  A 1 6  ? 13.001  1.486   0.476   1.00 0.00 ? 6  DT  A OP1    2 
ATOM   1053 O OP2    . DT  A 1 6  ? 11.303  -0.346  -0.095  1.00 0.00 ? 6  DT  A OP2    2 
ATOM   1054 O "O5'"  . DT  A 1 6  ? 10.649  2.074   -0.161  1.00 0.00 ? 6  DT  A "O5'"  2 
ATOM   1055 C "C5'"  . DT  A 1 6  ? 10.870  3.457   -0.368  1.00 0.00 ? 6  DT  A "C5'"  2 
ATOM   1056 C "C4'"  . DT  A 1 6  ? 9.556   4.229   -0.243  1.00 0.00 ? 6  DT  A "C4'"  2 
ATOM   1057 O "O4'"  . DT  A 1 6  ? 8.637   3.744   -1.206  1.00 0.00 ? 6  DT  A "O4'"  2 
ATOM   1058 C "C3'"  . DT  A 1 6  ? 8.923   4.077   1.147   1.00 0.00 ? 6  DT  A "C3'"  2 
ATOM   1059 O "O3'"  . DT  A 1 6  ? 8.660   5.368   1.674   1.00 0.00 ? 6  DT  A "O3'"  2 
ATOM   1060 C "C2'"  . DT  A 1 6  ? 7.654   3.282   0.848   1.00 0.00 ? 6  DT  A "C2'"  2 
ATOM   1061 C "C1'"  . DT  A 1 6  ? 7.364   3.663   -0.603  1.00 0.00 ? 6  DT  A "C1'"  2 
ATOM   1062 N N1     . DT  A 1 6  ? 6.541   2.653   -1.327  1.00 0.00 ? 6  DT  A N1     2 
ATOM   1063 C C2     . DT  A 1 6  ? 5.371   3.063   -1.970  1.00 0.00 ? 6  DT  A C2     2 
ATOM   1064 O O2     . DT  A 1 6  ? 4.897   4.190   -1.856  1.00 0.00 ? 6  DT  A O2     2 
ATOM   1065 N N3     . DT  A 1 6  ? 4.745   2.115   -2.773  1.00 0.00 ? 6  DT  A N3     2 
ATOM   1066 C C4     . DT  A 1 6  ? 5.165   0.805   -2.961  1.00 0.00 ? 6  DT  A C4     2 
ATOM   1067 O O4     . DT  A 1 6  ? 4.557   0.061   -3.723  1.00 0.00 ? 6  DT  A O4     2 
ATOM   1068 C C5     . DT  A 1 6  ? 6.348   0.439   -2.208  1.00 0.00 ? 6  DT  A C5     2 
ATOM   1069 C C7     . DT  A 1 6  ? 6.866   -0.986  -2.285  1.00 0.00 ? 6  DT  A C7     2 
ATOM   1070 C C6     . DT  A 1 6  ? 6.988   1.356   -1.442  1.00 0.00 ? 6  DT  A C6     2 
ATOM   1071 H "H5'"  . DT  A 1 6  ? 11.275  3.622   -1.367  1.00 0.00 ? 6  DT  A "H5'"  2 
ATOM   1072 H "H5''" . DT  A 1 6  ? 11.580  3.836   0.369   1.00 0.00 ? 6  DT  A "H5''" 2 
ATOM   1073 H "H4'"  . DT  A 1 6  ? 9.750   5.284   -0.447  1.00 0.00 ? 6  DT  A "H4'"  2 
ATOM   1074 H "H3'"  . DT  A 1 6  ? 9.576   3.528   1.827   1.00 0.00 ? 6  DT  A "H3'"  2 
ATOM   1075 H "H2'"  . DT  A 1 6  ? 7.891   2.224   0.951   1.00 0.00 ? 6  DT  A "H2'"  2 
ATOM   1076 H "H2''" . DT  A 1 6  ? 6.831   3.534   1.508   1.00 0.00 ? 6  DT  A "H2''" 2 
ATOM   1077 H "H1'"  . DT  A 1 6  ? 6.921   4.660   -0.612  1.00 0.00 ? 6  DT  A "H1'"  2 
ATOM   1078 H H3     . DT  A 1 6  ? 3.918   2.410   -3.276  1.00 0.00 ? 6  DT  A H3     2 
ATOM   1079 H H71    . DT  A 1 6  ? 7.579   -1.190  -1.485  1.00 0.00 ? 6  DT  A H71    2 
ATOM   1080 H H72    . DT  A 1 6  ? 6.032   -1.682  -2.194  1.00 0.00 ? 6  DT  A H72    2 
ATOM   1081 H H73    . DT  A 1 6  ? 7.354   -1.144  -3.245  1.00 0.00 ? 6  DT  A H73    2 
ATOM   1082 H H6     . DT  A 1 6  ? 7.886   1.064   -0.920  1.00 0.00 ? 6  DT  A H6     2 
ATOM   1083 P P      . DC  A 1 7  ? 8.026   5.602   3.144   1.00 0.00 ? 7  DC  A P      2 
ATOM   1084 O OP1    . DC  A 1 7  ? 8.615   6.835   3.712   1.00 0.00 ? 7  DC  A OP1    2 
ATOM   1085 O OP2    . DC  A 1 7  ? 8.106   4.333   3.902   1.00 0.00 ? 7  DC  A OP2    2 
ATOM   1086 O "O5'"  . DC  A 1 7  ? 6.477   5.888   2.808   1.00 0.00 ? 7  DC  A "O5'"  2 
ATOM   1087 C "C5'"  . DC  A 1 7  ? 6.076   7.070   2.139   1.00 0.00 ? 7  DC  A "C5'"  2 
ATOM   1088 C "C4'"  . DC  A 1 7  ? 4.569   7.033   1.870   1.00 0.00 ? 7  DC  A "C4'"  2 
ATOM   1089 O "O4'"  . DC  A 1 7  ? 4.290   5.910   1.055   1.00 0.00 ? 7  DC  A "O4'"  2 
ATOM   1090 C "C3'"  . DC  A 1 7  ? 3.746   6.909   3.161   1.00 0.00 ? 7  DC  A "C3'"  2 
ATOM   1091 O "O3'"  . DC  A 1 7  ? 2.762   7.931   3.205   1.00 0.00 ? 7  DC  A "O3'"  2 
ATOM   1092 C "C2'"  . DC  A 1 7  ? 3.126   5.518   3.042   1.00 0.00 ? 7  DC  A "C2'"  2 
ATOM   1093 C "C1'"  . DC  A 1 7  ? 3.114   5.293   1.526   1.00 0.00 ? 7  DC  A "C1'"  2 
ATOM   1094 N N1     . DC  A 1 7  ? 3.132   3.859   1.113   1.00 0.00 ? 7  DC  A N1     2 
ATOM   1095 C C2     . DC  A 1 7  ? 2.281   3.436   0.084   1.00 0.00 ? 7  DC  A C2     2 
ATOM   1096 O O2     . DC  A 1 7  ? 1.452   4.195   -0.413  1.00 0.00 ? 7  DC  A O2     2 
ATOM   1097 N N3     . DC  A 1 7  ? 2.392   2.154   -0.371  1.00 0.00 ? 7  DC  A N3     2 
ATOM   1098 C C4     . DC  A 1 7  ? 3.297   1.309   0.145   1.00 0.00 ? 7  DC  A C4     2 
ATOM   1099 N N4     . DC  A 1 7  ? 3.376   0.065   -0.336  1.00 0.00 ? 7  DC  A N4     2 
ATOM   1100 C C5     . DC  A 1 7  ? 4.205   1.728   1.173   1.00 0.00 ? 7  DC  A C5     2 
ATOM   1101 C C6     . DC  A 1 7  ? 4.082   3.001   1.615   1.00 0.00 ? 7  DC  A C6     2 
ATOM   1102 H "H5'"  . DC  A 1 7  ? 6.601   7.153   1.186   1.00 0.00 ? 7  DC  A "H5'"  2 
ATOM   1103 H "H5''" . DC  A 1 7  ? 6.309   7.944   2.750   1.00 0.00 ? 7  DC  A "H5''" 2 
ATOM   1104 H "H4'"  . DC  A 1 7  ? 4.283   7.939   1.333   1.00 0.00 ? 7  DC  A "H4'"  2 
ATOM   1105 H "H3'"  . DC  A 1 7  ? 4.391   6.979   4.039   1.00 0.00 ? 7  DC  A "H3'"  2 
ATOM   1106 H "H2'"  . DC  A 1 7  ? 3.778   4.822   3.564   1.00 0.00 ? 7  DC  A "H2'"  2 
ATOM   1107 H "H2''" . DC  A 1 7  ? 2.124   5.462   3.466   1.00 0.00 ? 7  DC  A "H2''" 2 
ATOM   1108 H "H1'"  . DC  A 1 7  ? 2.260   5.842   1.128   1.00 0.00 ? 7  DC  A "H1'"  2 
ATOM   1109 H H41    . DC  A 1 7  ? 2.753   -0.225  -1.076  1.00 0.00 ? 7  DC  A H41    2 
ATOM   1110 H H42    . DC  A 1 7  ? 4.064   -0.577  0.025   1.00 0.00 ? 7  DC  A H42    2 
ATOM   1111 H H5     . DC  A 1 7  ? 4.966   1.088   1.594   1.00 0.00 ? 7  DC  A H5     2 
ATOM   1112 H H6     . DC  A 1 7  ? 4.769   3.340   2.374   1.00 0.00 ? 7  DC  A H6     2 
HETATM 1113 P P      . HEU A 1 8  ? 1.921   8.264   4.549   1.00 0.00 ? 8  HEU A P      2 
HETATM 1114 O OP2    . HEU A 1 8  ? 2.276   7.275   5.592   1.00 0.00 ? 8  HEU A OP2    2 
HETATM 1115 O OP1    . HEU A 1 8  ? 2.060   9.710   4.832   1.00 0.00 ? 8  HEU A OP1    2 
HETATM 1116 O "O5'"  . HEU A 1 8  ? 0.399   7.980   4.100   1.00 0.00 ? 8  HEU A "O5'"  2 
HETATM 1117 C "C5'"  . HEU A 1 8  ? -0.265  8.829   3.184   1.00 0.00 ? 8  HEU A "C5'"  2 
HETATM 1118 C "C4'"  . HEU A 1 8  ? -1.615  8.230   2.783   1.00 0.00 ? 8  HEU A "C4'"  2 
HETATM 1119 O "O4'"  . HEU A 1 8  ? -1.395  6.922   2.277   1.00 0.00 ? 8  HEU A "O4'"  2 
HETATM 1120 C "C1'"  . HEU A 1 8  ? -2.355  6.066   2.857   1.00 0.00 ? 8  HEU A "C1'"  2 
HETATM 1121 N N1     . HEU A 1 8  ? -1.881  4.656   2.873   1.00 0.00 ? 8  HEU A N1     2 
HETATM 1122 C C2     . HEU A 1 8  ? -2.567  3.719   2.104   1.00 0.00 ? 8  HEU A C2     2 
HETATM 1123 O O2     . HEU A 1 8  ? -3.454  4.046   1.316   1.00 0.00 ? 8  HEU A O2     2 
HETATM 1124 N N3     . HEU A 1 8  ? -2.151  2.395   2.208   1.00 0.00 ? 8  HEU A N3     2 
HETATM 1125 C C7     . HEU A 1 8  ? -2.829  1.403   1.331   1.00 0.00 ? 8  HEU A C7     2 
HETATM 1126 C C8     . HEU A 1 8  ? -2.129  1.333   -0.024  1.00 0.00 ? 8  HEU A C8     2 
HETATM 1127 O O9     . HEU A 1 8  ? -0.770  0.983   0.135   1.00 0.00 ? 8  HEU A O9     2 
HETATM 1128 C C4     . HEU A 1 8  ? -1.092  1.951   2.999   1.00 0.00 ? 8  HEU A C4     2 
HETATM 1129 O O4     . HEU A 1 8  ? -0.767  0.765   3.031   1.00 0.00 ? 8  HEU A O4     2 
HETATM 1130 C C5     . HEU A 1 8  ? -0.371  3.004   3.681   1.00 0.00 ? 8  HEU A C5     2 
HETATM 1131 C C6     . HEU A 1 8  ? -0.774  4.293   3.601   1.00 0.00 ? 8  HEU A C6     2 
HETATM 1132 C "C3'"  . HEU A 1 8  ? -2.623  8.128   3.944   1.00 0.00 ? 8  HEU A "C3'"  2 
HETATM 1133 C "C2'"  . HEU A 1 8  ? -2.589  6.633   4.254   1.00 0.00 ? 8  HEU A "C2'"  2 
HETATM 1134 O "O3'"  . HEU A 1 8  ? -3.889  8.567   3.469   1.00 0.00 ? 8  HEU A "O3'"  2 
HETATM 1135 H "H5'"  . HEU A 1 8  ? 0.340   8.939   2.284   1.00 0.00 ? 8  HEU A "H5'"  2 
HETATM 1136 H "H5''" . HEU A 1 8  ? -0.421  9.814   3.627   1.00 0.00 ? 8  HEU A "H5''" 2 
HETATM 1137 H "H4'"  . HEU A 1 8  ? -2.038  8.849   1.989   1.00 0.00 ? 8  HEU A "H4'"  2 
HETATM 1138 H "H1'"  . HEU A 1 8  ? -3.287  6.190   2.305   1.00 0.00 ? 8  HEU A "H1'"  2 
HETATM 1139 H H71    . HEU A 1 8  ? -3.869  1.675   1.156   1.00 0.00 ? 8  HEU A H71    2 
HETATM 1140 H H72    . HEU A 1 8  ? -2.833  0.426   1.805   1.00 0.00 ? 8  HEU A H72    2 
HETATM 1141 H H81    . HEU A 1 8  ? -2.201  2.308   -0.504  1.00 0.00 ? 8  HEU A H81    2 
HETATM 1142 H H82    . HEU A 1 8  ? -2.625  0.596   -0.656  1.00 0.00 ? 8  HEU A H82    2 
HETATM 1143 H H9     . HEU A 1 8  ? -0.710  0.243   0.747   1.00 0.00 ? 8  HEU A H9     2 
HETATM 1144 H H5     . HEU A 1 8  ? 0.503   2.756   4.267   1.00 0.00 ? 8  HEU A H5     2 
HETATM 1145 H H6     . HEU A 1 8  ? -0.204  5.046   4.123   1.00 0.00 ? 8  HEU A H6     2 
HETATM 1146 H "H3'"  . HEU A 1 8  ? -2.318  8.722   4.806   1.00 0.00 ? 8  HEU A "H3'"  2 
HETATM 1147 H "H2'"  . HEU A 1 8  ? -1.746  6.442   4.916   1.00 0.00 ? 8  HEU A "H2'"  2 
HETATM 1148 H "H2''" . HEU A 1 8  ? -3.499  6.243   4.706   1.00 0.00 ? 8  HEU A "H2''" 2 
ATOM   1149 P P      . DA  A 1 9  ? -5.251  8.473   4.336   1.00 0.00 ? 9  DA  A P      2 
ATOM   1150 O OP1    . DA  A 1 9  ? -6.095  9.641   3.994   1.00 0.00 ? 9  DA  A OP1    2 
ATOM   1151 O OP2    . DA  A 1 9  ? -4.901  8.213   5.750   1.00 0.00 ? 9  DA  A OP2    2 
ATOM   1152 O "O5'"  . DA  A 1 9  ? -5.956  7.149   3.733   1.00 0.00 ? 9  DA  A "O5'"  2 
ATOM   1153 C "C5'"  . DA  A 1 9  ? -6.385  7.107   2.384   1.00 0.00 ? 9  DA  A "C5'"  2 
ATOM   1154 C "C4'"  . DA  A 1 9  ? -7.018  5.756   2.035   1.00 0.00 ? 9  DA  A "C4'"  2 
ATOM   1155 O "O4'"  . DA  A 1 9  ? -6.096  4.708   2.278   1.00 0.00 ? 9  DA  A "O4'"  2 
ATOM   1156 C "C3'"  . DA  A 1 9  ? -8.297  5.449   2.831   1.00 0.00 ? 9  DA  A "C3'"  2 
ATOM   1157 O "O3'"  . DA  A 1 9  ? -9.329  5.152   1.902   1.00 0.00 ? 9  DA  A "O3'"  2 
ATOM   1158 C "C2'"  . DA  A 1 9  ? -7.872  4.242   3.670   1.00 0.00 ? 9  DA  A "C2'"  2 
ATOM   1159 C "C1'"  . DA  A 1 9  ? -6.814  3.602   2.779   1.00 0.00 ? 9  DA  A "C1'"  2 
ATOM   1160 N N9     . DA  A 1 9  ? -5.908  2.715   3.542   1.00 0.00 ? 9  DA  A N9     2 
ATOM   1161 C C8     . DA  A 1 9  ? -5.105  3.042   4.608   1.00 0.00 ? 9  DA  A C8     2 
ATOM   1162 N N7     . DA  A 1 9  ? -4.361  2.065   5.041   1.00 0.00 ? 9  DA  A N7     2 
ATOM   1163 C C5     . DA  A 1 9  ? -4.685  1.012   4.195   1.00 0.00 ? 9  DA  A C5     2 
ATOM   1164 C C6     . DA  A 1 9  ? -4.214  -0.313  4.100   1.00 0.00 ? 9  DA  A C6     2 
ATOM   1165 N N6     . DA  A 1 9  ? -3.302  -0.801  4.943   1.00 0.00 ? 9  DA  A N6     2 
ATOM   1166 N N1     . DA  A 1 9  ? -4.694  -1.103  3.119   1.00 0.00 ? 9  DA  A N1     2 
ATOM   1167 C C2     . DA  A 1 9  ? -5.611  -0.605  2.289   1.00 0.00 ? 9  DA  A C2     2 
ATOM   1168 N N3     . DA  A 1 9  ? -6.145  0.615   2.283   1.00 0.00 ? 9  DA  A N3     2 
ATOM   1169 C C4     . DA  A 1 9  ? -5.630  1.393   3.276   1.00 0.00 ? 9  DA  A C4     2 
ATOM   1170 H "H5'"  . DA  A 1 9  ? -5.531  7.268   1.724   1.00 0.00 ? 9  DA  A "H5'"  2 
ATOM   1171 H "H5''" . DA  A 1 9  ? -7.119  7.893   2.202   1.00 0.00 ? 9  DA  A "H5''" 2 
ATOM   1172 H "H4'"  . DA  A 1 9  ? -7.250  5.759   0.969   1.00 0.00 ? 9  DA  A "H4'"  2 
ATOM   1173 H "H3'"  . DA  A 1 9  ? -8.593  6.284   3.468   1.00 0.00 ? 9  DA  A "H3'"  2 
ATOM   1174 H "H2'"  . DA  A 1 9  ? -7.418  4.611   4.590   1.00 0.00 ? 9  DA  A "H2'"  2 
ATOM   1175 H "H2''" . DA  A 1 9  ? -8.682  3.557   3.910   1.00 0.00 ? 9  DA  A "H2''" 2 
ATOM   1176 H "H1'"  . DA  A 1 9  ? -7.297  3.072   1.957   1.00 0.00 ? 9  DA  A "H1'"  2 
ATOM   1177 H H8     . DA  A 1 9  ? -5.085  4.028   5.049   1.00 0.00 ? 9  DA  A H8     2 
ATOM   1178 H H61    . DA  A 1 9  ? -2.967  -1.749  4.846   1.00 0.00 ? 9  DA  A H61    2 
ATOM   1179 H H62    . DA  A 1 9  ? -2.945  -0.214  5.683   1.00 0.00 ? 9  DA  A H62    2 
ATOM   1180 H H2     . DA  A 1 9  ? -5.968  -1.277  1.524   1.00 0.00 ? 9  DA  A H2     2 
ATOM   1181 P P      . DA  A 1 10 ? -10.811 4.680   2.343   1.00 0.00 ? 10 DA  A P      2 
ATOM   1182 O OP1    . DA  A 1 10 ? -11.778 5.209   1.356   1.00 0.00 ? 10 DA  A OP1    2 
ATOM   1183 O OP2    . DA  A 1 10 ? -10.997 4.971   3.783   1.00 0.00 ? 10 DA  A OP2    2 
ATOM   1184 O "O5'"  . DA  A 1 10 ? -10.722 3.080   2.156   1.00 0.00 ? 10 DA  A "O5'"  2 
ATOM   1185 C "C5'"  . DA  A 1 10 ? -10.540 2.505   0.873   1.00 0.00 ? 10 DA  A "C5'"  2 
ATOM   1186 C "C4'"  . DA  A 1 10 ? -10.490 0.977   0.965   1.00 0.00 ? 10 DA  A "C4'"  2 
ATOM   1187 O "O4'"  . DA  A 1 10 ? -9.395  0.586   1.776   1.00 0.00 ? 10 DA  A "O4'"  2 
ATOM   1188 C "C3'"  . DA  A 1 10 ? -11.770 0.381   1.571   1.00 0.00 ? 10 DA  A "C3'"  2 
ATOM   1189 O "O3'"  . DA  A 1 10 ? -12.234 -0.653  0.719   1.00 0.00 ? 10 DA  A "O3'"  2 
ATOM   1190 C "C2'"  . DA  A 1 10 ? -11.280 -0.126  2.926   1.00 0.00 ? 10 DA  A "C2'"  2 
ATOM   1191 C "C1'"  . DA  A 1 10 ? -9.820  -0.453  2.631   1.00 0.00 ? 10 DA  A "C1'"  2 
ATOM   1192 N N9     . DA  A 1 10 ? -8.988  -0.452  3.856   1.00 0.00 ? 10 DA  A N9     2 
ATOM   1193 C C8     . DA  A 1 10 ? -8.839  0.557   4.777   1.00 0.00 ? 10 DA  A C8     2 
ATOM   1194 N N7     . DA  A 1 10 ? -7.952  0.316   5.699   1.00 0.00 ? 10 DA  A N7     2 
ATOM   1195 C C5     . DA  A 1 10 ? -7.474  -0.944  5.369   1.00 0.00 ? 10 DA  A C5     2 
ATOM   1196 C C6     . DA  A 1 10 ? -6.486  -1.767  5.942   1.00 0.00 ? 10 DA  A C6     2 
ATOM   1197 N N6     . DA  A 1 10 ? -5.800  -1.401  7.027   1.00 0.00 ? 10 DA  A N6     2 
ATOM   1198 N N1     . DA  A 1 10 ? -6.222  -2.956  5.363   1.00 0.00 ? 10 DA  A N1     2 
ATOM   1199 C C2     . DA  A 1 10 ? -6.908  -3.308  4.278   1.00 0.00 ? 10 DA  A C2     2 
ATOM   1200 N N3     . DA  A 1 10 ? -7.865  -2.628  3.648   1.00 0.00 ? 10 DA  A N3     2 
ATOM   1201 C C4     . DA  A 1 10 ? -8.105  -1.431  4.250   1.00 0.00 ? 10 DA  A C4     2 
ATOM   1202 H "H5'"  . DA  A 1 10 ? -9.606  2.862   0.438   1.00 0.00 ? 10 DA  A "H5'"  2 
ATOM   1203 H "H5''" . DA  A 1 10 ? -11.366 2.789   0.219   1.00 0.00 ? 10 DA  A "H5''" 2 
ATOM   1204 H "H4'"  . DA  A 1 10 ? -10.337 0.577   -0.039  1.00 0.00 ? 10 DA  A "H4'"  2 
ATOM   1205 H "H3'"  . DA  A 1 10 ? -12.548 1.136   1.693   1.00 0.00 ? 10 DA  A "H3'"  2 
ATOM   1206 H "H2'"  . DA  A 1 10 ? -11.353 0.693   3.642   1.00 0.00 ? 10 DA  A "H2'"  2 
ATOM   1207 H "H2''" . DA  A 1 10 ? -11.829 -0.988  3.300   1.00 0.00 ? 10 DA  A "H2''" 2 
ATOM   1208 H "H1'"  . DA  A 1 10 ? -9.760  -1.407  2.104   1.00 0.00 ? 10 DA  A "H1'"  2 
ATOM   1209 H H8     . DA  A 1 10 ? -9.402  1.477   4.737   1.00 0.00 ? 10 DA  A H8     2 
ATOM   1210 H H61    . DA  A 1 10 ? -5.088  -2.005  7.412   1.00 0.00 ? 10 DA  A H61    2 
ATOM   1211 H H62    . DA  A 1 10 ? -6.000  -0.513  7.464   1.00 0.00 ? 10 DA  A H62    2 
ATOM   1212 H H2     . DA  A 1 10 ? -6.660  -4.272  3.857   1.00 0.00 ? 10 DA  A H2     2 
ATOM   1213 P P      . DA  A 1 11 ? -13.552 -1.532  1.044   1.00 0.00 ? 11 DA  A P      2 
ATOM   1214 O OP1    . DA  A 1 11 ? -14.198 -1.891  -0.237  1.00 0.00 ? 11 DA  A OP1    2 
ATOM   1215 O OP2    . DA  A 1 11 ? -14.337 -0.847  2.096   1.00 0.00 ? 11 DA  A OP2    2 
ATOM   1216 O "O5'"  . DA  A 1 11 ? -12.913 -2.868  1.681   1.00 0.00 ? 11 DA  A "O5'"  2 
ATOM   1217 C "C5'"  . DA  A 1 11 ? -12.151 -3.758  0.887   1.00 0.00 ? 11 DA  A "C5'"  2 
ATOM   1218 C "C4'"  . DA  A 1 11 ? -11.615 -4.908  1.741   1.00 0.00 ? 11 DA  A "C4'"  2 
ATOM   1219 O "O4'"  . DA  A 1 11 ? -10.746 -4.395  2.738   1.00 0.00 ? 11 DA  A "O4'"  2 
ATOM   1220 C "C3'"  . DA  A 1 11 ? -12.734 -5.694  2.443   1.00 0.00 ? 11 DA  A "C3'"  2 
ATOM   1221 O "O3'"  . DA  A 1 11 ? -12.561 -7.073  2.164   1.00 0.00 ? 11 DA  A "O3'"  2 
ATOM   1222 C "C2'"  . DA  A 1 11 ? -12.499 -5.342  3.911   1.00 0.00 ? 11 DA  A "C2'"  2 
ATOM   1223 C "C1'"  . DA  A 1 11 ? -10.993 -5.099  3.936   1.00 0.00 ? 11 DA  A "C1'"  2 
ATOM   1224 N N9     . DA  A 1 11 ? -10.574 -4.285  5.098   1.00 0.00 ? 11 DA  A N9     2 
ATOM   1225 C C8     . DA  A 1 11 ? -11.066 -3.070  5.507   1.00 0.00 ? 11 DA  A C8     2 
ATOM   1226 N N7     . DA  A 1 11 ? -10.452 -2.557  6.535   1.00 0.00 ? 11 DA  A N7     2 
ATOM   1227 C C5     . DA  A 1 11 ? -9.476  -3.500  6.832   1.00 0.00 ? 11 DA  A C5     2 
ATOM   1228 C C6     . DA  A 1 11 ? -8.468  -3.549  7.812   1.00 0.00 ? 11 DA  A C6     2 
ATOM   1229 N N6     . DA  A 1 11 ? -8.305  -2.575  8.711   1.00 0.00 ? 11 DA  A N6     2 
ATOM   1230 N N1     . DA  A 1 11 ? -7.642  -4.614  7.836   1.00 0.00 ? 11 DA  A N1     2 
ATOM   1231 C C2     . DA  A 1 11 ? -7.813  -5.578  6.933   1.00 0.00 ? 11 DA  A C2     2 
ATOM   1232 N N3     . DA  A 1 11 ? -8.725  -5.653  5.965   1.00 0.00 ? 11 DA  A N3     2 
ATOM   1233 C C4     . DA  A 1 11 ? -9.540  -4.563  5.964   1.00 0.00 ? 11 DA  A C4     2 
ATOM   1234 H "H5'"  . DA  A 1 11 ? -11.308 -3.229  0.440   1.00 0.00 ? 11 DA  A "H5'"  2 
ATOM   1235 H "H5''" . DA  A 1 11 ? -12.773 -4.169  0.090   1.00 0.00 ? 11 DA  A "H5''" 2 
ATOM   1236 H "H4'"  . DA  A 1 11 ? -11.044 -5.578  1.097   1.00 0.00 ? 11 DA  A "H4'"  2 
ATOM   1237 H "H3'"  . DA  A 1 11 ? -13.725 -5.374  2.117   1.00 0.00 ? 11 DA  A "H3'"  2 
ATOM   1238 H "H2'"  . DA  A 1 11 ? -13.041 -4.422  4.131   1.00 0.00 ? 11 DA  A "H2'"  2 
ATOM   1239 H "H2''" . DA  A 1 11 ? -12.803 -6.121  4.605   1.00 0.00 ? 11 DA  A "H2''" 2 
ATOM   1240 H "H1'"  . DA  A 1 11 ? -10.472 -6.058  3.911   1.00 0.00 ? 11 DA  A "H1'"  2 
ATOM   1241 H H8     . DA  A 1 11 ? -11.891 -2.573  5.020   1.00 0.00 ? 11 DA  A H8     2 
ATOM   1242 H H61    . DA  A 1 11 ? -7.569  -2.630  9.402   1.00 0.00 ? 11 DA  A H61    2 
ATOM   1243 H H62    . DA  A 1 11 ? -8.924  -1.778  8.697   1.00 0.00 ? 11 DA  A H62    2 
ATOM   1244 H H2     . DA  A 1 11 ? -7.127  -6.410  7.000   1.00 0.00 ? 11 DA  A H2     2 
ATOM   1245 P P      . DA  A 1 12 ? -13.531 -8.221  2.761   1.00 0.00 ? 12 DA  A P      2 
ATOM   1246 O OP1    . DA  A 1 12 ? -13.766 -9.227  1.701   1.00 0.00 ? 12 DA  A OP1    2 
ATOM   1247 O OP2    . DA  A 1 12 ? -14.682 -7.579  3.433   1.00 0.00 ? 12 DA  A OP2    2 
ATOM   1248 O "O5'"  . DA  A 1 12 ? -12.591 -8.883  3.891   1.00 0.00 ? 12 DA  A "O5'"  2 
ATOM   1249 C "C5'"  . DA  A 1 12 ? -11.417 -9.590  3.532   1.00 0.00 ? 12 DA  A "C5'"  2 
ATOM   1250 C "C4'"  . DA  A 1 12 ? -10.681 -10.090 4.778   1.00 0.00 ? 12 DA  A "C4'"  2 
ATOM   1251 O "O4'"  . DA  A 1 12 ? -10.292 -8.980  5.572   1.00 0.00 ? 12 DA  A "O4'"  2 
ATOM   1252 C "C3'"  . DA  A 1 12 ? -11.550 -11.015 5.641   1.00 0.00 ? 12 DA  A "C3'"  2 
ATOM   1253 O "O3'"  . DA  A 1 12 ? -10.770 -12.139 6.018   1.00 0.00 ? 12 DA  A "O3'"  2 
ATOM   1254 C "C2'"  . DA  A 1 12 ? -11.900 -10.109 6.817   1.00 0.00 ? 12 DA  A "C2'"  2 
ATOM   1255 C "C1'"  . DA  A 1 12 ? -10.653 -9.234  6.913   1.00 0.00 ? 12 DA  A "C1'"  2 
ATOM   1256 N N9     . DA  A 1 12 ? -10.920 -7.952  7.605   1.00 0.00 ? 12 DA  A N9     2 
ATOM   1257 C C8     . DA  A 1 12 ? -11.910 -7.038  7.339   1.00 0.00 ? 12 DA  A C8     2 
ATOM   1258 N N7     . DA  A 1 12 ? -11.867 -5.965  8.075   1.00 0.00 ? 12 DA  A N7     2 
ATOM   1259 C C5     . DA  A 1 12 ? -10.765 -6.179  8.892   1.00 0.00 ? 12 DA  A C5     2 
ATOM   1260 C C6     . DA  A 1 12 ? -10.170 -5.404  9.906   1.00 0.00 ? 12 DA  A C6     2 
ATOM   1261 N N6     . DA  A 1 12 ? -10.636 -4.198  10.239  1.00 0.00 ? 12 DA  A N6     2 
ATOM   1262 N N1     . DA  A 1 12 ? -9.082  -5.890  10.536  1.00 0.00 ? 12 DA  A N1     2 
ATOM   1263 C C2     . DA  A 1 12 ? -8.612  -7.083  10.173  1.00 0.00 ? 12 DA  A C2     2 
ATOM   1264 N N3     . DA  A 1 12 ? -9.080  -7.907  9.237   1.00 0.00 ? 12 DA  A N3     2 
ATOM   1265 C C4     . DA  A 1 12 ? -10.177 -7.388  8.618   1.00 0.00 ? 12 DA  A C4     2 
ATOM   1266 H "H5'"  . DA  A 1 12 ? -10.748 -8.936  2.971   1.00 0.00 ? 12 DA  A "H5'"  2 
ATOM   1267 H "H5''" . DA  A 1 12 ? -11.677 -10.447 2.909   1.00 0.00 ? 12 DA  A "H5''" 2 
ATOM   1268 H "H4'"  . DA  A 1 12 ? -9.784  -10.621 4.452   1.00 0.00 ? 12 DA  A "H4'"  2 
ATOM   1269 H "H3'"  . DA  A 1 12 ? -12.445 -11.347 5.111   1.00 0.00 ? 12 DA  A "H3'"  2 
ATOM   1270 H "H2'"  . DA  A 1 12 ? -12.772 -9.515  6.541   1.00 0.00 ? 12 DA  A "H2'"  2 
ATOM   1271 H "H2''" . DA  A 1 12 ? -12.106 -10.645 7.740   1.00 0.00 ? 12 DA  A "H2''" 2 
ATOM   1272 H "H1'"  . DA  A 1 12 ? -9.855  -9.794  7.404   1.00 0.00 ? 12 DA  A "H1'"  2 
ATOM   1273 H H8     . DA  A 1 12 ? -12.668 -7.194  6.587   1.00 0.00 ? 12 DA  A H8     2 
ATOM   1274 H H61    . DA  A 1 12 ? -10.183 -3.659  10.962  1.00 0.00 ? 12 DA  A H61    2 
ATOM   1275 H H62    . DA  A 1 12 ? -11.445 -3.828  9.761   1.00 0.00 ? 12 DA  A H62    2 
ATOM   1276 H H2     . DA  A 1 12 ? -7.742  -7.427  10.711  1.00 0.00 ? 12 DA  A H2     2 
ATOM   1277 P P      . DC  A 1 13 ? -11.334 -13.332 6.950   1.00 0.00 ? 13 DC  A P      2 
ATOM   1278 O OP1    . DC  A 1 13 ? -10.846 -14.618 6.405   1.00 0.00 ? 13 DC  A OP1    2 
ATOM   1279 O OP2    . DC  A 1 13 ? -12.785 -13.131 7.168   1.00 0.00 ? 13 DC  A OP2    2 
ATOM   1280 O "O5'"  . DC  A 1 13 ? -10.569 -13.047 8.340   1.00 0.00 ? 13 DC  A "O5'"  2 
ATOM   1281 C "C5'"  . DC  A 1 13 ? -9.165  -13.196 8.438   1.00 0.00 ? 13 DC  A "C5'"  2 
ATOM   1282 C "C4'"  . DC  A 1 13 ? -8.680  -12.811 9.838   1.00 0.00 ? 13 DC  A "C4'"  2 
ATOM   1283 O "O4'"  . DC  A 1 13 ? -9.010  -11.455 10.088  1.00 0.00 ? 13 DC  A "O4'"  2 
ATOM   1284 C "C3'"  . DC  A 1 13 ? -9.316  -13.673 10.937  1.00 0.00 ? 13 DC  A "C3'"  2 
ATOM   1285 O "O3'"  . DC  A 1 13 ? -8.292  -14.217 11.755  1.00 0.00 ? 13 DC  A "O3'"  2 
ATOM   1286 C "C2'"  . DC  A 1 13 ? -10.197 -12.668 11.676  1.00 0.00 ? 13 DC  A "C2'"  2 
ATOM   1287 C "C1'"  . DC  A 1 13 ? -9.484  -11.342 11.414  1.00 0.00 ? 13 DC  A "C1'"  2 
ATOM   1288 N N1     . DC  A 1 13 ? -10.402 -10.173 11.520  1.00 0.00 ? 13 DC  A N1     2 
ATOM   1289 C C2     . DC  A 1 13 ? -10.143 -9.163  12.452  1.00 0.00 ? 13 DC  A C2     2 
ATOM   1290 O O2     . DC  A 1 13 ? -9.213  -9.251  13.252  1.00 0.00 ? 13 DC  A O2     2 
ATOM   1291 N N3     . DC  A 1 13 ? -10.948 -8.059  12.461  1.00 0.00 ? 13 DC  A N3     2 
ATOM   1292 C C4     . DC  A 1 13 ? -11.983 -7.951  11.612  1.00 0.00 ? 13 DC  A C4     2 
ATOM   1293 N N4     . DC  A 1 13 ? -12.732 -6.845  11.636  1.00 0.00 ? 13 DC  A N4     2 
ATOM   1294 C C5     . DC  A 1 13 ? -12.276 -8.979  10.658  1.00 0.00 ? 13 DC  A C5     2 
ATOM   1295 C C6     . DC  A 1 13 ? -11.460 -10.057 10.650  1.00 0.00 ? 13 DC  A C6     2 
ATOM   1296 H "H5'"  . DC  A 1 13 ? -8.673  -12.551 7.709   1.00 0.00 ? 13 DC  A "H5'"  2 
ATOM   1297 H "H5''" . DC  A 1 13 ? -8.886  -14.232 8.239   1.00 0.00 ? 13 DC  A "H5''" 2 
ATOM   1298 H "H4'"  . DC  A 1 13 ? -7.594  -12.916 9.870   1.00 0.00 ? 13 DC  A "H4'"  2 
ATOM   1299 H "H3'"  . DC  A 1 13 ? -9.916  -14.481 10.513  1.00 0.00 ? 13 DC  A "H3'"  2 
ATOM   1300 H "H2'"  . DC  A 1 13 ? -11.188 -12.685 11.224  1.00 0.00 ? 13 DC  A "H2'"  2 
ATOM   1301 H "H2''" . DC  A 1 13 ? -10.277 -12.876 12.737  1.00 0.00 ? 13 DC  A "H2''" 2 
ATOM   1302 H "H1'"  . DC  A 1 13 ? -8.621  -11.278 12.078  1.00 0.00 ? 13 DC  A "H1'"  2 
ATOM   1303 H H41    . DC  A 1 13 ? -12.511 -6.098  12.278  1.00 0.00 ? 13 DC  A H41    2 
ATOM   1304 H H42    . DC  A 1 13 ? -13.498 -6.743  10.988  1.00 0.00 ? 13 DC  A H42    2 
ATOM   1305 H H5     . DC  A 1 13 ? -13.094 -8.925  9.954   1.00 0.00 ? 13 DC  A H5     2 
ATOM   1306 H H6     . DC  A 1 13 ? -11.643 -10.845 9.937   1.00 0.00 ? 13 DC  A H6     2 
ATOM   1307 P P      . DG  A 1 14 ? -8.598  -15.213 12.993  1.00 0.00 ? 14 DG  A P      2 
ATOM   1308 O OP1    . DG  A 1 14 ? -7.494  -16.194 13.085  1.00 0.00 ? 14 DG  A OP1    2 
ATOM   1309 O OP2    . DG  A 1 14 ? -9.996  -15.688 12.893  1.00 0.00 ? 14 DG  A OP2    2 
ATOM   1310 O "O5'"  . DG  A 1 14 ? -8.498  -14.227 14.264  1.00 0.00 ? 14 DG  A "O5'"  2 
ATOM   1311 C "C5'"  . DG  A 1 14 ? -7.264  -13.654 14.652  1.00 0.00 ? 14 DG  A "C5'"  2 
ATOM   1312 C "C4'"  . DG  A 1 14 ? -7.461  -12.729 15.855  1.00 0.00 ? 14 DG  A "C4'"  2 
ATOM   1313 O "O4'"  . DG  A 1 14 ? -8.352  -11.690 15.489  1.00 0.00 ? 14 DG  A "O4'"  2 
ATOM   1314 C "C3'"  . DG  A 1 14 ? -8.066  -13.459 17.063  1.00 0.00 ? 14 DG  A "C3'"  2 
ATOM   1315 O "O3'"  . DG  A 1 14 ? -7.460  -13.006 18.256  1.00 0.00 ? 14 DG  A "O3'"  2 
ATOM   1316 C "C2'"  . DG  A 1 14 ? -9.523  -13.014 17.026  1.00 0.00 ? 14 DG  A "C2'"  2 
ATOM   1317 C "C1'"  . DG  A 1 14 ? -9.368  -11.601 16.467  1.00 0.00 ? 14 DG  A "C1'"  2 
ATOM   1318 N N9     . DG  A 1 14 ? -10.607 -11.071 15.852  1.00 0.00 ? 14 DG  A N9     2 
ATOM   1319 C C8     . DG  A 1 14 ? -11.458 -11.683 14.966  1.00 0.00 ? 14 DG  A C8     2 
ATOM   1320 N N7     . DG  A 1 14 ? -12.400 -10.909 14.506  1.00 0.00 ? 14 DG  A N7     2 
ATOM   1321 C C5     . DG  A 1 14 ? -12.175 -9.698  15.147  1.00 0.00 ? 14 DG  A C5     2 
ATOM   1322 C C6     . DG  A 1 14 ? -12.885 -8.465  15.049  1.00 0.00 ? 14 DG  A C6     2 
ATOM   1323 O O6     . DG  A 1 14 ? -13.847 -8.203  14.332  1.00 0.00 ? 14 DG  A O6     2 
ATOM   1324 N N1     . DG  A 1 14 ? -12.372 -7.486  15.898  1.00 0.00 ? 14 DG  A N1     2 
ATOM   1325 C C2     . DG  A 1 14 ? -11.291 -7.671  16.739  1.00 0.00 ? 14 DG  A C2     2 
ATOM   1326 N N2     . DG  A 1 14 ? -10.946 -6.642  17.519  1.00 0.00 ? 14 DG  A N2     2 
ATOM   1327 N N3     . DG  A 1 14 ? -10.600 -8.821  16.809  1.00 0.00 ? 14 DG  A N3     2 
ATOM   1328 C C4     . DG  A 1 14 ? -11.093 -9.792  15.991  1.00 0.00 ? 14 DG  A C4     2 
ATOM   1329 H "H5'"  . DG  A 1 14 ? -6.851  -13.074 13.825  1.00 0.00 ? 14 DG  A "H5'"  2 
ATOM   1330 H "H5''" . DG  A 1 14 ? -6.558  -14.442 14.919  1.00 0.00 ? 14 DG  A "H5''" 2 
ATOM   1331 H "H4'"  . DG  A 1 14 ? -6.494  -12.300 16.125  1.00 0.00 ? 14 DG  A "H4'"  2 
ATOM   1332 H "H3'"  . DG  A 1 14 ? -7.971  -14.543 16.991  1.00 0.00 ? 14 DG  A "H3'"  2 
ATOM   1333 H "HO3'" . DG  A 1 14 ? -7.896  -13.428 19.000  1.00 0.00 ? 14 DG  A "HO3'" 2 
ATOM   1334 H "H2'"  . DG  A 1 14 ? -10.071 -13.656 16.337  1.00 0.00 ? 14 DG  A "H2'"  2 
ATOM   1335 H "H2''" . DG  A 1 14 ? -9.993  -13.026 18.010  1.00 0.00 ? 14 DG  A "H2''" 2 
ATOM   1336 H "H1'"  . DG  A 1 14 ? -9.022  -10.945 17.267  1.00 0.00 ? 14 DG  A "H1'"  2 
ATOM   1337 H H8     . DG  A 1 14 ? -11.361 -12.715 14.668  1.00 0.00 ? 14 DG  A H8     2 
ATOM   1338 H H1     . DG  A 1 14 ? -12.829 -6.585  15.898  1.00 0.00 ? 14 DG  A H1     2 
ATOM   1339 H H21    . DG  A 1 14 ? -11.455 -5.768  17.470  1.00 0.00 ? 14 DG  A H21    2 
ATOM   1340 H H22    . DG  A 1 14 ? -10.151 -6.726  18.135  1.00 0.00 ? 14 DG  A H22    2 
ATOM   1341 O "O5'"  . DC  B 2 1  ? -17.326 -0.116  18.426  1.00 0.00 ? 15 DC  B "O5'"  2 
ATOM   1342 C "C5'"  . DC  B 2 1  ? -16.978 -0.269  19.786  1.00 0.00 ? 15 DC  B "C5'"  2 
ATOM   1343 C "C4'"  . DC  B 2 1  ? -15.537 -0.770  19.923  1.00 0.00 ? 15 DC  B "C4'"  2 
ATOM   1344 O "O4'"  . DC  B 2 1  ? -15.415 -2.030  19.282  1.00 0.00 ? 15 DC  B "O4'"  2 
ATOM   1345 C "C3'"  . DC  B 2 1  ? -14.513 0.188   19.293  1.00 0.00 ? 15 DC  B "C3'"  2 
ATOM   1346 O "O3'"  . DC  B 2 1  ? -13.492 0.449   20.241  1.00 0.00 ? 15 DC  B "O3'"  2 
ATOM   1347 C "C2'"  . DC  B 2 1  ? -14.022 -0.606  18.085  1.00 0.00 ? 15 DC  B "C2'"  2 
ATOM   1348 C "C1'"  . DC  B 2 1  ? -14.210 -2.049  18.544  1.00 0.00 ? 15 DC  B "C1'"  2 
ATOM   1349 N N1     . DC  B 2 1  ? -14.325 -2.975  17.383  1.00 0.00 ? 15 DC  B N1     2 
ATOM   1350 C C2     . DC  B 2 1  ? -13.337 -3.941  17.164  1.00 0.00 ? 15 DC  B C2     2 
ATOM   1351 O O2     . DC  B 2 1  ? -12.384 -4.070  17.929  1.00 0.00 ? 15 DC  B O2     2 
ATOM   1352 N N3     . DC  B 2 1  ? -13.451 -4.755  16.074  1.00 0.00 ? 15 DC  B N3     2 
ATOM   1353 C C4     . DC  B 2 1  ? -14.479 -4.634  15.220  1.00 0.00 ? 15 DC  B C4     2 
ATOM   1354 N N4     . DC  B 2 1  ? -14.550 -5.454  14.168  1.00 0.00 ? 15 DC  B N4     2 
ATOM   1355 C C5     . DC  B 2 1  ? -15.521 -3.674  15.442  1.00 0.00 ? 15 DC  B C5     2 
ATOM   1356 C C6     . DC  B 2 1  ? -15.400 -2.877  16.529  1.00 0.00 ? 15 DC  B C6     2 
ATOM   1357 H "H5'"  . DC  B 2 1  ? -17.656 -0.990  20.247  1.00 0.00 ? 15 DC  B "H5'"  2 
ATOM   1358 H "H5''" . DC  B 2 1  ? -17.082 0.690   20.293  1.00 0.00 ? 15 DC  B "H5''" 2 
ATOM   1359 H "H4'"  . DC  B 2 1  ? -15.317 -0.895  20.985  1.00 0.00 ? 15 DC  B "H4'"  2 
ATOM   1360 H "H3'"  . DC  B 2 1  ? -14.976 1.126   18.984  1.00 0.00 ? 15 DC  B "H3'"  2 
ATOM   1361 H "H2'"  . DC  B 2 1  ? -14.669 -0.377  17.239  1.00 0.00 ? 15 DC  B "H2'"  2 
ATOM   1362 H "H2''" . DC  B 2 1  ? -12.989 -0.401  17.813  1.00 0.00 ? 15 DC  B "H2''" 2 
ATOM   1363 H "H1'"  . DC  B 2 1  ? -13.399 -2.307  19.227  1.00 0.00 ? 15 DC  B "H1'"  2 
ATOM   1364 H H41    . DC  B 2 1  ? -13.862 -6.184  14.043  1.00 0.00 ? 15 DC  B H41    2 
ATOM   1365 H H42    . DC  B 2 1  ? -15.319 -5.376  13.518  1.00 0.00 ? 15 DC  B H42    2 
ATOM   1366 H H5     . DC  B 2 1  ? -16.381 -3.567  14.796  1.00 0.00 ? 15 DC  B H5     2 
ATOM   1367 H H6     . DC  B 2 1  ? -16.169 -2.145  16.726  1.00 0.00 ? 15 DC  B H6     2 
ATOM   1368 H "HO5'" . DC  B 2 1  ? -18.236 0.186   18.376  1.00 0.00 ? 15 DC  B "HO5'" 2 
ATOM   1369 P P      . DG  B 2 2  ? -12.229 1.410   19.924  1.00 0.00 ? 16 DG  B P      2 
ATOM   1370 O OP1    . DG  B 2 2  ? -11.841 2.092   21.178  1.00 0.00 ? 16 DG  B OP1    2 
ATOM   1371 O OP2    . DG  B 2 2  ? -12.531 2.208   18.715  1.00 0.00 ? 16 DG  B OP2    2 
ATOM   1372 O "O5'"  . DG  B 2 2  ? -11.081 0.339   19.553  1.00 0.00 ? 16 DG  B "O5'"  2 
ATOM   1373 C "C5'"  . DG  B 2 2  ? -10.594 -0.564  20.527  1.00 0.00 ? 16 DG  B "C5'"  2 
ATOM   1374 C "C4'"  . DG  B 2 2  ? -9.580  -1.530  19.909  1.00 0.00 ? 16 DG  B "C4'"  2 
ATOM   1375 O "O4'"  . DG  B 2 2  ? -10.188 -2.246  18.848  1.00 0.00 ? 16 DG  B "O4'"  2 
ATOM   1376 C "C3'"  . DG  B 2 2  ? -8.335  -0.823  19.351  1.00 0.00 ? 16 DG  B "C3'"  2 
ATOM   1377 O "O3'"  . DG  B 2 2  ? -7.195  -1.449  19.918  1.00 0.00 ? 16 DG  B "O3'"  2 
ATOM   1378 C "C2'"  . DG  B 2 2  ? -8.478  -1.048  17.847  1.00 0.00 ? 16 DG  B "C2'"  2 
ATOM   1379 C "C1'"  . DG  B 2 2  ? -9.259  -2.356  17.791  1.00 0.00 ? 16 DG  B "C1'"  2 
ATOM   1380 N N9     . DG  B 2 2  ? -9.987  -2.518  16.512  1.00 0.00 ? 16 DG  B N9     2 
ATOM   1381 C C8     . DG  B 2 2  ? -10.914 -1.672  15.957  1.00 0.00 ? 16 DG  B C8     2 
ATOM   1382 N N7     . DG  B 2 2  ? -11.483 -2.131  14.879  1.00 0.00 ? 16 DG  B N7     2 
ATOM   1383 C C5     . DG  B 2 2  ? -10.889 -3.372  14.696  1.00 0.00 ? 16 DG  B C5     2 
ATOM   1384 C C6     . DG  B 2 2  ? -11.141 -4.362  13.703  1.00 0.00 ? 16 DG  B C6     2 
ATOM   1385 O O6     . DG  B 2 2  ? -11.966 -4.317  12.795  1.00 0.00 ? 16 DG  B O6     2 
ATOM   1386 N N1     . DG  B 2 2  ? -10.338 -5.490  13.852  1.00 0.00 ? 16 DG  B N1     2 
ATOM   1387 C C2     . DG  B 2 2  ? -9.408  -5.652  14.861  1.00 0.00 ? 16 DG  B C2     2 
ATOM   1388 N N2     . DG  B 2 2  ? -8.722  -6.800  14.876  1.00 0.00 ? 16 DG  B N2     2 
ATOM   1389 N N3     . DG  B 2 2  ? -9.188  -4.730  15.816  1.00 0.00 ? 16 DG  B N3     2 
ATOM   1390 C C4     . DG  B 2 2  ? -9.960  -3.617  15.680  1.00 0.00 ? 16 DG  B C4     2 
ATOM   1391 H "H5'"  . DG  B 2 2  ? -11.421 -1.147  20.934  1.00 0.00 ? 16 DG  B "H5'"  2 
ATOM   1392 H "H5''" . DG  B 2 2  ? -10.115 -0.015  21.338  1.00 0.00 ? 16 DG  B "H5''" 2 
ATOM   1393 H "H4'"  . DG  B 2 2  ? -9.282  -2.245  20.678  1.00 0.00 ? 16 DG  B "H4'"  2 
ATOM   1394 H "H3'"  . DG  B 2 2  ? -8.328  0.242   19.588  1.00 0.00 ? 16 DG  B "H3'"  2 
ATOM   1395 H "H2'"  . DG  B 2 2  ? -9.073  -0.232  17.438  1.00 0.00 ? 16 DG  B "H2'"  2 
ATOM   1396 H "H2''" . DG  B 2 2  ? -7.531  -1.112  17.313  1.00 0.00 ? 16 DG  B "H2''" 2 
ATOM   1397 H "H1'"  . DG  B 2 2  ? -8.586  -3.193  17.983  1.00 0.00 ? 16 DG  B "H1'"  2 
ATOM   1398 H H8     . DG  B 2 2  ? -11.163 -0.712  16.381  1.00 0.00 ? 16 DG  B H8     2 
ATOM   1399 H H1     . DG  B 2 2  ? -10.462 -6.244  13.186  1.00 0.00 ? 16 DG  B H1     2 
ATOM   1400 H H21    . DG  B 2 2  ? -8.897  -7.512  14.178  1.00 0.00 ? 16 DG  B H21    2 
ATOM   1401 H H22    . DG  B 2 2  ? -8.034  -6.961  15.597  1.00 0.00 ? 16 DG  B H22    2 
ATOM   1402 P P      . DT  B 2 3  ? -5.681  -1.068  19.504  1.00 0.00 ? 17 DT  B P      2 
ATOM   1403 O OP1    . DT  B 2 3  ? -4.815  -1.252  20.690  1.00 0.00 ? 17 DT  B OP1    2 
ATOM   1404 O OP2    . DT  B 2 3  ? -5.689  0.228   18.790  1.00 0.00 ? 17 DT  B OP2    2 
ATOM   1405 O "O5'"  . DT  B 2 3  ? -5.345  -2.234  18.443  1.00 0.00 ? 17 DT  B "O5'"  2 
ATOM   1406 C "C5'"  . DT  B 2 3  ? -5.284  -3.588  18.852  1.00 0.00 ? 17 DT  B "C5'"  2 
ATOM   1407 C "C4'"  . DT  B 2 3  ? -5.004  -4.496  17.655  1.00 0.00 ? 17 DT  B "C4'"  2 
ATOM   1408 O "O4'"  . DT  B 2 3  ? -6.038  -4.372  16.696  1.00 0.00 ? 17 DT  B "O4'"  2 
ATOM   1409 C "C3'"  . DT  B 2 3  ? -3.674  -4.173  16.958  1.00 0.00 ? 17 DT  B "C3'"  2 
ATOM   1410 O "O3'"  . DT  B 2 3  ? -2.824  -5.302  17.068  1.00 0.00 ? 17 DT  B "O3'"  2 
ATOM   1411 C "C2'"  . DT  B 2 3  ? -4.111  -3.863  15.525  1.00 0.00 ? 17 DT  B "C2'"  2 
ATOM   1412 C "C1'"  . DT  B 2 3  ? -5.465  -4.562  15.420  1.00 0.00 ? 17 DT  B "C1'"  2 
ATOM   1413 N N1     . DT  B 2 3  ? -6.331  -3.956  14.373  1.00 0.00 ? 17 DT  B N1     2 
ATOM   1414 C C2     . DT  B 2 3  ? -6.694  -4.717  13.259  1.00 0.00 ? 17 DT  B C2     2 
ATOM   1415 O O2     . DT  B 2 3  ? -6.292  -5.862  13.062  1.00 0.00 ? 17 DT  B O2     2 
ATOM   1416 N N3     . DT  B 2 3  ? -7.563  -4.114  12.359  1.00 0.00 ? 17 DT  B N3     2 
ATOM   1417 C C4     . DT  B 2 3  ? -8.085  -2.832  12.467  1.00 0.00 ? 17 DT  B C4     2 
ATOM   1418 O O4     . DT  B 2 3  ? -8.847  -2.400  11.608  1.00 0.00 ? 17 DT  B O4     2 
ATOM   1419 C C5     . DT  B 2 3  ? -7.659  -2.106  13.647  1.00 0.00 ? 17 DT  B C5     2 
ATOM   1420 C C7     . DT  B 2 3  ? -8.159  -0.694  13.879  1.00 0.00 ? 17 DT  B C7     2 
ATOM   1421 C C6     . DT  B 2 3  ? -6.816  -2.680  14.541  1.00 0.00 ? 17 DT  B C6     2 
ATOM   1422 H "H5'"  . DT  B 2 3  ? -6.234  -3.885  19.300  1.00 0.00 ? 17 DT  B "H5'"  2 
ATOM   1423 H "H5''" . DT  B 2 3  ? -4.490  -3.718  19.589  1.00 0.00 ? 17 DT  B "H5''" 2 
ATOM   1424 H "H4'"  . DT  B 2 3  ? -4.991  -5.531  17.999  1.00 0.00 ? 17 DT  B "H4'"  2 
ATOM   1425 H "H3'"  . DT  B 2 3  ? -3.188  -3.302  17.402  1.00 0.00 ? 17 DT  B "H3'"  2 
ATOM   1426 H "H2'"  . DT  B 2 3  ? -4.230  -2.783  15.431  1.00 0.00 ? 17 DT  B "H2'"  2 
ATOM   1427 H "H2''" . DT  B 2 3  ? -3.415  -4.218  14.769  1.00 0.00 ? 17 DT  B "H2''" 2 
ATOM   1428 H "H1'"  . DT  B 2 3  ? -5.301  -5.632  15.277  1.00 0.00 ? 17 DT  B "H1'"  2 
ATOM   1429 H H3     . DT  B 2 3  ? -7.871  -4.673  11.572  1.00 0.00 ? 17 DT  B H3     2 
ATOM   1430 H H71    . DT  B 2 3  ? -7.520  0.008   13.341  1.00 0.00 ? 17 DT  B H71    2 
ATOM   1431 H H72    . DT  B 2 3  ? -9.182  -0.595  13.513  1.00 0.00 ? 17 DT  B H72    2 
ATOM   1432 H H73    . DT  B 2 3  ? -8.145  -0.447  14.940  1.00 0.00 ? 17 DT  B H73    2 
ATOM   1433 H H6     . DT  B 2 3  ? -6.516  -2.120  15.415  1.00 0.00 ? 17 DT  B H6     2 
ATOM   1434 P P      . DT  B 2 4  ? -1.337  -5.350  16.437  1.00 0.00 ? 18 DT  B P      2 
ATOM   1435 O OP1    . DT  B 2 4  ? -0.509  -6.250  17.269  1.00 0.00 ? 18 DT  B OP1    2 
ATOM   1436 O OP2    . DT  B 2 4  ? -0.886  -3.965  16.173  1.00 0.00 ? 18 DT  B OP2    2 
ATOM   1437 O "O5'"  . DT  B 2 4  ? -1.607  -6.074  15.023  1.00 0.00 ? 18 DT  B "O5'"  2 
ATOM   1438 C "C5'"  . DT  B 2 4  ? -2.055  -7.414  14.967  1.00 0.00 ? 18 DT  B "C5'"  2 
ATOM   1439 C "C4'"  . DT  B 2 4  ? -2.399  -7.789  13.526  1.00 0.00 ? 18 DT  B "C4'"  2 
ATOM   1440 O "O4'"  . DT  B 2 4  ? -3.390  -6.911  13.024  1.00 0.00 ? 18 DT  B "O4'"  2 
ATOM   1441 C "C3'"  . DT  B 2 4  ? -1.193  -7.726  12.577  1.00 0.00 ? 18 DT  B "C3'"  2 
ATOM   1442 O "O3'"  . DT  B 2 4  ? -0.904  -9.043  12.136  1.00 0.00 ? 18 DT  B "O3'"  2 
ATOM   1443 C "C2'"  . DT  B 2 4  ? -1.679  -6.784  11.471  1.00 0.00 ? 18 DT  B "C2'"  2 
ATOM   1444 C "C1'"  . DT  B 2 4  ? -3.198  -6.805  11.631  1.00 0.00 ? 18 DT  B "C1'"  2 
ATOM   1445 N N1     . DT  B 2 4  ? -3.832  -5.555  11.126  1.00 0.00 ? 18 DT  B N1     2 
ATOM   1446 C C2     . DT  B 2 4  ? -4.735  -5.622  10.062  1.00 0.00 ? 18 DT  B C2     2 
ATOM   1447 O O2     . DT  B 2 4  ? -5.003  -6.663  9.467   1.00 0.00 ? 18 DT  B O2     2 
ATOM   1448 N N3     . DT  B 2 4  ? -5.335  -4.425  9.691   1.00 0.00 ? 18 DT  B N3     2 
ATOM   1449 C C4     . DT  B 2 4  ? -5.119  -3.188  10.283  1.00 0.00 ? 18 DT  B C4     2 
ATOM   1450 O O4     . DT  B 2 4  ? -5.719  -2.195  9.882   1.00 0.00 ? 18 DT  B O4     2 
ATOM   1451 C C5     . DT  B 2 4  ? -4.166  -3.202  11.374  1.00 0.00 ? 18 DT  B C5     2 
ATOM   1452 C C7     . DT  B 2 4  ? -3.851  -1.914  12.110  1.00 0.00 ? 18 DT  B C7     2 
ATOM   1453 C C6     . DT  B 2 4  ? -3.571  -4.358  11.753  1.00 0.00 ? 18 DT  B C6     2 
ATOM   1454 H "H5'"  . DT  B 2 4  ? -2.953  -7.532  15.575  1.00 0.00 ? 18 DT  B "H5'"  2 
ATOM   1455 H "H5''" . DT  B 2 4  ? -1.281  -8.084  15.343  1.00 0.00 ? 18 DT  B "H5''" 2 
ATOM   1456 H "H4'"  . DT  B 2 4  ? -2.815  -8.799  13.516  1.00 0.00 ? 18 DT  B "H4'"  2 
ATOM   1457 H "H3'"  . DT  B 2 4  ? -0.317  -7.302  13.071  1.00 0.00 ? 18 DT  B "H3'"  2 
ATOM   1458 H "H2'"  . DT  B 2 4  ? -1.280  -5.792  11.678  1.00 0.00 ? 18 DT  B "H2'"  2 
ATOM   1459 H "H2''" . DT  B 2 4  ? -1.382  -7.086  10.473  1.00 0.00 ? 18 DT  B "H2''" 2 
ATOM   1460 H "H1'"  . DT  B 2 4  ? -3.592  -7.707  11.161  1.00 0.00 ? 18 DT  B "H1'"  2 
ATOM   1461 H H3     . DT  B 2 4  ? -6.010  -4.467  8.937   1.00 0.00 ? 18 DT  B H3     2 
ATOM   1462 H H71    . DT  B 2 4  ? -2.884  -1.979  12.609  1.00 0.00 ? 18 DT  B H71    2 
ATOM   1463 H H72    . DT  B 2 4  ? -3.824  -1.082  11.406  1.00 0.00 ? 18 DT  B H72    2 
ATOM   1464 H H73    . DT  B 2 4  ? -4.625  -1.724  12.854  1.00 0.00 ? 18 DT  B H73    2 
ATOM   1465 H H6     . DT  B 2 4  ? -2.867  -4.343  12.570  1.00 0.00 ? 18 DT  B H6     2 
ATOM   1466 P P      . DT  B 2 5  ? 0.251   -9.379  11.058  1.00 0.00 ? 19 DT  B P      2 
ATOM   1467 O OP1    . DT  B 2 5  ? 0.715   -10.764 11.291  1.00 0.00 ? 19 DT  B OP1    2 
ATOM   1468 O OP2    . DT  B 2 5  ? 1.228   -8.267  11.043  1.00 0.00 ? 19 DT  B OP2    2 
ATOM   1469 O "O5'"  . DT  B 2 5  ? -0.577  -9.348  9.676   1.00 0.00 ? 19 DT  B "O5'"  2 
ATOM   1470 C "C5'"  . DT  B 2 5  ? -1.640  -10.253 9.443   1.00 0.00 ? 19 DT  B "C5'"  2 
ATOM   1471 C "C4'"  . DT  B 2 5  ? -2.351  -9.902  8.136   1.00 0.00 ? 19 DT  B "C4'"  2 
ATOM   1472 O "O4'"  . DT  B 2 5  ? -2.863  -8.583  8.202   1.00 0.00 ? 19 DT  B "O4'"  2 
ATOM   1473 C "C3'"  . DT  B 2 5  ? -1.429  -9.986  6.910   1.00 0.00 ? 19 DT  B "C3'"  2 
ATOM   1474 O "O3'"  . DT  B 2 5  ? -1.924  -10.993 6.044   1.00 0.00 ? 19 DT  B "O3'"  2 
ATOM   1475 C "C2'"  . DT  B 2 5  ? -1.513  -8.573  6.328   1.00 0.00 ? 19 DT  B "C2'"  2 
ATOM   1476 C "C1'"  . DT  B 2 5  ? -2.830  -8.047  6.897   1.00 0.00 ? 19 DT  B "C1'"  2 
ATOM   1477 N N1     . DT  B 2 5  ? -2.872  -6.558  6.957   1.00 0.00 ? 19 DT  B N1     2 
ATOM   1478 C C2     . DT  B 2 5  ? -3.847  -5.871  6.229   1.00 0.00 ? 19 DT  B C2     2 
ATOM   1479 O O2     . DT  B 2 5  ? -4.633  -6.421  5.461   1.00 0.00 ? 19 DT  B O2     2 
ATOM   1480 N N3     . DT  B 2 5  ? -3.891  -4.494  6.409   1.00 0.00 ? 19 DT  B N3     2 
ATOM   1481 C C4     . DT  B 2 5  ? -3.054  -3.754  7.234   1.00 0.00 ? 19 DT  B C4     2 
ATOM   1482 O O4     . DT  B 2 5  ? -3.198  -2.540  7.337   1.00 0.00 ? 19 DT  B O4     2 
ATOM   1483 C C5     . DT  B 2 5  ? -2.052  -4.536  7.931   1.00 0.00 ? 19 DT  B C5     2 
ATOM   1484 C C7     . DT  B 2 5  ? -1.068  -3.842  8.853   1.00 0.00 ? 19 DT  B C7     2 
ATOM   1485 C C6     . DT  B 2 5  ? -1.999  -5.882  7.776   1.00 0.00 ? 19 DT  B C6     2 
ATOM   1486 H "H5'"  . DT  B 2 5  ? -2.366  -10.192 10.254  1.00 0.00 ? 19 DT  B "H5'"  2 
ATOM   1487 H "H5''" . DT  B 2 5  ? -1.255  -11.272 9.384   1.00 0.00 ? 19 DT  B "H5''" 2 
ATOM   1488 H "H4'"  . DT  B 2 5  ? -3.195  -10.582 8.005   1.00 0.00 ? 19 DT  B "H4'"  2 
ATOM   1489 H "H3'"  . DT  B 2 5  ? -0.403  -10.216 7.197   1.00 0.00 ? 19 DT  B "H3'"  2 
ATOM   1490 H "H2'"  . DT  B 2 5  ? -0.669  -8.004  6.717   1.00 0.00 ? 19 DT  B "H2'"  2 
ATOM   1491 H "H2''" . DT  B 2 5  ? -1.500  -8.540  5.242   1.00 0.00 ? 19 DT  B "H2''" 2 
ATOM   1492 H "H1'"  . DT  B 2 5  ? -3.655  -8.476  6.328   1.00 0.00 ? 19 DT  B "H1'"  2 
ATOM   1493 H H3     . DT  B 2 5  ? -4.615  -3.987  5.913   1.00 0.00 ? 19 DT  B H3     2 
ATOM   1494 H H71    . DT  B 2 5  ? -0.164  -4.439  8.975   1.00 0.00 ? 19 DT  B H71    2 
ATOM   1495 H H72    . DT  B 2 5  ? -0.790  -2.873  8.434   1.00 0.00 ? 19 DT  B H72    2 
ATOM   1496 H H73    . DT  B 2 5  ? -1.529  -3.688  9.827   1.00 0.00 ? 19 DT  B H73    2 
ATOM   1497 H H6     . DT  B 2 5  ? -1.249  -6.442  8.311   1.00 0.00 ? 19 DT  B H6     2 
ATOM   1498 P P      . DT  B 2 6  ? -1.216  -11.369 4.641   1.00 0.00 ? 20 DT  B P      2 
ATOM   1499 O OP1    . DT  B 2 6  ? -1.526  -12.782 4.329   1.00 0.00 ? 20 DT  B OP1    2 
ATOM   1500 O OP2    . DT  B 2 6  ? 0.193   -10.917 4.683   1.00 0.00 ? 20 DT  B OP2    2 
ATOM   1501 O "O5'"  . DT  B 2 6  ? -2.017  -10.434 3.602   1.00 0.00 ? 20 DT  B "O5'"  2 
ATOM   1502 C "C5'"  . DT  B 2 6  ? -3.398  -10.625 3.364   1.00 0.00 ? 20 DT  B "C5'"  2 
ATOM   1503 C "C4'"  . DT  B 2 6  ? -3.920  -9.541  2.420   1.00 0.00 ? 20 DT  B "C4'"  2 
ATOM   1504 O "O4'"  . DT  B 2 6  ? -3.766  -8.269  3.022   1.00 0.00 ? 20 DT  B "O4'"  2 
ATOM   1505 C "C3'"  . DT  B 2 6  ? -3.184  -9.515  1.070   1.00 0.00 ? 20 DT  B "C3'"  2 
ATOM   1506 O "O3'"  . DT  B 2 6  ? -4.122  -9.751  0.031   1.00 0.00 ? 20 DT  B "O3'"  2 
ATOM   1507 C "C2'"  . DT  B 2 6  ? -2.592  -8.105  1.045   1.00 0.00 ? 20 DT  B "C2'"  2 
ATOM   1508 C "C1'"  . DT  B 2 6  ? -3.517  -7.342  1.988   1.00 0.00 ? 20 DT  B "C1'"  2 
ATOM   1509 N N1     . DT  B 2 6  ? -2.904  -6.103  2.544   1.00 0.00 ? 20 DT  B N1     2 
ATOM   1510 C C2     . DT  B 2 6  ? -3.570  -4.885  2.384   1.00 0.00 ? 20 DT  B C2     2 
ATOM   1511 O O2     . DT  B 2 6  ? -4.602  -4.759  1.729   1.00 0.00 ? 20 DT  B O2     2 
ATOM   1512 N N3     . DT  B 2 6  ? -3.001  -3.782  3.010   1.00 0.00 ? 20 DT  B N3     2 
ATOM   1513 C C4     . DT  B 2 6  ? -1.820  -3.784  3.744   1.00 0.00 ? 20 DT  B C4     2 
ATOM   1514 O O4     . DT  B 2 6  ? -1.388  -2.740  4.221   1.00 0.00 ? 20 DT  B O4     2 
ATOM   1515 C C5     . DT  B 2 6  ? -1.196  -5.088  3.875   1.00 0.00 ? 20 DT  B C5     2 
ATOM   1516 C C7     . DT  B 2 6  ? 0.083   -5.245  4.675   1.00 0.00 ? 20 DT  B C7     2 
ATOM   1517 C C6     . DT  B 2 6  ? -1.748  -6.177  3.287   1.00 0.00 ? 20 DT  B C6     2 
ATOM   1518 H "H5'"  . DT  B 2 6  ? -3.952  -10.564 4.302   1.00 0.00 ? 20 DT  B "H5'"  2 
ATOM   1519 H "H5''" . DT  B 2 6  ? -3.567  -11.604 2.914   1.00 0.00 ? 20 DT  B "H5''" 2 
ATOM   1520 H "H4'"  . DT  B 2 6  ? -4.986  -9.707  2.252   1.00 0.00 ? 20 DT  B "H4'"  2 
ATOM   1521 H "H3'"  . DT  B 2 6  ? -2.392  -10.266 1.027   1.00 0.00 ? 20 DT  B "H3'"  2 
ATOM   1522 H "H2'"  . DT  B 2 6  ? -1.578  -8.161  1.440   1.00 0.00 ? 20 DT  B "H2'"  2 
ATOM   1523 H "H2''" . DT  B 2 6  ? -2.573  -7.661  0.054   1.00 0.00 ? 20 DT  B "H2''" 2 
ATOM   1524 H "H1'"  . DT  B 2 6  ? -4.455  -7.153  1.464   1.00 0.00 ? 20 DT  B "H1'"  2 
ATOM   1525 H H3     . DT  B 2 6  ? -3.482  -2.897  2.907   1.00 0.00 ? 20 DT  B H3     2 
ATOM   1526 H H71    . DT  B 2 6  ? 0.853   -5.695  4.048   1.00 0.00 ? 20 DT  B H71    2 
ATOM   1527 H H72    . DT  B 2 6  ? 0.444   -4.280  5.033   1.00 0.00 ? 20 DT  B H72    2 
ATOM   1528 H H73    . DT  B 2 6  ? -0.099  -5.890  5.534   1.00 0.00 ? 20 DT  B H73    2 
ATOM   1529 H H6     . DT  B 2 6  ? -1.265  -7.133  3.415   1.00 0.00 ? 20 DT  B H6     2 
ATOM   1530 P P      . DA  B 2 7  ? -3.712  -9.787  -1.534  1.00 0.00 ? 21 DA  B P      2 
ATOM   1531 O OP1    . DA  B 2 7  ? -4.571  -10.782 -2.215  1.00 0.00 ? 21 DA  B OP1    2 
ATOM   1532 O OP2    . DA  B 2 7  ? -2.240  -9.892  -1.642  1.00 0.00 ? 21 DA  B OP2    2 
ATOM   1533 O "O5'"  . DA  B 2 7  ? -4.150  -8.319  -2.034  1.00 0.00 ? 21 DA  B "O5'"  2 
ATOM   1534 C "C5'"  . DA  B 2 7  ? -5.503  -7.907  -1.995  1.00 0.00 ? 21 DA  B "C5'"  2 
ATOM   1535 C "C4'"  . DA  B 2 7  ? -5.641  -6.438  -2.403  1.00 0.00 ? 21 DA  B "C4'"  2 
ATOM   1536 O "O4'"  . DA  B 2 7  ? -4.770  -5.657  -1.601  1.00 0.00 ? 21 DA  B "O4'"  2 
ATOM   1537 C "C3'"  . DA  B 2 7  ? -5.289  -6.188  -3.874  1.00 0.00 ? 21 DA  B "C3'"  2 
ATOM   1538 O "O3'"  . DA  B 2 7  ? -6.158  -5.186  -4.372  1.00 0.00 ? 21 DA  B "O3'"  2 
ATOM   1539 C "C2'"  . DA  B 2 7  ? -3.839  -5.719  -3.783  1.00 0.00 ? 21 DA  B "C2'"  2 
ATOM   1540 C "C1'"  . DA  B 2 7  ? -3.816  -5.016  -2.427  1.00 0.00 ? 21 DA  B "C1'"  2 
ATOM   1541 N N9     . DA  B 2 7  ? -2.492  -5.043  -1.759  1.00 0.00 ? 21 DA  B N9     2 
ATOM   1542 C C8     . DA  B 2 7  ? -1.527  -6.024  -1.751  1.00 0.00 ? 21 DA  B C8     2 
ATOM   1543 N N7     . DA  B 2 7  ? -0.521  -5.785  -0.955  1.00 0.00 ? 21 DA  B N7     2 
ATOM   1544 C C5     . DA  B 2 7  ? -0.833  -4.554  -0.395  1.00 0.00 ? 21 DA  B C5     2 
ATOM   1545 C C6     . DA  B 2 7  ? -0.185  -3.736  0.556   1.00 0.00 ? 21 DA  B C6     2 
ATOM   1546 N N6     . DA  B 2 7  ? 0.969   -4.073  1.142   1.00 0.00 ? 21 DA  B N6     2 
ATOM   1547 N N1     . DA  B 2 7  ? -0.771  -2.576  0.908   1.00 0.00 ? 21 DA  B N1     2 
ATOM   1548 C C2     . DA  B 2 7  ? -1.936  -2.255  0.354   1.00 0.00 ? 21 DA  B C2     2 
ATOM   1549 N N3     . DA  B 2 7  ? -2.649  -2.931  -0.539  1.00 0.00 ? 21 DA  B N3     2 
ATOM   1550 C C4     . DA  B 2 7  ? -2.031  -4.092  -0.881  1.00 0.00 ? 21 DA  B C4     2 
ATOM   1551 H "H5'"  . DA  B 2 7  ? -5.884  -8.012  -0.978  1.00 0.00 ? 21 DA  B "H5'"  2 
ATOM   1552 H "H5''" . DA  B 2 7  ? -6.104  -8.527  -2.661  1.00 0.00 ? 21 DA  B "H5''" 2 
ATOM   1553 H "H4'"  . DA  B 2 7  ? -6.672  -6.137  -2.215  1.00 0.00 ? 21 DA  B "H4'"  2 
ATOM   1554 H "H3'"  . DA  B 2 7  ? -5.384  -7.098  -4.468  1.00 0.00 ? 21 DA  B "H3'"  2 
ATOM   1555 H "H2'"  . DA  B 2 7  ? -3.202  -6.601  -3.795  1.00 0.00 ? 21 DA  B "H2'"  2 
ATOM   1556 H "H2''" . DA  B 2 7  ? -3.546  -5.047  -4.590  1.00 0.00 ? 21 DA  B "H2''" 2 
ATOM   1557 H "H1'"  . DA  B 2 7  ? -4.141  -3.985  -2.577  1.00 0.00 ? 21 DA  B "H1'"  2 
ATOM   1558 H H8     . DA  B 2 7  ? -1.591  -6.937  -2.323  1.00 0.00 ? 21 DA  B H8     2 
ATOM   1559 H H61    . DA  B 2 7  ? 1.385   -3.458  1.827   1.00 0.00 ? 21 DA  B H61    2 
ATOM   1560 H H62    . DA  B 2 7  ? 1.412   -4.948  0.902   1.00 0.00 ? 21 DA  B H62    2 
ATOM   1561 H H2     . DA  B 2 7  ? -2.375  -1.333  0.682   1.00 0.00 ? 21 DA  B H2     2 
ATOM   1562 P P      . DG  B 2 8  ? -6.189  -4.747  -5.927  1.00 0.00 ? 22 DG  B P      2 
ATOM   1563 O OP1    . DG  B 2 8  ? -7.593  -4.788  -6.394  1.00 0.00 ? 22 DG  B OP1    2 
ATOM   1564 O OP2    . DG  B 2 8  ? -5.148  -5.500  -6.663  1.00 0.00 ? 22 DG  B OP2    2 
ATOM   1565 O "O5'"  . DG  B 2 8  ? -5.727  -3.208  -5.836  1.00 0.00 ? 22 DG  B "O5'"  2 
ATOM   1566 C "C5'"  . DG  B 2 8  ? -6.561  -2.234  -5.236  1.00 0.00 ? 22 DG  B "C5'"  2 
ATOM   1567 C "C4'"  . DG  B 2 8  ? -5.852  -0.880  -5.208  1.00 0.00 ? 22 DG  B "C4'"  2 
ATOM   1568 O "O4'"  . DG  B 2 8  ? -4.663  -0.974  -4.447  1.00 0.00 ? 22 DG  B "O4'"  2 
ATOM   1569 C "C3'"  . DG  B 2 8  ? -5.477  -0.365  -6.607  1.00 0.00 ? 22 DG  B "C3'"  2 
ATOM   1570 O "O3'"  . DG  B 2 8  ? -6.192  0.837   -6.838  1.00 0.00 ? 22 DG  B "O3'"  2 
ATOM   1571 C "C2'"  . DG  B 2 8  ? -3.960  -0.190  -6.503  1.00 0.00 ? 22 DG  B "C2'"  2 
ATOM   1572 C "C1'"  . DG  B 2 8  ? -3.733  -0.072  -5.000  1.00 0.00 ? 22 DG  B "C1'"  2 
ATOM   1573 N N9     . DG  B 2 8  ? -2.363  -0.474  -4.610  1.00 0.00 ? 22 DG  B N9     2 
ATOM   1574 C C8     . DG  B 2 8  ? -1.763  -1.699  -4.764  1.00 0.00 ? 22 DG  B C8     2 
ATOM   1575 N N7     . DG  B 2 8  ? -0.571  -1.781  -4.248  1.00 0.00 ? 22 DG  B N7     2 
ATOM   1576 C C5     . DG  B 2 8  ? -0.359  -0.520  -3.702  1.00 0.00 ? 22 DG  B C5     2 
ATOM   1577 C C6     . DG  B 2 8  ? 0.759   -0.017  -2.973  1.00 0.00 ? 22 DG  B C6     2 
ATOM   1578 O O6     . DG  B 2 8  ? 1.801   -0.603  -2.696  1.00 0.00 ? 22 DG  B O6     2 
ATOM   1579 N N1     . DG  B 2 8  ? 0.572   1.298   -2.552  1.00 0.00 ? 22 DG  B N1     2 
ATOM   1580 C C2     . DG  B 2 8  ? -0.559  2.047   -2.815  1.00 0.00 ? 22 DG  B C2     2 
ATOM   1581 N N2     . DG  B 2 8  ? -0.590  3.294   -2.336  1.00 0.00 ? 22 DG  B N2     2 
ATOM   1582 N N3     . DG  B 2 8  ? -1.609  1.579   -3.510  1.00 0.00 ? 22 DG  B N3     2 
ATOM   1583 C C4     . DG  B 2 8  ? -1.450  0.290   -3.920  1.00 0.00 ? 22 DG  B C4     2 
ATOM   1584 H "H5'"  . DG  B 2 8  ? -6.795  -2.525  -4.211  1.00 0.00 ? 22 DG  B "H5'"  2 
ATOM   1585 H "H5''" . DG  B 2 8  ? -7.489  -2.137  -5.800  1.00 0.00 ? 22 DG  B "H5''" 2 
ATOM   1586 H "H4'"  . DG  B 2 8  ? -6.503  -0.156  -4.716  1.00 0.00 ? 22 DG  B "H4'"  2 
ATOM   1587 H "H3'"  . DG  B 2 8  ? -5.720  -1.089  -7.388  1.00 0.00 ? 22 DG  B "H3'"  2 
ATOM   1588 H "H2'"  . DG  B 2 8  ? -3.486  -1.095  -6.883  1.00 0.00 ? 22 DG  B "H2'"  2 
ATOM   1589 H "H2''" . DG  B 2 8  ? -3.574  0.675   -7.038  1.00 0.00 ? 22 DG  B "H2''" 2 
ATOM   1590 H "H1'"  . DG  B 2 8  ? -3.968  0.943   -4.673  1.00 0.00 ? 22 DG  B "H1'"  2 
ATOM   1591 H H8     . DG  B 2 8  ? -2.241  -2.531  -5.262  1.00 0.00 ? 22 DG  B H8     2 
ATOM   1592 H H1     . DG  B 2 8  ? 1.305   1.705   -1.983  1.00 0.00 ? 22 DG  B H1     2 
ATOM   1593 H H21    . DG  B 2 8  ? 0.182   3.649   -1.788  1.00 0.00 ? 22 DG  B H21    2 
ATOM   1594 H H22    . DG  B 2 8  ? -1.390  3.881   -2.519  1.00 0.00 ? 22 DG  B H22    2 
ATOM   1595 P P      . DA  B 2 9  ? -5.984  1.757   -8.148  1.00 0.00 ? 23 DA  B P      2 
ATOM   1596 O OP1    . DA  B 2 9  ? -7.290  2.352   -8.512  1.00 0.00 ? 23 DA  B OP1    2 
ATOM   1597 O OP2    . DA  B 2 9  ? -5.211  0.998   -9.157  1.00 0.00 ? 23 DA  B OP2    2 
ATOM   1598 O "O5'"  . DA  B 2 9  ? -5.044  2.924   -7.556  1.00 0.00 ? 23 DA  B "O5'"  2 
ATOM   1599 C "C5'"  . DA  B 2 9  ? -5.503  3.758   -6.508  1.00 0.00 ? 23 DA  B "C5'"  2 
ATOM   1600 C "C4'"  . DA  B 2 9  ? -4.418  4.751   -6.095  1.00 0.00 ? 23 DA  B "C4'"  2 
ATOM   1601 O "O4'"  . DA  B 2 9  ? -3.272  4.048   -5.643  1.00 0.00 ? 23 DA  B "O4'"  2 
ATOM   1602 C "C3'"  . DA  B 2 9  ? -4.000  5.674   -7.248  1.00 0.00 ? 23 DA  B "C3'"  2 
ATOM   1603 O "O3'"  . DA  B 2 9  ? -4.074  7.008   -6.776  1.00 0.00 ? 23 DA  B "O3'"  2 
ATOM   1604 C "C2'"  . DA  B 2 9  ? -2.585  5.184   -7.551  1.00 0.00 ? 23 DA  B "C2'"  2 
ATOM   1605 C "C1'"  . DA  B 2 9  ? -2.120  4.647   -6.200  1.00 0.00 ? 23 DA  B "C1'"  2 
ATOM   1606 N N9     . DA  B 2 9  ? -1.066  3.617   -6.345  1.00 0.00 ? 23 DA  B N9     2 
ATOM   1607 C C8     . DA  B 2 9  ? -1.131  2.446   -7.060  1.00 0.00 ? 23 DA  B C8     2 
ATOM   1608 N N7     . DA  B 2 9  ? -0.107  1.658   -6.899  1.00 0.00 ? 23 DA  B N7     2 
ATOM   1609 C C5     . DA  B 2 9  ? 0.703   2.357   -6.017  1.00 0.00 ? 23 DA  B C5     2 
ATOM   1610 C C6     . DA  B 2 9  ? 1.933   2.044   -5.407  1.00 0.00 ? 23 DA  B C6     2 
ATOM   1611 N N6     . DA  B 2 9  ? 2.540   0.872   -5.607  1.00 0.00 ? 23 DA  B N6     2 
ATOM   1612 N N1     . DA  B 2 9  ? 2.480   2.939   -4.559  1.00 0.00 ? 23 DA  B N1     2 
ATOM   1613 C C2     . DA  B 2 9  ? 1.835   4.081   -4.332  1.00 0.00 ? 23 DA  B C2     2 
ATOM   1614 N N3     . DA  B 2 9  ? 0.672   4.492   -4.838  1.00 0.00 ? 23 DA  B N3     2 
ATOM   1615 C C4     . DA  B 2 9  ? 0.141   3.565   -5.684  1.00 0.00 ? 23 DA  B C4     2 
ATOM   1616 H "H5'"  . DA  B 2 9  ? -5.766  3.153   -5.640  1.00 0.00 ? 23 DA  B "H5'"  2 
ATOM   1617 H "H5''" . DA  B 2 9  ? -6.386  4.311   -6.832  1.00 0.00 ? 23 DA  B "H5''" 2 
ATOM   1618 H "H4'"  . DA  B 2 9  ? -4.804  5.348   -5.265  1.00 0.00 ? 23 DA  B "H4'"  2 
ATOM   1619 H "H3'"  . DA  B 2 9  ? -4.645  5.560   -8.120  1.00 0.00 ? 23 DA  B "H3'"  2 
ATOM   1620 H "H2'"  . DA  B 2 9  ? -2.661  4.374   -8.276  1.00 0.00 ? 23 DA  B "H2'"  2 
ATOM   1621 H "H2''" . DA  B 2 9  ? -1.922  5.952   -7.941  1.00 0.00 ? 23 DA  B "H2''" 2 
ATOM   1622 H "H1'"  . DA  B 2 9  ? -1.796  5.475   -5.567  1.00 0.00 ? 23 DA  B "H1'"  2 
ATOM   1623 H H8     . DA  B 2 9  ? -1.965  2.190   -7.695  1.00 0.00 ? 23 DA  B H8     2 
ATOM   1624 H H61    . DA  B 2 9  ? 3.417   0.668   -5.151  1.00 0.00 ? 23 DA  B H61    2 
ATOM   1625 H H62    . DA  B 2 9  ? 2.119   0.194   -6.225  1.00 0.00 ? 23 DA  B H62    2 
ATOM   1626 H H2     . DA  B 2 9  ? 2.316   4.764   -3.646  1.00 0.00 ? 23 DA  B H2     2 
ATOM   1627 P P      . DC  B 2 10 ? -3.559  8.282   -7.622  1.00 0.00 ? 24 DC  B P      2 
ATOM   1628 O OP1    . DC  B 2 10 ? -4.410  9.444   -7.283  1.00 0.00 ? 24 DC  B OP1    2 
ATOM   1629 O OP2    . DC  B 2 10 ? -3.379  7.886   -9.037  1.00 0.00 ? 24 DC  B OP2    2 
ATOM   1630 O "O5'"  . DC  B 2 10 ? -2.108  8.506   -6.961  1.00 0.00 ? 24 DC  B "O5'"  2 
ATOM   1631 C "C5'"  . DC  B 2 10 ? -1.982  8.810   -5.584  1.00 0.00 ? 24 DC  B "C5'"  2 
ATOM   1632 C "C4'"  . DC  B 2 10 ? -0.507  8.913   -5.199  1.00 0.00 ? 24 DC  B "C4'"  2 
ATOM   1633 O "O4'"  . DC  B 2 10 ? 0.141   7.680   -5.453  1.00 0.00 ? 24 DC  B "O4'"  2 
ATOM   1634 C "C3'"  . DC  B 2 10 ? 0.220   10.009  -5.990  1.00 0.00 ? 24 DC  B "C3'"  2 
ATOM   1635 O "O3'"  . DC  B 2 10 ? 0.772   10.933  -5.067  1.00 0.00 ? 24 DC  B "O3'"  2 
ATOM   1636 C "C2'"  . DC  B 2 10 ? 1.260   9.215   -6.780  1.00 0.00 ? 24 DC  B "C2'"  2 
ATOM   1637 C "C1'"  . DC  B 2 10 ? 1.439   7.950   -5.942  1.00 0.00 ? 24 DC  B "C1'"  2 
ATOM   1638 N N1     . DC  B 2 10 ? 1.912   6.788   -6.748  1.00 0.00 ? 24 DC  B N1     2 
ATOM   1639 C C2     . DC  B 2 10 ? 3.109   6.145   -6.410  1.00 0.00 ? 24 DC  B C2     2 
ATOM   1640 O O2     . DC  B 2 10 ? 3.846   6.575   -5.525  1.00 0.00 ? 24 DC  B O2     2 
ATOM   1641 N N3     . DC  B 2 10 ? 3.446   5.003   -7.079  1.00 0.00 ? 24 DC  B N3     2 
ATOM   1642 C C4     . DC  B 2 10 ? 2.658   4.505   -8.044  1.00 0.00 ? 24 DC  B C4     2 
ATOM   1643 N N4     . DC  B 2 10 ? 3.006   3.361   -8.639  1.00 0.00 ? 24 DC  B N4     2 
ATOM   1644 C C5     . DC  B 2 10 ? 1.437   5.157   -8.420  1.00 0.00 ? 24 DC  B C5     2 
ATOM   1645 C C6     . DC  B 2 10 ? 1.113   6.283   -7.744  1.00 0.00 ? 24 DC  B C6     2 
ATOM   1646 H "H5'"  . DC  B 2 10 ? -2.442  8.025   -4.982  1.00 0.00 ? 24 DC  B "H5'"  2 
ATOM   1647 H "H5''" . DC  B 2 10 ? -2.475  9.758   -5.365  1.00 0.00 ? 24 DC  B "H5''" 2 
ATOM   1648 H "H4'"  . DC  B 2 10 ? -0.437  9.121   -4.130  1.00 0.00 ? 24 DC  B "H4'"  2 
ATOM   1649 H "H3'"  . DC  B 2 10 ? -0.456  10.534  -6.667  1.00 0.00 ? 24 DC  B "H3'"  2 
ATOM   1650 H "H2'"  . DC  B 2 10 ? 0.827   8.979   -7.752  1.00 0.00 ? 24 DC  B "H2'"  2 
ATOM   1651 H "H2''" . DC  B 2 10 ? 2.197   9.745   -6.924  1.00 0.00 ? 24 DC  B "H2''" 2 
ATOM   1652 H "H1'"  . DC  B 2 10 ? 2.083   8.180   -5.092  1.00 0.00 ? 24 DC  B "H1'"  2 
ATOM   1653 H H41    . DC  B 2 10 ? 3.838   2.873   -8.335  1.00 0.00 ? 24 DC  B H41    2 
ATOM   1654 H H42    . DC  B 2 10 ? 2.415   2.957   -9.349  1.00 0.00 ? 24 DC  B H42    2 
ATOM   1655 H H5     . DC  B 2 10 ? 0.776   4.789   -9.191  1.00 0.00 ? 24 DC  B H5     2 
ATOM   1656 H H6     . DC  B 2 10 ? 0.192   6.789   -7.992  1.00 0.00 ? 24 DC  B H6     2 
ATOM   1657 P P      . DT  B 2 11 ? 1.655   12.205  -5.523  1.00 0.00 ? 25 DT  B P      2 
ATOM   1658 O OP1    . DT  B 2 11 ? 1.494   13.272  -4.510  1.00 0.00 ? 25 DT  B OP1    2 
ATOM   1659 O OP2    . DT  B 2 11 ? 1.383   12.493  -6.949  1.00 0.00 ? 25 DT  B OP2    2 
ATOM   1660 O "O5'"  . DT  B 2 11 ? 3.145   11.610  -5.401  1.00 0.00 ? 25 DT  B "O5'"  2 
ATOM   1661 C "C5'"  . DT  B 2 11 ? 3.670   11.219  -4.147  1.00 0.00 ? 25 DT  B "C5'"  2 
ATOM   1662 C "C4'"  . DT  B 2 11 ? 5.045   10.580  -4.335  1.00 0.00 ? 25 DT  B "C4'"  2 
ATOM   1663 O "O4'"  . DT  B 2 11 ? 4.934   9.414   -5.133  1.00 0.00 ? 25 DT  B "O4'"  2 
ATOM   1664 C "C3'"  . DT  B 2 11 ? 6.048   11.521  -5.021  1.00 0.00 ? 25 DT  B "C3'"  2 
ATOM   1665 O "O3'"  . DT  B 2 11 ? 7.130   11.754  -4.135  1.00 0.00 ? 25 DT  B "O3'"  2 
ATOM   1666 C "C2'"  . DT  B 2 11 ? 6.433   10.736  -6.277  1.00 0.00 ? 25 DT  B "C2'"  2 
ATOM   1667 C "C1'"  . DT  B 2 11 ? 6.127   9.294   -5.876  1.00 0.00 ? 25 DT  B "C1'"  2 
ATOM   1668 N N1     . DT  B 2 11 ? 5.922   8.395   -7.047  1.00 0.00 ? 25 DT  B N1     2 
ATOM   1669 C C2     . DT  B 2 11 ? 6.736   7.269   -7.196  1.00 0.00 ? 25 DT  B C2     2 
ATOM   1670 O O2     . DT  B 2 11 ? 7.683   7.017   -6.455  1.00 0.00 ? 25 DT  B O2     2 
ATOM   1671 N N3     . DT  B 2 11 ? 6.432   6.423   -8.254  1.00 0.00 ? 25 DT  B N3     2 
ATOM   1672 C C4     . DT  B 2 11 ? 5.412   6.608   -9.177  1.00 0.00 ? 25 DT  B C4     2 
ATOM   1673 O O4     . DT  B 2 11 ? 5.249   5.805   -10.091 1.00 0.00 ? 25 DT  B O4     2 
ATOM   1674 C C5     . DT  B 2 11 ? 4.607   7.792   -8.952  1.00 0.00 ? 25 DT  B C5     2 
ATOM   1675 C C7     . DT  B 2 11 ? 3.447   8.095   -9.881  1.00 0.00 ? 25 DT  B C7     2 
ATOM   1676 C C6     . DT  B 2 11 ? 4.884   8.628   -7.921  1.00 0.00 ? 25 DT  B C6     2 
ATOM   1677 H "H5'"  . DT  B 2 11 ? 3.011   10.490  -3.674  1.00 0.00 ? 25 DT  B "H5'"  2 
ATOM   1678 H "H5''" . DT  B 2 11 ? 3.763   12.088  -3.496  1.00 0.00 ? 25 DT  B "H5''" 2 
ATOM   1679 H "H4'"  . DT  B 2 11 ? 5.430   10.283  -3.358  1.00 0.00 ? 25 DT  B "H4'"  2 
ATOM   1680 H "H3'"  . DT  B 2 11 ? 5.588   12.473  -5.294  1.00 0.00 ? 25 DT  B "H3'"  2 
ATOM   1681 H "H2'"  . DT  B 2 11 ? 5.779   11.061  -7.086  1.00 0.00 ? 25 DT  B "H2'"  2 
ATOM   1682 H "H2''" . DT  B 2 11 ? 7.469   10.866  -6.574  1.00 0.00 ? 25 DT  B "H2''" 2 
ATOM   1683 H "H1'"  . DT  B 2 11 ? 6.915   8.946   -5.206  1.00 0.00 ? 25 DT  B "H1'"  2 
ATOM   1684 H H3     . DT  B 2 11 ? 7.001   5.592   -8.356  1.00 0.00 ? 25 DT  B H3     2 
ATOM   1685 H H71    . DT  B 2 11 ? 3.812   8.638   -10.753 1.00 0.00 ? 25 DT  B H71    2 
ATOM   1686 H H72    . DT  B 2 11 ? 2.982   7.165   -10.211 1.00 0.00 ? 25 DT  B H72    2 
ATOM   1687 H H73    . DT  B 2 11 ? 2.693   8.698   -9.375  1.00 0.00 ? 25 DT  B H73    2 
ATOM   1688 H H6     . DT  B 2 11 ? 4.269   9.502   -7.775  1.00 0.00 ? 25 DT  B H6     2 
ATOM   1689 P P      . DT  B 2 12 ? 8.404   12.666  -4.528  1.00 0.00 ? 26 DT  B P      2 
ATOM   1690 O OP1    . DT  B 2 12 ? 8.961   13.249  -3.289  1.00 0.00 ? 26 DT  B OP1    2 
ATOM   1691 O OP2    . DT  B 2 12 ? 8.031   13.551  -5.655  1.00 0.00 ? 26 DT  B OP2    2 
ATOM   1692 O "O5'"  . DT  B 2 12 ? 9.439   11.560  -5.076  1.00 0.00 ? 26 DT  B "O5'"  2 
ATOM   1693 C "C5'"  . DT  B 2 12 ? 9.959   10.563  -4.218  1.00 0.00 ? 26 DT  B "C5'"  2 
ATOM   1694 C "C4'"  . DT  B 2 12 ? 10.778  9.554   -5.023  1.00 0.00 ? 26 DT  B "C4'"  2 
ATOM   1695 O "O4'"  . DT  B 2 12 ? 9.956   8.939   -5.997  1.00 0.00 ? 26 DT  B "O4'"  2 
ATOM   1696 C "C3'"  . DT  B 2 12 ? 11.969  10.192  -5.755  1.00 0.00 ? 26 DT  B "C3'"  2 
ATOM   1697 O "O3'"  . DT  B 2 12 ? 13.171  9.626   -5.256  1.00 0.00 ? 26 DT  B "O3'"  2 
ATOM   1698 C "C2'"  . DT  B 2 12 ? 11.696  9.833   -7.216  1.00 0.00 ? 26 DT  B "C2'"  2 
ATOM   1699 C "C1'"  . DT  B 2 12 ? 10.779  8.619   -7.098  1.00 0.00 ? 26 DT  B "C1'"  2 
ATOM   1700 N N1     . DT  B 2 12 ? 9.953   8.395   -8.318  1.00 0.00 ? 26 DT  B N1     2 
ATOM   1701 C C2     . DT  B 2 12 ? 10.075  7.188   -9.011  1.00 0.00 ? 26 DT  B C2     2 
ATOM   1702 O O2     . DT  B 2 12 ? 10.900  6.324   -8.725  1.00 0.00 ? 26 DT  B O2     2 
ATOM   1703 N N3     . DT  B 2 12 ? 9.203   7.001   -10.076 1.00 0.00 ? 26 DT  B N3     2 
ATOM   1704 C C4     . DT  B 2 12 ? 8.257   7.911   -10.526 1.00 0.00 ? 26 DT  B C4     2 
ATOM   1705 O O4     . DT  B 2 12 ? 7.550   7.642   -11.494 1.00 0.00 ? 26 DT  B O4     2 
ATOM   1706 C C5     . DT  B 2 12 ? 8.198   9.140   -9.761  1.00 0.00 ? 26 DT  B C5     2 
ATOM   1707 C C7     . DT  B 2 12 ? 7.196   10.214  -10.143 1.00 0.00 ? 26 DT  B C7     2 
ATOM   1708 C C6     . DT  B 2 12 ? 9.030   9.338   -8.708  1.00 0.00 ? 26 DT  B C6     2 
ATOM   1709 H "H5'"  . DT  B 2 12 ? 9.143   10.030  -3.726  1.00 0.00 ? 26 DT  B "H5'"  2 
ATOM   1710 H "H5''" . DT  B 2 12 ? 10.593  11.021  -3.457  1.00 0.00 ? 26 DT  B "H5''" 2 
ATOM   1711 H "H4'"  . DT  B 2 12 ? 11.139  8.778   -4.346  1.00 0.00 ? 26 DT  B "H4'"  2 
ATOM   1712 H "H3'"  . DT  B 2 12 ? 11.989  11.275  -5.624  1.00 0.00 ? 26 DT  B "H3'"  2 
ATOM   1713 H "H2'"  . DT  B 2 12 ? 11.180  10.671  -7.683  1.00 0.00 ? 26 DT  B "H2'"  2 
ATOM   1714 H "H2''" . DT  B 2 12 ? 12.595  9.600   -7.776  1.00 0.00 ? 26 DT  B "H2''" 2 
ATOM   1715 H "H1'"  . DT  B 2 12 ? 11.384  7.752   -6.830  1.00 0.00 ? 26 DT  B "H1'"  2 
ATOM   1716 H H3     . DT  B 2 12 ? 9.269   6.118   -10.568 1.00 0.00 ? 26 DT  B H3     2 
ATOM   1717 H H71    . DT  B 2 12 ? 7.633   10.858  -10.906 1.00 0.00 ? 26 DT  B H71    2 
ATOM   1718 H H72    . DT  B 2 12 ? 6.289   9.757   -10.539 1.00 0.00 ? 26 DT  B H72    2 
ATOM   1719 H H73    . DT  B 2 12 ? 6.929   10.818  -9.276  1.00 0.00 ? 26 DT  B H73    2 
ATOM   1720 H H6     . DT  B 2 12 ? 8.964   10.262  -8.155  1.00 0.00 ? 26 DT  B H6     2 
ATOM   1721 P P      . DG  B 2 13 ? 14.633  10.056  -5.796  1.00 0.00 ? 27 DG  B P      2 
ATOM   1722 O OP1    . DG  B 2 13 ? 15.583  9.997   -4.662  1.00 0.00 ? 27 DG  B OP1    2 
ATOM   1723 O OP2    . DG  B 2 13 ? 14.505  11.304  -6.582  1.00 0.00 ? 27 DG  B OP2    2 
ATOM   1724 O "O5'"  . DG  B 2 13 ? 14.989  8.858   -6.815  1.00 0.00 ? 27 DG  B "O5'"  2 
ATOM   1725 C "C5'"  . DG  B 2 13 ? 15.204  7.540   -6.345  1.00 0.00 ? 27 DG  B "C5'"  2 
ATOM   1726 C "C4'"  . DG  B 2 13 ? 15.505  6.589   -7.509  1.00 0.00 ? 27 DG  B "C4'"  2 
ATOM   1727 O "O4'"  . DG  B 2 13 ? 14.394  6.566   -8.394  1.00 0.00 ? 27 DG  B "O4'"  2 
ATOM   1728 C "C3'"  . DG  B 2 13 ? 16.742  7.009   -8.316  1.00 0.00 ? 27 DG  B "C3'"  2 
ATOM   1729 O "O3'"  . DG  B 2 13 ? 17.452  5.834   -8.672  1.00 0.00 ? 27 DG  B "O3'"  2 
ATOM   1730 C "C2'"  . DG  B 2 13 ? 16.100  7.679   -9.527  1.00 0.00 ? 27 DG  B "C2'"  2 
ATOM   1731 C "C1'"  . DG  B 2 13 ? 14.857  6.809   -9.706  1.00 0.00 ? 27 DG  B "C1'"  2 
ATOM   1732 N N9     . DG  B 2 13 ? 13.785  7.459   -10.495 1.00 0.00 ? 27 DG  B N9     2 
ATOM   1733 C C8     . DG  B 2 13 ? 13.277  8.728   -10.370 1.00 0.00 ? 27 DG  B C8     2 
ATOM   1734 N N7     . DG  B 2 13 ? 12.230  8.964   -11.107 1.00 0.00 ? 27 DG  B N7     2 
ATOM   1735 C C5     . DG  B 2 13 ? 12.034  7.772   -11.793 1.00 0.00 ? 27 DG  B C5     2 
ATOM   1736 C C6     . DG  B 2 13 ? 11.027  7.416   -12.737 1.00 0.00 ? 27 DG  B C6     2 
ATOM   1737 O O6     . DG  B 2 13 ? 10.066  8.087   -13.100 1.00 0.00 ? 27 DG  B O6     2 
ATOM   1738 N N1     . DG  B 2 13 ? 11.215  6.139   -13.260 1.00 0.00 ? 27 DG  B N1     2 
ATOM   1739 C C2     . DG  B 2 13 ? 12.237  5.287   -12.888 1.00 0.00 ? 27 DG  B C2     2 
ATOM   1740 N N2     . DG  B 2 13 ? 12.298  4.106   -13.509 1.00 0.00 ? 27 DG  B N2     2 
ATOM   1741 N N3     . DG  B 2 13 ? 13.153  5.599   -11.956 1.00 0.00 ? 27 DG  B N3     2 
ATOM   1742 C C4     . DG  B 2 13 ? 12.999  6.852   -11.449 1.00 0.00 ? 27 DG  B C4     2 
ATOM   1743 H "H5'"  . DG  B 2 13 ? 14.314  7.186   -5.824  1.00 0.00 ? 27 DG  B "H5'"  2 
ATOM   1744 H "H5''" . DG  B 2 13 ? 16.047  7.526   -5.654  1.00 0.00 ? 27 DG  B "H5''" 2 
ATOM   1745 H "H4'"  . DG  B 2 13 ? 15.652  5.590   -7.097  1.00 0.00 ? 27 DG  B "H4'"  2 
ATOM   1746 H "H3'"  . DG  B 2 13 ? 17.382  7.693   -7.757  1.00 0.00 ? 27 DG  B "H3'"  2 
ATOM   1747 H "H2'"  . DG  B 2 13 ? 15.833  8.703   -9.268  1.00 0.00 ? 27 DG  B "H2'"  2 
ATOM   1748 H "H2''" . DG  B 2 13 ? 16.740  7.681   -10.405 1.00 0.00 ? 27 DG  B "H2''" 2 
ATOM   1749 H "H1'"  . DG  B 2 13 ? 15.152  5.862   -10.160 1.00 0.00 ? 27 DG  B "H1'"  2 
ATOM   1750 H H8     . DG  B 2 13 ? 13.698  9.471   -9.710  1.00 0.00 ? 27 DG  B H8     2 
ATOM   1751 H H1     . DG  B 2 13 ? 10.544  5.816   -13.946 1.00 0.00 ? 27 DG  B H1     2 
ATOM   1752 H H21    . DG  B 2 13 ? 11.599  3.852   -14.194 1.00 0.00 ? 27 DG  B H21    2 
ATOM   1753 H H22    . DG  B 2 13 ? 13.027  3.451   -13.267 1.00 0.00 ? 27 DG  B H22    2 
ATOM   1754 P P      . DC  B 2 14 ? 18.909  5.855   -9.377  1.00 0.00 ? 28 DC  B P      2 
ATOM   1755 O OP1    . DC  B 2 14 ? 19.875  5.186   -8.477  1.00 0.00 ? 28 DC  B OP1    2 
ATOM   1756 O OP2    . DC  B 2 14 ? 19.190  7.219   -9.876  1.00 0.00 ? 28 DC  B OP2    2 
ATOM   1757 O "O5'"  . DC  B 2 14 ? 18.658  4.901   -10.652 1.00 0.00 ? 28 DC  B "O5'"  2 
ATOM   1758 C "C5'"  . DC  B 2 14 ? 18.393  3.520   -10.496 1.00 0.00 ? 28 DC  B "C5'"  2 
ATOM   1759 C "C4'"  . DC  B 2 14 ? 17.885  2.926   -11.814 1.00 0.00 ? 28 DC  B "C4'"  2 
ATOM   1760 O "O4'"  . DC  B 2 14 ? 16.723  3.640   -12.207 1.00 0.00 ? 28 DC  B "O4'"  2 
ATOM   1761 C "C3'"  . DC  B 2 14 ? 18.910  3.036   -12.950 1.00 0.00 ? 28 DC  B "C3'"  2 
ATOM   1762 O "O3'"  . DC  B 2 14 ? 18.900  1.856   -13.727 1.00 0.00 ? 28 DC  B "O3'"  2 
ATOM   1763 C "C2'"  . DC  B 2 14 ? 18.379  4.199   -13.777 1.00 0.00 ? 28 DC  B "C2'"  2 
ATOM   1764 C "C1'"  . DC  B 2 14 ? 16.872  4.064   -13.548 1.00 0.00 ? 28 DC  B "C1'"  2 
ATOM   1765 N N1     . DC  B 2 14 ? 16.144  5.346   -13.766 1.00 0.00 ? 28 DC  B N1     2 
ATOM   1766 C C2     . DC  B 2 14 ? 15.128  5.408   -14.725 1.00 0.00 ? 28 DC  B C2     2 
ATOM   1767 O O2     . DC  B 2 14 ? 14.827  4.427   -15.402 1.00 0.00 ? 28 DC  B O2     2 
ATOM   1768 N N3     . DC  B 2 14 ? 14.466  6.590   -14.899 1.00 0.00 ? 28 DC  B N3     2 
ATOM   1769 C C4     . DC  B 2 14 ? 14.779  7.674   -14.172 1.00 0.00 ? 28 DC  B C4     2 
ATOM   1770 N N4     . DC  B 2 14 ? 14.097  8.806   -14.362 1.00 0.00 ? 28 DC  B N4     2 
ATOM   1771 C C5     . DC  B 2 14 ? 15.814  7.632   -13.182 1.00 0.00 ? 28 DC  B C5     2 
ATOM   1772 C C6     . DC  B 2 14 ? 16.454  6.453   -13.013 1.00 0.00 ? 28 DC  B C6     2 
ATOM   1773 H "H5'"  . DC  B 2 14 ? 17.619  3.373   -9.741  1.00 0.00 ? 28 DC  B "H5'"  2 
ATOM   1774 H "H5''" . DC  B 2 14 ? 19.298  3.000   -10.180 1.00 0.00 ? 28 DC  B "H5''" 2 
ATOM   1775 H "H4'"  . DC  B 2 14 ? 17.630  1.879   -11.645 1.00 0.00 ? 28 DC  B "H4'"  2 
ATOM   1776 H "H3'"  . DC  B 2 14 ? 19.921  3.226   -12.585 1.00 0.00 ? 28 DC  B "H3'"  2 
ATOM   1777 H "HO3'" . DC  B 2 14 ? 19.507  1.969   -14.461 1.00 0.00 ? 28 DC  B "HO3'" 2 
ATOM   1778 H "H2'"  . DC  B 2 14 ? 18.773  5.128   -13.367 1.00 0.00 ? 28 DC  B "H2'"  2 
ATOM   1779 H "H2''" . DC  B 2 14 ? 18.645  4.117   -14.831 1.00 0.00 ? 28 DC  B "H2''" 2 
ATOM   1780 H "H1'"  . DC  B 2 14 ? 16.512  3.253   -14.182 1.00 0.00 ? 28 DC  B "H1'"  2 
ATOM   1781 H H41    . DC  B 2 14 ? 13.344  8.835   -15.036 1.00 0.00 ? 28 DC  B H41    2 
ATOM   1782 H H42    . DC  B 2 14 ? 14.304  9.620   -13.804 1.00 0.00 ? 28 DC  B H42    2 
ATOM   1783 H H5     . DC  B 2 14 ? 16.089  8.484   -12.576 1.00 0.00 ? 28 DC  B H5     2 
ATOM   1784 H H6     . DC  B 2 14 ? 17.232  6.387   -12.268 1.00 0.00 ? 28 DC  B H6     2 
# 
